data_8FJY
# 
_entry.id   8FJY 
# 
_audit_conform.dict_name       mmcif_pdbx.dic 
_audit_conform.dict_version    5.379 
_audit_conform.dict_location   http://mmcif.pdb.org/dictionaries/ascii/mmcif_pdbx.dic 
# 
loop_
_database_2.database_id 
_database_2.database_code 
_database_2.pdbx_database_accession 
_database_2.pdbx_DOI 
PDB   8FJY         pdb_00008fjy 10.2210/pdb8fjy/pdb 
WWPDB D_1000270497 ?            ?                   
# 
_pdbx_database_status.status_code                     REL 
_pdbx_database_status.status_code_sf                  REL 
_pdbx_database_status.status_code_mr                  ? 
_pdbx_database_status.entry_id                        8FJY 
_pdbx_database_status.recvd_initial_deposition_date   2022-12-20 
_pdbx_database_status.SG_entry                        N 
_pdbx_database_status.deposit_site                    RCSB 
_pdbx_database_status.process_site                    RCSB 
_pdbx_database_status.status_code_cs                  ? 
_pdbx_database_status.status_code_nmr_data            ? 
_pdbx_database_status.methods_development_category    ? 
_pdbx_database_status.pdb_format_compatible           Y 
# 
loop_
_audit_author.name 
_audit_author.pdbx_ordinal 
_audit_author.identifier_ORCID 
'Wong-Roushar, J.' 1 0000-0002-3278-3711 
'Dann III, C.E.'   2 0000-0002-0117-9474 
# 
_citation.abstract                  ? 
_citation.abstract_id_CAS           ? 
_citation.book_id_ISBN              ? 
_citation.book_publisher            ? 
_citation.book_publisher_city       ? 
_citation.book_title                ? 
_citation.coordinate_linkage        ? 
_citation.country                   US 
_citation.database_id_Medline       ? 
_citation.details                   ? 
_citation.id                        primary 
_citation.journal_abbrev            J.Med.Chem. 
_citation.journal_id_ASTM           JMCMAR 
_citation.journal_id_CSD            0151 
_citation.journal_id_ISSN           0022-2623 
_citation.journal_full              ? 
_citation.journal_issue             ? 
_citation.journal_volume            66 
_citation.language                  ? 
_citation.page_first                11294 
_citation.page_last                 11323 
_citation.title                     
'Structure-Based Design of Transport-Specific Multitargeted One-Carbon Metabolism Inhibitors in Cytosol and Mitochondria.' 
_citation.year                      2023 
_citation.database_id_CSD           ? 
_citation.pdbx_database_id_DOI      10.1021/acs.jmedchem.3c00763 
_citation.pdbx_database_id_PubMed   37582241 
_citation.pdbx_database_id_patent   ? 
_citation.unpublished_flag          ? 
# 
loop_
_citation_author.citation_id 
_citation_author.name 
_citation_author.ordinal 
_citation_author.identifier_ORCID 
primary 'Nayeen, M.J.'       1  ?                   
primary 'Katinas, J.M.'      2  ?                   
primary 'Magdum, T.'         3  0009-0004-4710-9975 
primary 'Shah, K.'           4  ?                   
primary 'Wong, J.E.'         5  ?                   
primary 
;O'Connor, C.E.
;
6  ?                   
primary 'Fifer, A.N.'        7  ?                   
primary 'Wallace-Povirk, A.' 8  0000-0002-9562-5892 
primary 'Hou, Z.'            9  0000-0001-5631-5202 
primary 'Matherly, L.H.'     10 0000-0001-6860-8133 
primary 'Dann 3rd, C.E.'     11 ?                   
primary 'Gangjee, A.'        12 0000-0002-5513-7616 
# 
_cell.angle_alpha                  90.00 
_cell.angle_alpha_esd              ? 
_cell.angle_beta                   90.00 
_cell.angle_beta_esd               ? 
_cell.angle_gamma                  120.00 
_cell.angle_gamma_esd              ? 
_cell.entry_id                     8FJY 
_cell.details                      ? 
_cell.formula_units_Z              ? 
_cell.length_a                     75.478 
_cell.length_a_esd                 ? 
_cell.length_b                     75.478 
_cell.length_b_esd                 ? 
_cell.length_c                     100.771 
_cell.length_c_esd                 ? 
_cell.volume                       ? 
_cell.volume_esd                   ? 
_cell.Z_PDB                        6 
_cell.reciprocal_angle_alpha       ? 
_cell.reciprocal_angle_beta        ? 
_cell.reciprocal_angle_gamma       ? 
_cell.reciprocal_angle_alpha_esd   ? 
_cell.reciprocal_angle_beta_esd    ? 
_cell.reciprocal_angle_gamma_esd   ? 
_cell.reciprocal_length_a          ? 
_cell.reciprocal_length_b          ? 
_cell.reciprocal_length_c          ? 
_cell.reciprocal_length_a_esd      ? 
_cell.reciprocal_length_b_esd      ? 
_cell.reciprocal_length_c_esd      ? 
_cell.pdbx_unique_axis             ? 
_cell.pdbx_esd_method              ? 
# 
_symmetry.entry_id                         8FJY 
_symmetry.cell_setting                     ? 
_symmetry.Int_Tables_number                154 
_symmetry.space_group_name_Hall            ? 
_symmetry.space_group_name_H-M             'P 32 2 1' 
_symmetry.pdbx_full_space_group_name_H-M   ? 
# 
loop_
_entity.id 
_entity.type 
_entity.src_method 
_entity.pdbx_description 
_entity.formula_weight 
_entity.pdbx_number_of_molecules 
_entity.pdbx_ec 
_entity.pdbx_mutation 
_entity.pdbx_fragment 
_entity.details 
1 polymer     man 'Trifunctional purine biosynthetic protein adenosine-3'                                              22810.139 1 
6.3.4.13,6.3.3.1,2.1.2.2 ? 'UNP residues 808-1010' ? 
2 non-polymer syn 'GLYCINAMIDE RIBONUCLEOTIDE'                                                                         284.160   1 
?                        ? ?                       ? 
3 non-polymer syn 'N-{4-[3-(2-amino-4-oxo-3,4-dihydro-5H-pyrrolo[3,2-d]pyrimidin-5-yl)propyl]benzoyl}-L-glutamic acid' 441.437   1 
?                        ? ?                       ? 
4 water       nat water                                                                                                18.015    
15 ?                        ? ?                       ? 
# 
_entity_poly.entity_id                      1 
_entity_poly.type                           'polypeptide(L)' 
_entity_poly.nstd_linkage                   no 
_entity_poly.nstd_monomer                   no 
_entity_poly.pdbx_seq_one_letter_code       
;MARVAVLISGTGSNLQALIDSTREPNSSAQIDIVISNKAAVAGLDKAERAGIPTRVINHKLYKNRVEFDSAIDLVLEEFS
IDIVCLAGFMRILSGPFVQKWNGKMLNIHPSLLPSFKGSNAHEQALETGVTVTGCTVHFVAEDVDAGQIILQEAVPVKRG
DTVATLSERVKLAEHKIFPAALQLVASGTVQLGENGKICWVKEEHHHHHH
;
_entity_poly.pdbx_seq_one_letter_code_can   
;MARVAVLISGTGSNLQALIDSTREPNSSAQIDIVISNKAAVAGLDKAERAGIPTRVINHKLYKNRVEFDSAIDLVLEEFS
IDIVCLAGFMRILSGPFVQKWNGKMLNIHPSLLPSFKGSNAHEQALETGVTVTGCTVHFVAEDVDAGQIILQEAVPVKRG
DTVATLSERVKLAEHKIFPAALQLVASGTVQLGENGKICWVKEEHHHHHH
;
_entity_poly.pdbx_strand_id                 A 
_entity_poly.pdbx_target_identifier         ? 
# 
loop_
_entity_poly_seq.entity_id 
_entity_poly_seq.num 
_entity_poly_seq.mon_id 
_entity_poly_seq.hetero 
1 1   MET n 
1 2   ALA n 
1 3   ARG n 
1 4   VAL n 
1 5   ALA n 
1 6   VAL n 
1 7   LEU n 
1 8   ILE n 
1 9   SER n 
1 10  GLY n 
1 11  THR n 
1 12  GLY n 
1 13  SER n 
1 14  ASN n 
1 15  LEU n 
1 16  GLN n 
1 17  ALA n 
1 18  LEU n 
1 19  ILE n 
1 20  ASP n 
1 21  SER n 
1 22  THR n 
1 23  ARG n 
1 24  GLU n 
1 25  PRO n 
1 26  ASN n 
1 27  SER n 
1 28  SER n 
1 29  ALA n 
1 30  GLN n 
1 31  ILE n 
1 32  ASP n 
1 33  ILE n 
1 34  VAL n 
1 35  ILE n 
1 36  SER n 
1 37  ASN n 
1 38  LYS n 
1 39  ALA n 
1 40  ALA n 
1 41  VAL n 
1 42  ALA n 
1 43  GLY n 
1 44  LEU n 
1 45  ASP n 
1 46  LYS n 
1 47  ALA n 
1 48  GLU n 
1 49  ARG n 
1 50  ALA n 
1 51  GLY n 
1 52  ILE n 
1 53  PRO n 
1 54  THR n 
1 55  ARG n 
1 56  VAL n 
1 57  ILE n 
1 58  ASN n 
1 59  HIS n 
1 60  LYS n 
1 61  LEU n 
1 62  TYR n 
1 63  LYS n 
1 64  ASN n 
1 65  ARG n 
1 66  VAL n 
1 67  GLU n 
1 68  PHE n 
1 69  ASP n 
1 70  SER n 
1 71  ALA n 
1 72  ILE n 
1 73  ASP n 
1 74  LEU n 
1 75  VAL n 
1 76  LEU n 
1 77  GLU n 
1 78  GLU n 
1 79  PHE n 
1 80  SER n 
1 81  ILE n 
1 82  ASP n 
1 83  ILE n 
1 84  VAL n 
1 85  CYS n 
1 86  LEU n 
1 87  ALA n 
1 88  GLY n 
1 89  PHE n 
1 90  MET n 
1 91  ARG n 
1 92  ILE n 
1 93  LEU n 
1 94  SER n 
1 95  GLY n 
1 96  PRO n 
1 97  PHE n 
1 98  VAL n 
1 99  GLN n 
1 100 LYS n 
1 101 TRP n 
1 102 ASN n 
1 103 GLY n 
1 104 LYS n 
1 105 MET n 
1 106 LEU n 
1 107 ASN n 
1 108 ILE n 
1 109 HIS n 
1 110 PRO n 
1 111 SER n 
1 112 LEU n 
1 113 LEU n 
1 114 PRO n 
1 115 SER n 
1 116 PHE n 
1 117 LYS n 
1 118 GLY n 
1 119 SER n 
1 120 ASN n 
1 121 ALA n 
1 122 HIS n 
1 123 GLU n 
1 124 GLN n 
1 125 ALA n 
1 126 LEU n 
1 127 GLU n 
1 128 THR n 
1 129 GLY n 
1 130 VAL n 
1 131 THR n 
1 132 VAL n 
1 133 THR n 
1 134 GLY n 
1 135 CYS n 
1 136 THR n 
1 137 VAL n 
1 138 HIS n 
1 139 PHE n 
1 140 VAL n 
1 141 ALA n 
1 142 GLU n 
1 143 ASP n 
1 144 VAL n 
1 145 ASP n 
1 146 ALA n 
1 147 GLY n 
1 148 GLN n 
1 149 ILE n 
1 150 ILE n 
1 151 LEU n 
1 152 GLN n 
1 153 GLU n 
1 154 ALA n 
1 155 VAL n 
1 156 PRO n 
1 157 VAL n 
1 158 LYS n 
1 159 ARG n 
1 160 GLY n 
1 161 ASP n 
1 162 THR n 
1 163 VAL n 
1 164 ALA n 
1 165 THR n 
1 166 LEU n 
1 167 SER n 
1 168 GLU n 
1 169 ARG n 
1 170 VAL n 
1 171 LYS n 
1 172 LEU n 
1 173 ALA n 
1 174 GLU n 
1 175 HIS n 
1 176 LYS n 
1 177 ILE n 
1 178 PHE n 
1 179 PRO n 
1 180 ALA n 
1 181 ALA n 
1 182 LEU n 
1 183 GLN n 
1 184 LEU n 
1 185 VAL n 
1 186 ALA n 
1 187 SER n 
1 188 GLY n 
1 189 THR n 
1 190 VAL n 
1 191 GLN n 
1 192 LEU n 
1 193 GLY n 
1 194 GLU n 
1 195 ASN n 
1 196 GLY n 
1 197 LYS n 
1 198 ILE n 
1 199 CYS n 
1 200 TRP n 
1 201 VAL n 
1 202 LYS n 
1 203 GLU n 
1 204 GLU n 
1 205 HIS n 
1 206 HIS n 
1 207 HIS n 
1 208 HIS n 
1 209 HIS n 
1 210 HIS n 
# 
_entity_src_gen.entity_id                          1 
_entity_src_gen.pdbx_src_id                        1 
_entity_src_gen.pdbx_alt_source_flag               sample 
_entity_src_gen.pdbx_seq_type                      'Biological sequence' 
_entity_src_gen.pdbx_beg_seq_num                   1 
_entity_src_gen.pdbx_end_seq_num                   210 
_entity_src_gen.gene_src_common_name               human 
_entity_src_gen.gene_src_genus                     ? 
_entity_src_gen.pdbx_gene_src_gene                 'GART, PGFT, PRGS' 
_entity_src_gen.gene_src_species                   ? 
_entity_src_gen.gene_src_strain                    ? 
_entity_src_gen.gene_src_tissue                    ? 
_entity_src_gen.gene_src_tissue_fraction           ? 
_entity_src_gen.gene_src_details                   ? 
_entity_src_gen.pdbx_gene_src_fragment             ? 
_entity_src_gen.pdbx_gene_src_scientific_name      'Homo sapiens' 
_entity_src_gen.pdbx_gene_src_ncbi_taxonomy_id     9606 
_entity_src_gen.pdbx_gene_src_variant              ? 
_entity_src_gen.pdbx_gene_src_cell_line            ? 
_entity_src_gen.pdbx_gene_src_atcc                 ? 
_entity_src_gen.pdbx_gene_src_organ                ? 
_entity_src_gen.pdbx_gene_src_organelle            ? 
_entity_src_gen.pdbx_gene_src_cell                 ? 
_entity_src_gen.pdbx_gene_src_cellular_location    ? 
_entity_src_gen.host_org_common_name               ? 
_entity_src_gen.pdbx_host_org_scientific_name      'Escherichia coli BL21(DE3)' 
_entity_src_gen.pdbx_host_org_ncbi_taxonomy_id     469008 
_entity_src_gen.host_org_genus                     ? 
_entity_src_gen.pdbx_host_org_gene                 ? 
_entity_src_gen.pdbx_host_org_organ                ? 
_entity_src_gen.host_org_species                   ? 
_entity_src_gen.pdbx_host_org_tissue               ? 
_entity_src_gen.pdbx_host_org_tissue_fraction      ? 
_entity_src_gen.pdbx_host_org_strain               ? 
_entity_src_gen.pdbx_host_org_variant              ? 
_entity_src_gen.pdbx_host_org_cell_line            ? 
_entity_src_gen.pdbx_host_org_atcc                 ? 
_entity_src_gen.pdbx_host_org_culture_collection   ? 
_entity_src_gen.pdbx_host_org_cell                 ? 
_entity_src_gen.pdbx_host_org_organelle            ? 
_entity_src_gen.pdbx_host_org_cellular_location    ? 
_entity_src_gen.pdbx_host_org_vector_type          ? 
_entity_src_gen.pdbx_host_org_vector               ? 
_entity_src_gen.host_org_details                   ? 
_entity_src_gen.expression_system_id               ? 
_entity_src_gen.plasmid_name                       ? 
_entity_src_gen.plasmid_details                    ? 
_entity_src_gen.pdbx_description                   ? 
# 
_struct_ref.id                         1 
_struct_ref.db_name                    UNP 
_struct_ref.db_code                    PUR2_HUMAN 
_struct_ref.pdbx_db_accession          P22102 
_struct_ref.pdbx_db_isoform            ? 
_struct_ref.entity_id                  1 
_struct_ref.pdbx_seq_one_letter_code   
;ARVAVLISGTGSNLQALIDSTREPNSSAQIDIVISNKAAVAGLDKAERAGIPTRVINHKLYKNRVEFDSAIDLVLEEFSI
DIVCLAGFMRILSGPFVQKWNGKMLNIHPSLLPSFKGSNAHEQALETGVTVTGCTVHFVAEDVDAGQIILQEAVPVKRGD
TVATLSERVKLAEHKIFPAALQLVASGTVQLGENGKICWVKEE
;
_struct_ref.pdbx_align_begin           808 
# 
_struct_ref_seq.align_id                      1 
_struct_ref_seq.ref_id                        1 
_struct_ref_seq.pdbx_PDB_id_code              8FJY 
_struct_ref_seq.pdbx_strand_id                A 
_struct_ref_seq.seq_align_beg                 2 
_struct_ref_seq.pdbx_seq_align_beg_ins_code   ? 
_struct_ref_seq.seq_align_end                 204 
_struct_ref_seq.pdbx_seq_align_end_ins_code   ? 
_struct_ref_seq.pdbx_db_accession             P22102 
_struct_ref_seq.db_align_beg                  808 
_struct_ref_seq.pdbx_db_align_beg_ins_code    ? 
_struct_ref_seq.db_align_end                  1010 
_struct_ref_seq.pdbx_db_align_end_ins_code    ? 
_struct_ref_seq.pdbx_auth_seq_align_beg       808 
_struct_ref_seq.pdbx_auth_seq_align_end       1010 
# 
loop_
_struct_ref_seq_dif.align_id 
_struct_ref_seq_dif.pdbx_pdb_id_code 
_struct_ref_seq_dif.mon_id 
_struct_ref_seq_dif.pdbx_pdb_strand_id 
_struct_ref_seq_dif.seq_num 
_struct_ref_seq_dif.pdbx_pdb_ins_code 
_struct_ref_seq_dif.pdbx_seq_db_name 
_struct_ref_seq_dif.pdbx_seq_db_accession_code 
_struct_ref_seq_dif.db_mon_id 
_struct_ref_seq_dif.pdbx_seq_db_seq_num 
_struct_ref_seq_dif.details 
_struct_ref_seq_dif.pdbx_auth_seq_num 
_struct_ref_seq_dif.pdbx_ordinal 
1 8FJY MET A 1   ? UNP P22102 ? ? 'initiating methionine' 807  1 
1 8FJY HIS A 205 ? UNP P22102 ? ? 'expression tag'        1011 2 
1 8FJY HIS A 206 ? UNP P22102 ? ? 'expression tag'        1012 3 
1 8FJY HIS A 207 ? UNP P22102 ? ? 'expression tag'        1013 4 
1 8FJY HIS A 208 ? UNP P22102 ? ? 'expression tag'        1014 5 
1 8FJY HIS A 209 ? UNP P22102 ? ? 'expression tag'        1015 6 
1 8FJY HIS A 210 ? UNP P22102 ? ? 'expression tag'        1016 7 
# 
loop_
_chem_comp.id 
_chem_comp.type 
_chem_comp.mon_nstd_flag 
_chem_comp.name 
_chem_comp.pdbx_synonyms 
_chem_comp.formula 
_chem_comp.formula_weight 
ALA 'L-peptide linking' y ALANINE                                                                                              ? 
'C3 H7 N O2'        89.093  
ARG 'L-peptide linking' y ARGININE                                                                                             ? 
'C6 H15 N4 O2 1'    175.209 
ASN 'L-peptide linking' y ASPARAGINE                                                                                           ? 
'C4 H8 N2 O3'       132.118 
ASP 'L-peptide linking' y 'ASPARTIC ACID'                                                                                      ? 
'C4 H7 N O4'        133.103 
CYS 'L-peptide linking' y CYSTEINE                                                                                             ? 
'C3 H7 N O2 S'      121.158 
GAR non-polymer         . 'GLYCINAMIDE RIBONUCLEOTIDE'                                                                         ? 
'C7 H13 N2 O8 P -2' 284.160 
GLN 'L-peptide linking' y GLUTAMINE                                                                                            ? 
'C5 H10 N2 O3'      146.144 
GLU 'L-peptide linking' y 'GLUTAMIC ACID'                                                                                      ? 
'C5 H9 N O4'        147.129 
GLY 'peptide linking'   y GLYCINE                                                                                              ? 
'C2 H5 N O2'        75.067  
HIS 'L-peptide linking' y HISTIDINE                                                                                            ? 
'C6 H10 N3 O2 1'    156.162 
HOH non-polymer         . WATER                                                                                                ? 
'H2 O'              18.015  
ILE 'L-peptide linking' y ISOLEUCINE                                                                                           ? 
'C6 H13 N O2'       131.173 
LEU 'L-peptide linking' y LEUCINE                                                                                              ? 
'C6 H13 N O2'       131.173 
LYS 'L-peptide linking' y LYSINE                                                                                               ? 
'C6 H15 N2 O2 1'    147.195 
MET 'L-peptide linking' y METHIONINE                                                                                           ? 
'C5 H11 N O2 S'     149.211 
PHE 'L-peptide linking' y PHENYLALANINE                                                                                        ? 
'C9 H11 N O2'       165.189 
PRO 'L-peptide linking' y PROLINE                                                                                              ? 
'C5 H9 N O2'        115.130 
SER 'L-peptide linking' y SERINE                                                                                               ? 
'C3 H7 N O3'        105.093 
THR 'L-peptide linking' y THREONINE                                                                                            ? 
'C4 H9 N O3'        119.119 
TRP 'L-peptide linking' y TRYPTOPHAN                                                                                           ? 
'C11 H12 N2 O2'     204.225 
TYR 'L-peptide linking' y TYROSINE                                                                                             ? 
'C9 H11 N O3'       181.189 
VAL 'L-peptide linking' y VALINE                                                                                               ? 
'C5 H11 N O2'       117.146 
Y6U non-polymer         . 'N-{4-[3-(2-amino-4-oxo-3,4-dihydro-5H-pyrrolo[3,2-d]pyrimidin-5-yl)propyl]benzoyl}-L-glutamic acid' ? 
'C21 H23 N5 O6'     441.437 
# 
_exptl.absorpt_coefficient_mu     ? 
_exptl.absorpt_correction_T_max   ? 
_exptl.absorpt_correction_T_min   ? 
_exptl.absorpt_correction_type    ? 
_exptl.absorpt_process_details    ? 
_exptl.entry_id                   8FJY 
_exptl.crystals_number            1 
_exptl.details                    ? 
_exptl.method                     'X-RAY DIFFRACTION' 
_exptl.method_details             ? 
# 
_exptl_crystal.colour                       ? 
_exptl_crystal.density_diffrn               ? 
_exptl_crystal.density_Matthews             3.63 
_exptl_crystal.density_method               ? 
_exptl_crystal.density_percent_sol          66.14 
_exptl_crystal.description                  ? 
_exptl_crystal.F_000                        ? 
_exptl_crystal.id                           1 
_exptl_crystal.preparation                  ? 
_exptl_crystal.size_max                     ? 
_exptl_crystal.size_mid                     ? 
_exptl_crystal.size_min                     ? 
_exptl_crystal.size_rad                     ? 
_exptl_crystal.colour_lustre                ? 
_exptl_crystal.colour_modifier              ? 
_exptl_crystal.colour_primary               ? 
_exptl_crystal.density_meas                 ? 
_exptl_crystal.density_meas_esd             ? 
_exptl_crystal.density_meas_gt              ? 
_exptl_crystal.density_meas_lt              ? 
_exptl_crystal.density_meas_temp            ? 
_exptl_crystal.density_meas_temp_esd        ? 
_exptl_crystal.density_meas_temp_gt         ? 
_exptl_crystal.density_meas_temp_lt         ? 
_exptl_crystal.pdbx_crystal_image_url       ? 
_exptl_crystal.pdbx_crystal_image_format    ? 
_exptl_crystal.pdbx_mosaicity               ? 
_exptl_crystal.pdbx_mosaicity_esd           ? 
_exptl_crystal.pdbx_mosaic_method           ? 
_exptl_crystal.pdbx_mosaic_block_size       ? 
_exptl_crystal.pdbx_mosaic_block_size_esd   ? 
# 
_exptl_crystal_grow.apparatus       ? 
_exptl_crystal_grow.atmosphere      ? 
_exptl_crystal_grow.crystal_id      1 
_exptl_crystal_grow.details         ? 
_exptl_crystal_grow.method          'VAPOR DIFFUSION, HANGING DROP' 
_exptl_crystal_grow.method_ref      ? 
_exptl_crystal_grow.pH              7.5 
_exptl_crystal_grow.pressure        ? 
_exptl_crystal_grow.pressure_esd    ? 
_exptl_crystal_grow.seeding         ? 
_exptl_crystal_grow.seeding_ref     ? 
_exptl_crystal_grow.temp_details    ? 
_exptl_crystal_grow.temp_esd        ? 
_exptl_crystal_grow.time            ? 
_exptl_crystal_grow.pdbx_details    '0.1 M Tris (pH 7.5), 0.333 mM NaCl, 20% polyethylene glycol (PEG) 4000, and 2% PEG 400' 
_exptl_crystal_grow.pdbx_pH_range   ? 
_exptl_crystal_grow.temp            277 
# 
_diffrn.ambient_environment              ? 
_diffrn.ambient_temp                     100 
_diffrn.ambient_temp_details             ? 
_diffrn.ambient_temp_esd                 ? 
_diffrn.crystal_id                       1 
_diffrn.crystal_support                  ? 
_diffrn.crystal_treatment                ? 
_diffrn.details                          ? 
_diffrn.id                               1 
_diffrn.ambient_pressure                 ? 
_diffrn.ambient_pressure_esd             ? 
_diffrn.ambient_pressure_gt              ? 
_diffrn.ambient_pressure_lt              ? 
_diffrn.ambient_temp_gt                  ? 
_diffrn.ambient_temp_lt                  ? 
_diffrn.pdbx_serial_crystal_experiment   N 
# 
_diffrn_detector.details                      ? 
_diffrn_detector.detector                     CMOS 
_diffrn_detector.diffrn_id                    1 
_diffrn_detector.type                         'RDI CMOS_8M' 
_diffrn_detector.area_resol_mean              ? 
_diffrn_detector.dtime                        ? 
_diffrn_detector.pdbx_frames_total            ? 
_diffrn_detector.pdbx_collection_time_total   ? 
_diffrn_detector.pdbx_collection_date         2019-03-28 
_diffrn_detector.pdbx_frequency               ? 
# 
_diffrn_radiation.collimation                      ? 
_diffrn_radiation.diffrn_id                        1 
_diffrn_radiation.filter_edge                      ? 
_diffrn_radiation.inhomogeneity                    ? 
_diffrn_radiation.monochromator                    ? 
_diffrn_radiation.polarisn_norm                    ? 
_diffrn_radiation.polarisn_ratio                   ? 
_diffrn_radiation.probe                            ? 
_diffrn_radiation.type                             ? 
_diffrn_radiation.xray_symbol                      ? 
_diffrn_radiation.wavelength_id                    1 
_diffrn_radiation.pdbx_monochromatic_or_laue_m_l   M 
_diffrn_radiation.pdbx_wavelength_list             ? 
_diffrn_radiation.pdbx_wavelength                  ? 
_diffrn_radiation.pdbx_diffrn_protocol             'SINGLE WAVELENGTH' 
_diffrn_radiation.pdbx_analyzer                    ? 
_diffrn_radiation.pdbx_scattering_type             x-ray 
# 
_diffrn_radiation_wavelength.id           1 
_diffrn_radiation_wavelength.wavelength   1.000 
_diffrn_radiation_wavelength.wt           1.0 
# 
_diffrn_source.current                     ? 
_diffrn_source.details                     ? 
_diffrn_source.diffrn_id                   1 
_diffrn_source.power                       ? 
_diffrn_source.size                        ? 
_diffrn_source.source                      SYNCHROTRON 
_diffrn_source.target                      ? 
_diffrn_source.type                        'ALS BEAMLINE 4.2.2' 
_diffrn_source.voltage                     ? 
_diffrn_source.take-off_angle              ? 
_diffrn_source.pdbx_wavelength_list        1.000 
_diffrn_source.pdbx_wavelength             ? 
_diffrn_source.pdbx_synchrotron_beamline   4.2.2 
_diffrn_source.pdbx_synchrotron_site       ALS 
# 
_reflns.B_iso_Wilson_estimate                          ? 
_reflns.entry_id                                       8FJY 
_reflns.data_reduction_details                         ? 
_reflns.data_reduction_method                          ? 
_reflns.d_resolution_high                              2.98 
_reflns.d_resolution_low                               39.9096 
_reflns.details                                        ? 
_reflns.limit_h_max                                    ? 
_reflns.limit_h_min                                    ? 
_reflns.limit_k_max                                    ? 
_reflns.limit_k_min                                    ? 
_reflns.limit_l_max                                    ? 
_reflns.limit_l_min                                    ? 
_reflns.number_all                                     ? 
_reflns.number_obs                                     7148 
_reflns.observed_criterion                             ? 
_reflns.observed_criterion_F_max                       ? 
_reflns.observed_criterion_F_min                       ? 
_reflns.observed_criterion_I_max                       ? 
_reflns.observed_criterion_I_min                       ? 
_reflns.observed_criterion_sigma_F                     ? 
_reflns.observed_criterion_sigma_I                     ? 
_reflns.percent_possible_obs                           100 
_reflns.R_free_details                                 ? 
_reflns.Rmerge_F_all                                   ? 
_reflns.Rmerge_F_obs                                   ? 
_reflns.Friedel_coverage                               ? 
_reflns.number_gt                                      ? 
_reflns.threshold_expression                           ? 
_reflns.pdbx_redundancy                                10.3 
_reflns.pdbx_netI_over_av_sigmaI                       ? 
_reflns.pdbx_netI_over_sigmaI                          5.0 
_reflns.pdbx_res_netI_over_av_sigmaI_2                 ? 
_reflns.pdbx_res_netI_over_sigmaI_2                    ? 
_reflns.pdbx_chi_squared                               ? 
_reflns.pdbx_scaling_rejects                           ? 
_reflns.pdbx_d_res_high_opt                            ? 
_reflns.pdbx_d_res_low_opt                             ? 
_reflns.pdbx_d_res_opt_method                          ? 
_reflns.phase_calculation_details                      ? 
_reflns.pdbx_Rrim_I_all                                0.562 
_reflns.pdbx_Rpim_I_all                                0.174 
_reflns.pdbx_d_opt                                     ? 
_reflns.pdbx_number_measured_all                       ? 
_reflns.pdbx_diffrn_id                                 1 
_reflns.pdbx_ordinal                                   1 
_reflns.pdbx_CC_half                                   0.977 
_reflns.pdbx_CC_star                                   ? 
_reflns.pdbx_R_split                                   ? 
_reflns.pdbx_Rmerge_I_obs                              0.534 
_reflns.pdbx_Rmerge_I_all                              ? 
_reflns.pdbx_Rsym_value                                ? 
_reflns.pdbx_CC_split_method                           ? 
_reflns.pdbx_aniso_diffraction_limit_axis_1_ortho[1]   ? 
_reflns.pdbx_aniso_diffraction_limit_axis_1_ortho[2]   ? 
_reflns.pdbx_aniso_diffraction_limit_axis_1_ortho[3]   ? 
_reflns.pdbx_aniso_diffraction_limit_axis_2_ortho[1]   ? 
_reflns.pdbx_aniso_diffraction_limit_axis_2_ortho[2]   ? 
_reflns.pdbx_aniso_diffraction_limit_axis_2_ortho[3]   ? 
_reflns.pdbx_aniso_diffraction_limit_axis_3_ortho[1]   ? 
_reflns.pdbx_aniso_diffraction_limit_axis_3_ortho[2]   ? 
_reflns.pdbx_aniso_diffraction_limit_axis_3_ortho[3]   ? 
_reflns.pdbx_aniso_diffraction_limit_1                 ? 
_reflns.pdbx_aniso_diffraction_limit_2                 ? 
_reflns.pdbx_aniso_diffraction_limit_3                 ? 
_reflns.pdbx_aniso_B_tensor_eigenvector_1_ortho[1]     ? 
_reflns.pdbx_aniso_B_tensor_eigenvector_1_ortho[2]     ? 
_reflns.pdbx_aniso_B_tensor_eigenvector_1_ortho[3]     ? 
_reflns.pdbx_aniso_B_tensor_eigenvector_2_ortho[1]     ? 
_reflns.pdbx_aniso_B_tensor_eigenvector_2_ortho[2]     ? 
_reflns.pdbx_aniso_B_tensor_eigenvector_2_ortho[3]     ? 
_reflns.pdbx_aniso_B_tensor_eigenvector_3_ortho[1]     ? 
_reflns.pdbx_aniso_B_tensor_eigenvector_3_ortho[2]     ? 
_reflns.pdbx_aniso_B_tensor_eigenvector_3_ortho[3]     ? 
_reflns.pdbx_aniso_B_tensor_eigenvalue_1               ? 
_reflns.pdbx_aniso_B_tensor_eigenvalue_2               ? 
_reflns.pdbx_aniso_B_tensor_eigenvalue_3               ? 
_reflns.pdbx_orthogonalization_convention              ? 
_reflns.pdbx_percent_possible_ellipsoidal              ? 
_reflns.pdbx_percent_possible_spherical                ? 
_reflns.pdbx_percent_possible_ellipsoidal_anomalous    ? 
_reflns.pdbx_percent_possible_spherical_anomalous      ? 
_reflns.pdbx_redundancy_anomalous                      ? 
_reflns.pdbx_CC_half_anomalous                         ? 
_reflns.pdbx_absDiff_over_sigma_anomalous              ? 
_reflns.pdbx_percent_possible_anomalous                ? 
_reflns.pdbx_observed_signal_threshold                 ? 
_reflns.pdbx_signal_type                               ? 
_reflns.pdbx_signal_details                            ? 
_reflns.pdbx_signal_software_id                        ? 
# 
_reflns_shell.d_res_high                                    2.98 
_reflns_shell.d_res_low                                     3.16 
_reflns_shell.meanI_over_sigI_all                           ? 
_reflns_shell.meanI_over_sigI_obs                           ? 
_reflns_shell.number_measured_all                           ? 
_reflns_shell.number_measured_obs                           ? 
_reflns_shell.number_possible                               ? 
_reflns_shell.number_unique_all                             ? 
_reflns_shell.number_unique_obs                             1129 
_reflns_shell.percent_possible_obs                          ? 
_reflns_shell.Rmerge_F_all                                  ? 
_reflns_shell.Rmerge_F_obs                                  ? 
_reflns_shell.meanI_over_sigI_gt                            ? 
_reflns_shell.meanI_over_uI_all                             ? 
_reflns_shell.meanI_over_uI_gt                              ? 
_reflns_shell.number_measured_gt                            ? 
_reflns_shell.number_unique_gt                              ? 
_reflns_shell.percent_possible_gt                           ? 
_reflns_shell.Rmerge_F_gt                                   ? 
_reflns_shell.Rmerge_I_gt                                   ? 
_reflns_shell.pdbx_redundancy                               ? 
_reflns_shell.pdbx_chi_squared                              ? 
_reflns_shell.pdbx_netI_over_sigmaI_all                     ? 
_reflns_shell.pdbx_netI_over_sigmaI_obs                     ? 
_reflns_shell.pdbx_Rrim_I_all                               2.859 
_reflns_shell.pdbx_Rpim_I_all                               0.905 
_reflns_shell.pdbx_rejects                                  ? 
_reflns_shell.pdbx_ordinal                                  1 
_reflns_shell.pdbx_diffrn_id                                1 
_reflns_shell.pdbx_CC_half                                  0.407 
_reflns_shell.pdbx_CC_star                                  ? 
_reflns_shell.pdbx_R_split                                  ? 
_reflns_shell.percent_possible_all                          ? 
_reflns_shell.Rmerge_I_all                                  ? 
_reflns_shell.Rmerge_I_obs                                  2.710 
_reflns_shell.pdbx_Rsym_value                               ? 
_reflns_shell.pdbx_percent_possible_ellipsoidal             ? 
_reflns_shell.pdbx_percent_possible_spherical               ? 
_reflns_shell.pdbx_percent_possible_ellipsoidal_anomalous   ? 
_reflns_shell.pdbx_percent_possible_spherical_anomalous     ? 
_reflns_shell.pdbx_redundancy_anomalous                     ? 
_reflns_shell.pdbx_CC_half_anomalous                        ? 
_reflns_shell.pdbx_absDiff_over_sigma_anomalous             ? 
_reflns_shell.pdbx_percent_possible_anomalous               ? 
# 
_refine.aniso_B[1][1]                            ? 
_refine.aniso_B[1][2]                            ? 
_refine.aniso_B[1][3]                            ? 
_refine.aniso_B[2][2]                            ? 
_refine.aniso_B[2][3]                            ? 
_refine.aniso_B[3][3]                            ? 
_refine.B_iso_max                                ? 
_refine.B_iso_mean                               ? 
_refine.B_iso_min                                ? 
_refine.correlation_coeff_Fo_to_Fc               ? 
_refine.correlation_coeff_Fo_to_Fc_free          ? 
_refine.details                                  ? 
_refine.diff_density_max                         ? 
_refine.diff_density_max_esd                     ? 
_refine.diff_density_min                         ? 
_refine.diff_density_min_esd                     ? 
_refine.diff_density_rms                         ? 
_refine.diff_density_rms_esd                     ? 
_refine.entry_id                                 8FJY 
_refine.pdbx_refine_id                           'X-RAY DIFFRACTION' 
_refine.ls_abs_structure_details                 ? 
_refine.ls_abs_structure_Flack                   ? 
_refine.ls_abs_structure_Flack_esd               ? 
_refine.ls_abs_structure_Rogers                  ? 
_refine.ls_abs_structure_Rogers_esd              ? 
_refine.ls_d_res_high                            2.980 
_refine.ls_d_res_low                             39.9096 
_refine.ls_extinction_coef                       ? 
_refine.ls_extinction_coef_esd                   ? 
_refine.ls_extinction_expression                 ? 
_refine.ls_extinction_method                     ? 
_refine.ls_goodness_of_fit_all                   ? 
_refine.ls_goodness_of_fit_all_esd               ? 
_refine.ls_goodness_of_fit_obs                   ? 
_refine.ls_goodness_of_fit_obs_esd               ? 
_refine.ls_hydrogen_treatment                    ? 
_refine.ls_matrix_type                           ? 
_refine.ls_number_constraints                    ? 
_refine.ls_number_parameters                     ? 
_refine.ls_number_reflns_all                     ? 
_refine.ls_number_reflns_obs                     7082 
_refine.ls_number_reflns_R_free                  368 
_refine.ls_number_reflns_R_work                  ? 
_refine.ls_number_restraints                     ? 
_refine.ls_percent_reflns_obs                    99.38 
_refine.ls_percent_reflns_R_free                 5.20 
_refine.ls_R_factor_all                          ? 
_refine.ls_R_factor_obs                          0.2082 
_refine.ls_R_factor_R_free                       0.2511 
_refine.ls_R_factor_R_free_error                 ? 
_refine.ls_R_factor_R_free_error_details         ? 
_refine.ls_R_factor_R_work                       0.2059 
_refine.ls_R_Fsqd_factor_obs                     ? 
_refine.ls_R_I_factor_obs                        ? 
_refine.ls_redundancy_reflns_all                 ? 
_refine.ls_redundancy_reflns_obs                 ? 
_refine.ls_restrained_S_all                      ? 
_refine.ls_restrained_S_obs                      ? 
_refine.ls_shift_over_esd_max                    ? 
_refine.ls_shift_over_esd_mean                   ? 
_refine.ls_structure_factor_coef                 ? 
_refine.ls_weighting_details                     ? 
_refine.ls_weighting_scheme                      ? 
_refine.ls_wR_factor_all                         ? 
_refine.ls_wR_factor_obs                         ? 
_refine.ls_wR_factor_R_free                      ? 
_refine.ls_wR_factor_R_work                      ? 
_refine.occupancy_max                            ? 
_refine.occupancy_min                            ? 
_refine.solvent_model_details                    'FLAT BULK SOLVENT MODEL' 
_refine.solvent_model_param_bsol                 ? 
_refine.solvent_model_param_ksol                 ? 
_refine.pdbx_R_complete                          ? 
_refine.ls_R_factor_gt                           ? 
_refine.ls_goodness_of_fit_gt                    ? 
_refine.ls_goodness_of_fit_ref                   ? 
_refine.ls_shift_over_su_max                     ? 
_refine.ls_shift_over_su_max_lt                  ? 
_refine.ls_shift_over_su_mean                    ? 
_refine.ls_shift_over_su_mean_lt                 ? 
_refine.pdbx_ls_sigma_I                          ? 
_refine.pdbx_ls_sigma_F                          1.34 
_refine.pdbx_ls_sigma_Fsqd                       ? 
_refine.pdbx_data_cutoff_high_absF               ? 
_refine.pdbx_data_cutoff_high_rms_absF           ? 
_refine.pdbx_data_cutoff_low_absF                ? 
_refine.pdbx_isotropic_thermal_model             ? 
_refine.pdbx_ls_cross_valid_method               THROUGHOUT 
_refine.pdbx_method_to_determine_struct          'MOLECULAR REPLACEMENT' 
_refine.pdbx_starting_model                      ? 
_refine.pdbx_stereochemistry_target_values       ML 
_refine.pdbx_R_Free_selection_details            ? 
_refine.pdbx_stereochem_target_val_spec_case     ? 
_refine.pdbx_overall_ESU_R                       ? 
_refine.pdbx_overall_ESU_R_Free                  ? 
_refine.pdbx_solvent_vdw_probe_radii             1.11 
_refine.pdbx_solvent_ion_probe_radii             ? 
_refine.pdbx_solvent_shrinkage_radii             0.90 
_refine.pdbx_real_space_R                        ? 
_refine.pdbx_density_correlation                 ? 
_refine.pdbx_pd_number_of_powder_patterns        ? 
_refine.pdbx_pd_number_of_points                 ? 
_refine.pdbx_pd_meas_number_of_points            ? 
_refine.pdbx_pd_proc_ls_prof_R_factor            ? 
_refine.pdbx_pd_proc_ls_prof_wR_factor           ? 
_refine.pdbx_pd_Marquardt_correlation_coeff      ? 
_refine.pdbx_pd_Fsqrd_R_factor                   ? 
_refine.pdbx_pd_ls_matrix_band_width             ? 
_refine.pdbx_overall_phase_error                 25.66 
_refine.pdbx_overall_SU_R_free_Cruickshank_DPI   ? 
_refine.pdbx_overall_SU_R_free_Blow_DPI          ? 
_refine.pdbx_overall_SU_R_Blow_DPI               ? 
_refine.pdbx_TLS_residual_ADP_flag               ? 
_refine.pdbx_diffrn_id                           1 
_refine.overall_SU_B                             ? 
_refine.overall_SU_ML                            0.53 
_refine.overall_SU_R_Cruickshank_DPI             ? 
_refine.overall_SU_R_free                        ? 
_refine.overall_FOM_free_R_set                   ? 
_refine.overall_FOM_work_R_set                   ? 
_refine.pdbx_average_fsc_overall                 ? 
_refine.pdbx_average_fsc_work                    ? 
_refine.pdbx_average_fsc_free                    ? 
# 
_refine_hist.pdbx_refine_id                   'X-RAY DIFFRACTION' 
_refine_hist.cycle_id                         LAST 
_refine_hist.details                          ? 
_refine_hist.d_res_high                       2.980 
_refine_hist.d_res_low                        39.9096 
_refine_hist.number_atoms_solvent             15 
_refine_hist.number_atoms_total               1554 
_refine_hist.number_reflns_all                ? 
_refine_hist.number_reflns_obs                ? 
_refine_hist.number_reflns_R_free             ? 
_refine_hist.number_reflns_R_work             ? 
_refine_hist.R_factor_all                     ? 
_refine_hist.R_factor_obs                     ? 
_refine_hist.R_factor_R_free                  ? 
_refine_hist.R_factor_R_work                  ? 
_refine_hist.pdbx_number_residues_total       ? 
_refine_hist.pdbx_B_iso_mean_ligand           ? 
_refine_hist.pdbx_B_iso_mean_solvent          ? 
_refine_hist.pdbx_number_atoms_protein        1489 
_refine_hist.pdbx_number_atoms_nucleic_acid   0 
_refine_hist.pdbx_number_atoms_ligand         50 
_refine_hist.pdbx_number_atoms_lipid          ? 
_refine_hist.pdbx_number_atoms_carb           ? 
_refine_hist.pdbx_pseudo_atom_details         ? 
# 
loop_
_refine_ls_restr.pdbx_refine_id 
_refine_ls_restr.criterion 
_refine_ls_restr.dev_ideal 
_refine_ls_restr.dev_ideal_target 
_refine_ls_restr.number 
_refine_ls_restr.rejects 
_refine_ls_restr.type 
_refine_ls_restr.weight 
_refine_ls_restr.pdbx_restraint_function 
'X-RAY DIFFRACTION' ? 0.008  ? 1564 ? f_bond_d           ? ? 
'X-RAY DIFFRACTION' ? 0.930  ? 2129 ? f_angle_d          ? ? 
'X-RAY DIFFRACTION' ? 12.954 ? 928  ? f_dihedral_angle_d ? ? 
'X-RAY DIFFRACTION' ? 0.050  ? 256  ? f_chiral_restr     ? ? 
'X-RAY DIFFRACTION' ? 0.004  ? 271  ? f_plane_restr      ? ? 
# 
loop_
_refine_ls_shell.pdbx_refine_id 
_refine_ls_shell.d_res_high 
_refine_ls_shell.d_res_low 
_refine_ls_shell.number_reflns_all 
_refine_ls_shell.number_reflns_obs 
_refine_ls_shell.number_reflns_R_free 
_refine_ls_shell.number_reflns_R_work 
_refine_ls_shell.percent_reflns_obs 
_refine_ls_shell.percent_reflns_R_free 
_refine_ls_shell.R_factor_all 
_refine_ls_shell.R_factor_obs 
_refine_ls_shell.R_factor_R_free_error 
_refine_ls_shell.R_factor_R_work 
_refine_ls_shell.redundancy_reflns_all 
_refine_ls_shell.redundancy_reflns_obs 
_refine_ls_shell.wR_factor_all 
_refine_ls_shell.wR_factor_obs 
_refine_ls_shell.wR_factor_R_free 
_refine_ls_shell.wR_factor_R_work 
_refine_ls_shell.pdbx_R_complete 
_refine_ls_shell.pdbx_total_number_of_bins_used 
_refine_ls_shell.pdbx_phase_error 
_refine_ls_shell.pdbx_fsc_work 
_refine_ls_shell.pdbx_fsc_free 
_refine_ls_shell.R_factor_R_free 
'X-RAY DIFFRACTION' 2.9804 3.0869  . . 33  612 95     . . . . 0.3965 . . . . . . . . . . . 0.3541 
'X-RAY DIFFRACTION' 3.0869 3.2105  . . 38  660 100.00 . . . . 0.3352 . . . . . . . . . . . 0.3460 
'X-RAY DIFFRACTION' 3.2105 3.3565  . . 28  668 99     . . . . 0.2658 . . . . . . . . . . . 0.3544 
'X-RAY DIFFRACTION' 3.3565 3.5334  . . 36  680 100    . . . . 0.2484 . . . . . . . . . . . 0.3386 
'X-RAY DIFFRACTION' 3.5334 3.7546  . . 25  680 100    . . . . 0.2274 . . . . . . . . . . . 0.3071 
'X-RAY DIFFRACTION' 3.7546 4.0442  . . 37  668 100    . . . . 0.2065 . . . . . . . . . . . 0.2496 
'X-RAY DIFFRACTION' 4.0442 4.4507  . . 671 671 100    . . . . 0.1544 . . . . . . . . . . . 0.2200 
'X-RAY DIFFRACTION' 4.4507 5.0936  . . 40  668 100    . . . . 0.1558 . . . . . . . . . . . 0.2081 
'X-RAY DIFFRACTION' 5.0936 6.4131  . . 44  679 100    . . . . 0.1765 . . . . . . . . . . . 0.1906 
'X-RAY DIFFRACTION' 6.4131 39.9096 . . 43  740 100    . . . . 0.1767 . . . . . . . . . . . 0.2290 
# 
_struct.entry_id                     8FJY 
_struct.title                        'Human GAR transformylase in complex with GAR substrate and AGF291 inhibitor' 
_struct.pdbx_model_details           ? 
_struct.pdbx_formula_weight          ? 
_struct.pdbx_formula_weight_method   ? 
_struct.pdbx_model_type_details      ? 
_struct.pdbx_CASP_flag               N 
# 
_struct_keywords.entry_id        8FJY 
_struct_keywords.text            'GARFTase, purine biosynthesis, monomer, inhibitor, LIGASE, LIGASE-INHIBITOR complex' 
_struct_keywords.pdbx_keywords   LIGASE/INHIBITOR 
# 
loop_
_struct_asym.id 
_struct_asym.pdbx_blank_PDB_chainid_flag 
_struct_asym.pdbx_modified 
_struct_asym.entity_id 
_struct_asym.details 
A N N 1 ? 
B N N 2 ? 
C N N 3 ? 
D N N 4 ? 
# 
loop_
_struct_conf.conf_type_id 
_struct_conf.id 
_struct_conf.pdbx_PDB_helix_id 
_struct_conf.beg_label_comp_id 
_struct_conf.beg_label_asym_id 
_struct_conf.beg_label_seq_id 
_struct_conf.pdbx_beg_PDB_ins_code 
_struct_conf.end_label_comp_id 
_struct_conf.end_label_asym_id 
_struct_conf.end_label_seq_id 
_struct_conf.pdbx_end_PDB_ins_code 
_struct_conf.beg_auth_comp_id 
_struct_conf.beg_auth_asym_id 
_struct_conf.beg_auth_seq_id 
_struct_conf.end_auth_comp_id 
_struct_conf.end_auth_asym_id 
_struct_conf.end_auth_seq_id 
_struct_conf.pdbx_PDB_helix_class 
_struct_conf.details 
_struct_conf.pdbx_PDB_helix_length 
HELX_P HELX_P1 AA1 GLY A 12  ? ARG A 23  ? GLY A 818 ARG A 829 1 ? 12 
HELX_P HELX_P2 AA2 VAL A 41  ? ALA A 50  ? VAL A 847 ALA A 856 1 ? 10 
HELX_P HELX_P3 AA3 ASN A 58  ? TYR A 62  ? ASN A 864 TYR A 868 5 ? 5  
HELX_P HELX_P4 AA4 ASN A 64  ? PHE A 79  ? ASN A 870 PHE A 885 1 ? 16 
HELX_P HELX_P5 AA5 SER A 94  ? TRP A 101 ? SER A 900 TRP A 907 1 ? 8  
HELX_P HELX_P6 AA6 ASN A 120 ? GLY A 129 ? ASN A 926 GLY A 935 1 ? 10 
HELX_P HELX_P7 AA7 THR A 162 ? SER A 187 ? THR A 968 SER A 993 1 ? 26 
# 
_struct_conf_type.id          HELX_P 
_struct_conf_type.criteria    ? 
_struct_conf_type.reference   ? 
# 
_struct_mon_prot_cis.pdbx_id                1 
_struct_mon_prot_cis.label_comp_id          LEU 
_struct_mon_prot_cis.label_seq_id           113 
_struct_mon_prot_cis.label_asym_id          A 
_struct_mon_prot_cis.label_alt_id           . 
_struct_mon_prot_cis.pdbx_PDB_ins_code      ? 
_struct_mon_prot_cis.auth_comp_id           LEU 
_struct_mon_prot_cis.auth_seq_id            919 
_struct_mon_prot_cis.auth_asym_id           A 
_struct_mon_prot_cis.pdbx_label_comp_id_2   PRO 
_struct_mon_prot_cis.pdbx_label_seq_id_2    114 
_struct_mon_prot_cis.pdbx_label_asym_id_2   A 
_struct_mon_prot_cis.pdbx_PDB_ins_code_2    ? 
_struct_mon_prot_cis.pdbx_auth_comp_id_2    PRO 
_struct_mon_prot_cis.pdbx_auth_seq_id_2     920 
_struct_mon_prot_cis.pdbx_auth_asym_id_2    A 
_struct_mon_prot_cis.pdbx_PDB_model_num     1 
_struct_mon_prot_cis.pdbx_omega_angle       12.09 
# 
loop_
_struct_sheet.id 
_struct_sheet.type 
_struct_sheet.number_strands 
_struct_sheet.details 
AA1 ? 7 ? 
AA2 ? 2 ? 
# 
loop_
_struct_sheet_order.sheet_id 
_struct_sheet_order.range_id_1 
_struct_sheet_order.range_id_2 
_struct_sheet_order.offset 
_struct_sheet_order.sense 
AA1 1 2 ? parallel      
AA1 2 3 ? parallel      
AA1 3 4 ? parallel      
AA1 4 5 ? parallel      
AA1 5 6 ? anti-parallel 
AA1 6 7 ? anti-parallel 
AA2 1 2 ? anti-parallel 
# 
loop_
_struct_sheet_range.sheet_id 
_struct_sheet_range.id 
_struct_sheet_range.beg_label_comp_id 
_struct_sheet_range.beg_label_asym_id 
_struct_sheet_range.beg_label_seq_id 
_struct_sheet_range.pdbx_beg_PDB_ins_code 
_struct_sheet_range.end_label_comp_id 
_struct_sheet_range.end_label_asym_id 
_struct_sheet_range.end_label_seq_id 
_struct_sheet_range.pdbx_end_PDB_ins_code 
_struct_sheet_range.beg_auth_comp_id 
_struct_sheet_range.beg_auth_asym_id 
_struct_sheet_range.beg_auth_seq_id 
_struct_sheet_range.end_auth_comp_id 
_struct_sheet_range.end_auth_asym_id 
_struct_sheet_range.end_auth_seq_id 
AA1 1 THR A 54  ? VAL A 56  ? THR A 860  VAL A 862  
AA1 2 GLN A 30  ? SER A 36  ? GLN A 836  SER A 842  
AA1 3 ARG A 3   ? ILE A 8   ? ARG A 809  ILE A 814  
AA1 4 ILE A 83  ? LEU A 86  ? ILE A 889  LEU A 892  
AA1 5 MET A 105 ? HIS A 109 ? MET A 911  HIS A 915  
AA1 6 VAL A 132 ? PHE A 139 ? VAL A 938  PHE A 945  
AA1 7 ILE A 149 ? PRO A 156 ? ILE A 955  PRO A 962  
AA2 1 GLN A 191 ? LEU A 192 ? GLN A 997  LEU A 998  
AA2 2 ILE A 198 ? CYS A 199 ? ILE A 1004 CYS A 1005 
# 
loop_
_pdbx_struct_sheet_hbond.sheet_id 
_pdbx_struct_sheet_hbond.range_id_1 
_pdbx_struct_sheet_hbond.range_id_2 
_pdbx_struct_sheet_hbond.range_1_label_atom_id 
_pdbx_struct_sheet_hbond.range_1_label_comp_id 
_pdbx_struct_sheet_hbond.range_1_label_asym_id 
_pdbx_struct_sheet_hbond.range_1_label_seq_id 
_pdbx_struct_sheet_hbond.range_1_PDB_ins_code 
_pdbx_struct_sheet_hbond.range_1_auth_atom_id 
_pdbx_struct_sheet_hbond.range_1_auth_comp_id 
_pdbx_struct_sheet_hbond.range_1_auth_asym_id 
_pdbx_struct_sheet_hbond.range_1_auth_seq_id 
_pdbx_struct_sheet_hbond.range_2_label_atom_id 
_pdbx_struct_sheet_hbond.range_2_label_comp_id 
_pdbx_struct_sheet_hbond.range_2_label_asym_id 
_pdbx_struct_sheet_hbond.range_2_label_seq_id 
_pdbx_struct_sheet_hbond.range_2_PDB_ins_code 
_pdbx_struct_sheet_hbond.range_2_auth_atom_id 
_pdbx_struct_sheet_hbond.range_2_auth_comp_id 
_pdbx_struct_sheet_hbond.range_2_auth_asym_id 
_pdbx_struct_sheet_hbond.range_2_auth_seq_id 
AA1 1 2 O ARG A 55  ? O ARG A 861 N SER A 36  ? N SER A 842  
AA1 2 3 O GLN A 30  ? O GLN A 836 N VAL A 4   ? N VAL A 810  
AA1 3 4 N LEU A 7   ? N LEU A 813 O CYS A 85  ? O CYS A 891  
AA1 4 5 N LEU A 86  ? N LEU A 892 O LEU A 106 ? O LEU A 912  
AA1 5 6 N HIS A 109 ? N HIS A 915 O THR A 136 ? O THR A 942  
AA1 6 7 N THR A 133 ? N THR A 939 O VAL A 155 ? O VAL A 961  
AA2 1 2 N GLN A 191 ? N GLN A 997 O CYS A 199 ? O CYS A 1005 
# 
_atom_sites.entry_id                    8FJY 
_atom_sites.Cartn_transf_matrix[1][1]   ? 
_atom_sites.Cartn_transf_matrix[1][2]   ? 
_atom_sites.Cartn_transf_matrix[1][3]   ? 
_atom_sites.Cartn_transf_matrix[2][1]   ? 
_atom_sites.Cartn_transf_matrix[2][2]   ? 
_atom_sites.Cartn_transf_matrix[2][3]   ? 
_atom_sites.Cartn_transf_matrix[3][1]   ? 
_atom_sites.Cartn_transf_matrix[3][2]   ? 
_atom_sites.Cartn_transf_matrix[3][3]   ? 
_atom_sites.Cartn_transf_vector[1]      ? 
_atom_sites.Cartn_transf_vector[2]      ? 
_atom_sites.Cartn_transf_vector[3]      ? 
_atom_sites.fract_transf_matrix[1][1]   -0.01399153 
_atom_sites.fract_transf_matrix[1][2]   -0.00469033 
_atom_sites.fract_transf_matrix[1][3]   0.00403501 
_atom_sites.fract_transf_matrix[2][1]   -0.01091632 
_atom_sites.fract_transf_matrix[2][2]   -0.00151437 
_atom_sites.fract_transf_matrix[2][3]   -0.01061132 
_atom_sites.fract_transf_matrix[3][1]   0.00273565 
_atom_sites.fract_transf_matrix[3][2]   -0.00942461 
_atom_sites.fract_transf_matrix[3][3]   -0.00146927 
_atom_sites.fract_transf_vector[1]      -0.276398 
_atom_sites.fract_transf_vector[2]      0.294521 
_atom_sites.fract_transf_vector[3]      0.273843 
_atom_sites.solution_primary            ? 
_atom_sites.solution_secondary          ? 
_atom_sites.solution_hydrogens          ? 
_atom_sites.special_details             ? 
# 
loop_
_atom_type.symbol 
C 
H 
N 
O 
P 
S 
# 
loop_
_atom_site.group_PDB 
_atom_site.id 
_atom_site.type_symbol 
_atom_site.label_atom_id 
_atom_site.label_alt_id 
_atom_site.label_comp_id 
_atom_site.label_asym_id 
_atom_site.label_entity_id 
_atom_site.label_seq_id 
_atom_site.pdbx_PDB_ins_code 
_atom_site.Cartn_x 
_atom_site.Cartn_y 
_atom_site.Cartn_z 
_atom_site.occupancy 
_atom_site.B_iso_or_equiv 
_atom_site.pdbx_formal_charge 
_atom_site.auth_seq_id 
_atom_site.auth_comp_id 
_atom_site.auth_asym_id 
_atom_site.auth_atom_id 
_atom_site.pdbx_PDB_model_num 
ATOM   1    N N    . ALA A 1 2   ? -1.647  15.472  -6.424  1.00 36.72  ? 808  ALA A N    1 
ATOM   2    C CA   . ALA A 1 2   ? -1.023  15.204  -5.134  1.00 36.14  ? 808  ALA A CA   1 
ATOM   3    C C    . ALA A 1 2   ? 0.253   14.425  -5.332  1.00 37.29  ? 808  ALA A C    1 
ATOM   4    O O    . ALA A 1 2   ? 0.323   13.548  -6.175  1.00 41.96  ? 808  ALA A O    1 
ATOM   5    C CB   . ALA A 1 2   ? -1.966  14.446  -4.231  1.00 35.57  ? 808  ALA A CB   1 
ATOM   6    N N    . ARG A 1 3   ? 1.266   14.738  -4.544  1.00 36.62  ? 809  ARG A N    1 
ATOM   7    C CA   . ARG A 1 3   ? 2.568   14.117  -4.695  1.00 35.85  ? 809  ARG A CA   1 
ATOM   8    C C    . ARG A 1 3   ? 2.619   12.873  -3.824  1.00 35.86  ? 809  ARG A C    1 
ATOM   9    O O    . ARG A 1 3   ? 2.403   12.942  -2.613  1.00 38.31  ? 809  ARG A O    1 
ATOM   10   C CB   . ARG A 1 3   ? 3.661   15.119  -4.340  1.00 38.52  ? 809  ARG A CB   1 
ATOM   11   C CG   . ARG A 1 3   ? 3.415   16.466  -4.992  1.00 37.74  ? 809  ARG A CG   1 
ATOM   12   C CD   . ARG A 1 3   ? 4.399   17.474  -4.527  1.00 39.39  ? 809  ARG A CD   1 
ATOM   13   N NE   . ARG A 1 3   ? 5.735   16.921  -4.627  1.00 45.31  ? 809  ARG A NE   1 
ATOM   14   C CZ   . ARG A 1 3   ? 6.467   16.960  -5.730  1.00 48.16  ? 809  ARG A CZ   1 
ATOM   15   N NH1  . ARG A 1 3   ? 5.974   17.538  -6.816  1.00 45.53  ? 809  ARG A NH1  1 
ATOM   16   N NH2  . ARG A 1 3   ? 7.689   16.428  -5.746  1.00 44.90  ? 809  ARG A NH2  1 
ATOM   17   N N    . VAL A 1 4   ? 2.883   11.736  -4.445  1.00 35.71  ? 810  VAL A N    1 
ATOM   18   C CA   . VAL A 1 4   ? 2.760   10.440  -3.803  1.00 35.57  ? 810  VAL A CA   1 
ATOM   19   C C    . VAL A 1 4   ? 4.136   9.801   -3.734  1.00 35.20  ? 810  VAL A C    1 
ATOM   20   O O    . VAL A 1 4   ? 4.942   9.934   -4.658  1.00 34.92  ? 810  VAL A O    1 
ATOM   21   C CB   . VAL A 1 4   ? 1.760   9.538   -4.562  1.00 37.40  ? 810  VAL A CB   1 
ATOM   22   C CG1  . VAL A 1 4   ? 1.879   8.083   -4.119  1.00 36.32  ? 810  VAL A CG1  1 
ATOM   23   C CG2  . VAL A 1 4   ? 0.344   10.046  -4.365  1.00 34.84  ? 810  VAL A CG2  1 
ATOM   24   N N    . ALA A 1 5   ? 4.404   9.134   -2.621  1.00 36.73  ? 811  ALA A N    1 
ATOM   25   C CA   . ALA A 1 5   ? 5.554   8.262   -2.468  1.00 37.25  ? 811  ALA A CA   1 
ATOM   26   C C    . ALA A 1 5   ? 5.047   6.846   -2.268  1.00 38.76  ? 811  ALA A C    1 
ATOM   27   O O    . ALA A 1 5   ? 4.086   6.623   -1.532  1.00 40.28  ? 811  ALA A O    1 
ATOM   28   C CB   . ALA A 1 5   ? 6.423   8.674   -1.281  1.00 39.87  ? 811  ALA A CB   1 
ATOM   29   N N    . VAL A 1 6   ? 5.674   5.895   -2.947  1.00 37.78  ? 812  VAL A N    1 
ATOM   30   C CA   . VAL A 1 6   ? 5.295   4.493   -2.873  1.00 33.09  ? 812  VAL A CA   1 
ATOM   31   C C    . VAL A 1 6   ? 6.421   3.748   -2.174  1.00 35.26  ? 812  VAL A C    1 
ATOM   32   O O    . VAL A 1 6   ? 7.590   3.880   -2.550  1.00 40.32  ? 812  VAL A O    1 
ATOM   33   C CB   . VAL A 1 6   ? 5.004   3.918   -4.269  1.00 30.72  ? 812  VAL A CB   1 
ATOM   34   C CG1  . VAL A 1 6   ? 4.684   2.435   -4.200  1.00 33.39  ? 812  VAL A CG1  1 
ATOM   35   C CG2  . VAL A 1 6   ? 3.845   4.649   -4.873  1.00 32.57  ? 812  VAL A CG2  1 
ATOM   36   N N    . LEU A 1 7   ? 6.077   3.010   -1.131  1.00 31.06  ? 813  LEU A N    1 
ATOM   37   C CA   . LEU A 1 7   ? 7.038   2.240   -0.361  1.00 32.08  ? 813  LEU A CA   1 
ATOM   38   C C    . LEU A 1 7   ? 6.875   0.774   -0.732  1.00 38.93  ? 813  LEU A C    1 
ATOM   39   O O    . LEU A 1 7   ? 5.784   0.211   -0.584  1.00 36.55  ? 813  LEU A O    1 
ATOM   40   C CB   . LEU A 1 7   ? 6.828   2.445   1.139   1.00 35.60  ? 813  LEU A CB   1 
ATOM   41   C CG   . LEU A 1 7   ? 7.360   3.719   1.792   1.00 31.51  ? 813  LEU A CG   1 
ATOM   42   C CD1  . LEU A 1 7   ? 7.072   4.886   0.913   1.00 41.58  ? 813  LEU A CD1  1 
ATOM   43   C CD2  . LEU A 1 7   ? 6.719   3.942   3.129   1.00 23.27  ? 813  LEU A CD2  1 
ATOM   44   N N    . ILE A 1 8   ? 7.951   0.165   -1.222  1.00 37.48  ? 814  ILE A N    1 
ATOM   45   C CA   . ILE A 1 8   ? 7.916   -1.232  -1.626  1.00 37.44  ? 814  ILE A CA   1 
ATOM   46   C C    . ILE A 1 8   ? 8.848   -2.054  -0.753  1.00 43.25  ? 814  ILE A C    1 
ATOM   47   O O    . ILE A 1 8   ? 9.504   -1.527  0.154   1.00 41.87  ? 814  ILE A O    1 
ATOM   48   C CB   . ILE A 1 8   ? 8.294   -1.404  -3.105  1.00 36.72  ? 814  ILE A CB   1 
ATOM   49   C CG1  . ILE A 1 8   ? 9.699   -0.848  -3.361  1.00 38.97  ? 814  ILE A CG1  1 
ATOM   50   C CG2  . ILE A 1 8   ? 7.238   -0.781  -3.994  1.00 37.06  ? 814  ILE A CG2  1 
ATOM   51   C CD1  . ILE A 1 8   ? 10.330  -1.309  -4.666  1.00 37.30  ? 814  ILE A CD1  1 
ATOM   52   N N    . SER A 1 9   ? 8.900   -3.360  -1.036  1.00 44.69  ? 815  SER A N    1 
ATOM   53   C CA   . SER A 1 9   ? 9.767   -4.322  -0.369  1.00 38.85  ? 815  SER A CA   1 
ATOM   54   C C    . SER A 1 9   ? 10.086  -5.474  -1.315  1.00 42.34  ? 815  SER A C    1 
ATOM   55   O O    . SER A 1 9   ? 11.002  -6.261  -1.059  1.00 40.59  ? 815  SER A O    1 
ATOM   56   C CB   . SER A 1 9   ? 9.110   -4.864  0.902   1.00 37.31  ? 815  SER A CB   1 
ATOM   57   O OG   . SER A 1 9   ? 9.091   -3.903  1.930   1.00 40.88  ? 815  SER A OG   1 
ATOM   58   N N    . GLY A 1 10  ? 9.335   -5.588  -2.405  1.00 40.68  ? 816  GLY A N    1 
ATOM   59   C CA   . GLY A 1 10  ? 9.441   -6.770  -3.230  1.00 38.27  ? 816  GLY A CA   1 
ATOM   60   C C    . GLY A 1 10  ? 9.282   -6.568  -4.719  1.00 37.81  ? 816  GLY A C    1 
ATOM   61   O O    . GLY A 1 10  ? 9.947   -5.721  -5.309  1.00 39.38  ? 816  GLY A O    1 
ATOM   62   N N    . THR A 1 11  ? 8.394   -7.349  -5.335  1.00 38.08  ? 817  THR A N    1 
ATOM   63   C CA   . THR A 1 11  ? 8.320   -7.390  -6.795  1.00 40.82  ? 817  THR A CA   1 
ATOM   64   C C    . THR A 1 11  ? 7.895   -6.046  -7.373  1.00 41.68  ? 817  THR A C    1 
ATOM   65   O O    . THR A 1 11  ? 8.373   -5.639  -8.437  1.00 41.15  ? 817  THR A O    1 
ATOM   66   C CB   . THR A 1 11  ? 7.346   -8.480  -7.261  1.00 41.65  ? 817  THR A CB   1 
ATOM   67   O OG1  . THR A 1 11  ? 7.605   -9.706  -6.565  1.00 38.72  ? 817  THR A OG1  1 
ATOM   68   C CG2  . THR A 1 11  ? 7.490   -8.702  -8.754  1.00 37.46  ? 817  THR A CG2  1 
ATOM   69   N N    . GLY A 1 12  ? 6.971   -5.361  -6.709  1.00 42.67  ? 818  GLY A N    1 
ATOM   70   C CA   . GLY A 1 12  ? 6.446   -4.106  -7.207  1.00 39.29  ? 818  GLY A CA   1 
ATOM   71   C C    . GLY A 1 12  ? 5.505   -4.235  -8.392  1.00 40.92  ? 818  GLY A C    1 
ATOM   72   O O    . GLY A 1 12  ? 5.663   -3.521  -9.383  1.00 46.37  ? 818  GLY A O    1 
ATOM   73   N N    . SER A 1 13  ? 4.517   -5.129  -8.315  1.00 36.73  ? 819  SER A N    1 
ATOM   74   C CA   . SER A 1 13  ? 3.510   -5.205  -9.368  1.00 33.70  ? 819  SER A CA   1 
ATOM   75   C C    . SER A 1 13  ? 2.395   -4.200  -9.147  1.00 39.22  ? 819  SER A C    1 
ATOM   76   O O    . SER A 1 13  ? 1.825   -3.688  -10.119 1.00 33.21  ? 819  SER A O    1 
ATOM   77   C CB   . SER A 1 13  ? 2.929   -6.614  -9.440  1.00 38.79  ? 819  SER A CB   1 
ATOM   78   O OG   . SER A 1 13  ? 2.488   -7.054  -8.172  1.00 41.24  ? 819  SER A OG   1 
ATOM   79   N N    . ASN A 1 14  ? 2.074   -3.925  -7.876  1.00 41.87  ? 820  ASN A N    1 
ATOM   80   C CA   . ASN A 1 14  ? 1.192   -2.818  -7.533  1.00 35.51  ? 820  ASN A CA   1 
ATOM   81   C C    . ASN A 1 14  ? 1.843   -1.488  -7.878  1.00 36.81  ? 820  ASN A C    1 
ATOM   82   O O    . ASN A 1 14  ? 1.205   -0.608  -8.459  1.00 39.16  ? 820  ASN A O    1 
ATOM   83   C CB   . ASN A 1 14  ? 0.843   -2.856  -6.045  1.00 36.67  ? 820  ASN A CB   1 
ATOM   84   C CG   . ASN A 1 14  ? 0.010   -4.053  -5.664  1.00 33.50  ? 820  ASN A CG   1 
ATOM   85   O OD1  . ASN A 1 14  ? -1.198  -4.049  -5.792  1.00 33.84  ? 820  ASN A OD1  1 
ATOM   86   N ND2  . ASN A 1 14  ? 0.657   -5.071  -5.166  1.00 34.79  ? 820  ASN A ND2  1 
ATOM   87   N N    . LEU A 1 15  ? 3.108   -1.304  -7.493  1.00 33.90  ? 821  LEU A N    1 
ATOM   88   C CA   . LEU A 1 15  ? 3.806   -0.082  -7.876  1.00 32.81  ? 821  LEU A CA   1 
ATOM   89   C C    . LEU A 1 15  ? 3.628   0.170   -9.356  1.00 35.12  ? 821  LEU A C    1 
ATOM   90   O O    . LEU A 1 15  ? 3.294   1.279   -9.778  1.00 37.31  ? 821  LEU A O    1 
ATOM   91   C CB   . LEU A 1 15  ? 5.293   -0.169  -7.528  1.00 37.42  ? 821  LEU A CB   1 
ATOM   92   C CG   . LEU A 1 15  ? 6.155   0.996   -8.028  1.00 34.18  ? 821  LEU A CG   1 
ATOM   93   C CD1  . LEU A 1 15  ? 6.048   2.157   -7.083  1.00 32.67  ? 821  LEU A CD1  1 
ATOM   94   C CD2  . LEU A 1 15  ? 7.604   0.571   -8.207  1.00 33.49  ? 821  LEU A CD2  1 
ATOM   95   N N    . GLN A 1 16  ? 3.822   -0.868  -10.163 1.00 34.07  ? 822  GLN A N    1 
ATOM   96   C CA   . GLN A 1 16  ? 3.611   -0.720  -11.596 1.00 34.66  ? 822  GLN A CA   1 
ATOM   97   C C    . GLN A 1 16  ? 2.163   -0.370  -11.904 1.00 36.68  ? 822  GLN A C    1 
ATOM   98   O O    . GLN A 1 16  ? 1.889   0.454   -12.780 1.00 37.26  ? 822  GLN A O    1 
ATOM   99   C CB   . GLN A 1 16  ? 4.017   -1.996  -12.317 1.00 31.33  ? 822  GLN A CB   1 
ATOM   100  C CG   . GLN A 1 16  ? 3.813   -1.896  -13.786 1.00 29.52  ? 822  GLN A CG   1 
ATOM   101  C CD   . GLN A 1 16  ? 4.694   -0.845  -14.394 1.00 35.42  ? 822  GLN A CD   1 
ATOM   102  O OE1  . GLN A 1 16  ? 5.854   -0.691  -14.009 1.00 38.57  ? 822  GLN A OE1  1 
ATOM   103  N NE2  . GLN A 1 16  ? 4.151   -0.103  -15.345 1.00 35.66  ? 822  GLN A NE2  1 
ATOM   104  N N    . ALA A 1 17  ? 1.219   -0.996  -11.198 1.00 37.07  ? 823  ALA A N    1 
ATOM   105  C CA   . ALA A 1 17  ? -0.188  -0.643  -11.351 1.00 34.82  ? 823  ALA A CA   1 
ATOM   106  C C    . ALA A 1 17  ? -0.409  0.842   -11.101 1.00 35.63  ? 823  ALA A C    1 
ATOM   107  O O    . ALA A 1 17  ? -1.100  1.520   -11.868 1.00 35.72  ? 823  ALA A O    1 
ATOM   108  C CB   . ALA A 1 17  ? -1.039  -1.475  -10.392 1.00 36.23  ? 823  ALA A CB   1 
ATOM   109  N N    . LEU A 1 18  ? 0.171   1.361   -10.016 1.00 37.59  ? 824  LEU A N    1 
ATOM   110  C CA   . LEU A 1 18  ? 0.037   2.779   -9.692  1.00 34.22  ? 824  LEU A CA   1 
ATOM   111  C C    . LEU A 1 18  ? 0.764   3.646   -10.707 1.00 33.42  ? 824  LEU A C    1 
ATOM   112  O O    . LEU A 1 18  ? 0.241   4.680   -11.130 1.00 34.87  ? 824  LEU A O    1 
ATOM   113  C CB   . LEU A 1 18  ? 0.561   3.046   -8.277  1.00 32.77  ? 824  LEU A CB   1 
ATOM   114  C CG   . LEU A 1 18  ? -0.173  2.335   -7.134  1.00 28.21  ? 824  LEU A CG   1 
ATOM   115  C CD1  . LEU A 1 18  ? 0.524   2.521   -5.820  1.00 22.68  ? 824  LEU A CD1  1 
ATOM   116  C CD2  . LEU A 1 18  ? -1.580  2.835   -7.047  1.00 29.56  ? 824  LEU A CD2  1 
ATOM   117  N N    . ILE A 1 19  ? 1.961   3.230   -11.124 1.00 34.31  ? 825  ILE A N    1 
ATOM   118  C CA   . ILE A 1 19  ? 2.721   3.998   -12.106 1.00 36.10  ? 825  ILE A CA   1 
ATOM   119  C C    . ILE A 1 19  ? 1.927   4.153   -13.394 1.00 39.57  ? 825  ILE A C    1 
ATOM   120  O O    . ILE A 1 19  ? 1.889   5.233   -13.993 1.00 41.41  ? 825  ILE A O    1 
ATOM   121  C CB   . ILE A 1 19  ? 4.077   3.331   -12.376 1.00 33.49  ? 825  ILE A CB   1 
ATOM   122  C CG1  . ILE A 1 19  ? 4.963   3.381   -11.146 1.00 33.02  ? 825  ILE A CG1  1 
ATOM   123  C CG2  . ILE A 1 19  ? 4.752   3.992   -13.551 1.00 37.19  ? 825  ILE A CG2  1 
ATOM   124  C CD1  . ILE A 1 19  ? 6.172   2.507   -11.254 1.00 31.86  ? 825  ILE A CD1  1 
ATOM   125  N N    . ASP A 1 20  ? 1.307   3.067   -13.855 1.00 37.23  ? 826  ASP A N    1 
ATOM   126  C CA   . ASP A 1 20  ? 0.538   3.125   -15.089 1.00 33.83  ? 826  ASP A CA   1 
ATOM   127  C C    . ASP A 1 20  ? -0.647  4.059   -14.949 1.00 37.71  ? 826  ASP A C    1 
ATOM   128  O O    . ASP A 1 20  ? -0.970  4.804   -15.878 1.00 43.89  ? 826  ASP A O    1 
ATOM   129  C CB   . ASP A 1 20  ? 0.061   1.732   -15.483 1.00 39.07  ? 826  ASP A CB   1 
ATOM   130  C CG   . ASP A 1 20  ? 1.175   0.860   -16.025 1.00 40.39  ? 826  ASP A CG   1 
ATOM   131  O OD1  . ASP A 1 20  ? 2.340   1.305   -16.022 1.00 34.42  ? 826  ASP A OD1  1 
ATOM   132  O OD2  . ASP A 1 20  ? 0.870   -0.267  -16.458 1.00 36.80  ? 826  ASP A OD2  1 
ATOM   133  N N    . SER A 1 21  ? -1.323  4.032   -13.806 1.00 36.24  ? 827  SER A N    1 
ATOM   134  C CA   . SER A 1 21  ? -2.517  4.856   -13.691 1.00 35.56  ? 827  SER A CA   1 
ATOM   135  C C    . SER A 1 21  ? -2.169  6.312   -13.459 1.00 35.53  ? 827  SER A C    1 
ATOM   136  O O    . SER A 1 21  ? -2.886  7.187   -13.940 1.00 41.63  ? 827  SER A O    1 
ATOM   137  C CB   . SER A 1 21  ? -3.443  4.347   -12.579 1.00 28.85  ? 827  SER A CB   1 
ATOM   138  O OG   . SER A 1 21  ? -3.024  4.773   -11.300 1.00 26.64  ? 827  SER A OG   1 
ATOM   139  N N    . THR A 1 22  ? -1.073  6.601   -12.754 1.00 38.07  ? 828  THR A N    1 
ATOM   140  C CA   . THR A 1 22  ? -0.733  7.998   -12.499 1.00 38.78  ? 828  THR A CA   1 
ATOM   141  C C    . THR A 1 22  ? -0.185  8.684   -13.742 1.00 40.90  ? 828  THR A C    1 
ATOM   142  O O    . THR A 1 22  ? -0.170  9.916   -13.793 1.00 42.26  ? 828  THR A O    1 
ATOM   143  C CB   . THR A 1 22  ? 0.276   8.143   -11.342 1.00 41.46  ? 828  THR A CB   1 
ATOM   144  O OG1  . THR A 1 22  ? 1.538   7.564   -11.697 1.00 40.06  ? 828  THR A OG1  1 
ATOM   145  C CG2  . THR A 1 22  ? -0.245  7.500   -10.062 1.00 34.15  ? 828  THR A CG2  1 
ATOM   146  N N    . ARG A 1 23  ? 0.262   7.918   -14.737 1.00 39.13  ? 829  ARG A N    1 
ATOM   147  C CA   . ARG A 1 23  ? 0.690   8.498   -16.000 1.00 42.46  ? 829  ARG A CA   1 
ATOM   148  C C    . ARG A 1 23  ? -0.475  8.803   -16.933 1.00 46.66  ? 829  ARG A C    1 
ATOM   149  O O    . ARG A 1 23  ? -0.274  9.476   -17.950 1.00 44.41  ? 829  ARG A O    1 
ATOM   150  C CB   . ARG A 1 23  ? 1.674   7.559   -16.691 1.00 48.36  ? 829  ARG A CB   1 
ATOM   151  C CG   . ARG A 1 23  ? 3.059   8.150   -16.873 1.00 63.27  ? 829  ARG A CG   1 
ATOM   152  C CD   . ARG A 1 23  ? 4.075   7.530   -15.931 1.00 57.52  ? 829  ARG A CD   1 
ATOM   153  N NE   . ARG A 1 23  ? 5.390   7.473   -16.555 1.00 62.38  ? 829  ARG A NE   1 
ATOM   154  C CZ   . ARG A 1 23  ? 5.748   6.558   -17.449 1.00 75.67  ? 829  ARG A CZ   1 
ATOM   155  N NH1  . ARG A 1 23  ? 4.882   5.620   -17.819 1.00 74.56  ? 829  ARG A NH1  1 
ATOM   156  N NH2  . ARG A 1 23  ? 6.967   6.582   -17.974 1.00 77.56  ? 829  ARG A NH2  1 
ATOM   157  N N    . GLU A 1 24  ? -1.670  8.323   -16.604 1.00 49.39  ? 830  GLU A N    1 
ATOM   158  C CA   . GLU A 1 24  ? -2.872  8.634   -17.361 1.00 39.57  ? 830  GLU A CA   1 
ATOM   159  C C    . GLU A 1 24  ? -3.148  10.133  -17.294 1.00 40.02  ? 830  GLU A C    1 
ATOM   160  O O    . GLU A 1 24  ? -2.950  10.752  -16.246 1.00 42.65  ? 830  GLU A O    1 
ATOM   161  C CB   . GLU A 1 24  ? -4.060  7.864   -16.786 1.00 41.39  ? 830  GLU A CB   1 
ATOM   162  C CG   . GLU A 1 24  ? -5.195  7.655   -17.748 1.00 57.16  ? 830  GLU A CG   1 
ATOM   163  C CD   . GLU A 1 24  ? -4.912  6.538   -18.741 1.00 72.47  ? 830  GLU A CD   1 
ATOM   164  O OE1  . GLU A 1 24  ? -3.934  5.789   -18.523 1.00 76.77  ? 830  GLU A OE1  1 
ATOM   165  O OE2  . GLU A 1 24  ? -5.664  6.409   -19.735 1.00 70.78  ? 830  GLU A OE2  1 
ATOM   166  N N    . PRO A 1 25  ? -3.635  10.740  -18.370 1.00 43.88  ? 831  PRO A N    1 
ATOM   167  C CA   . PRO A 1 25  ? -3.801  12.198  -18.357 1.00 39.88  ? 831  PRO A CA   1 
ATOM   168  C C    . PRO A 1 25  ? -4.758  12.695  -17.289 1.00 40.80  ? 831  PRO A C    1 
ATOM   169  O O    . PRO A 1 25  ? -4.551  13.787  -16.751 1.00 43.86  ? 831  PRO A O    1 
ATOM   170  C CB   . PRO A 1 25  ? -4.324  12.495  -19.766 1.00 36.54  ? 831  PRO A CB   1 
ATOM   171  C CG   . PRO A 1 25  ? -5.004  11.251  -20.169 1.00 46.17  ? 831  PRO A CG   1 
ATOM   172  C CD   . PRO A 1 25  ? -4.168  10.144  -19.604 1.00 52.95  ? 831  PRO A CD   1 
ATOM   173  N N    . ASN A 1 26  ? -5.791  11.943  -16.949 1.00 38.75  ? 832  ASN A N    1 
ATOM   174  C CA   . ASN A 1 26  ? -6.749  12.440  -15.974 1.00 35.73  ? 832  ASN A CA   1 
ATOM   175  C C    . ASN A 1 26  ? -6.323  12.208  -14.531 1.00 35.82  ? 832  ASN A C    1 
ATOM   176  O O    . ASN A 1 26  ? -7.109  12.512  -13.624 1.00 35.88  ? 832  ASN A O    1 
ATOM   177  C CB   . ASN A 1 26  ? -8.115  11.809  -16.218 1.00 35.10  ? 832  ASN A CB   1 
ATOM   178  C CG   . ASN A 1 26  ? -8.959  12.616  -17.170 1.00 40.66  ? 832  ASN A CG   1 
ATOM   179  O OD1  . ASN A 1 26  ? -8.712  13.799  -17.390 1.00 38.20  ? 832  ASN A OD1  1 
ATOM   180  N ND2  . ASN A 1 26  ? -9.971  11.984  -17.734 1.00 41.68  ? 832  ASN A ND2  1 
ATOM   181  N N    . SER A 1 27  ? -5.106  11.719  -14.294 1.00 35.72  ? 833  SER A N    1 
ATOM   182  C CA   . SER A 1 27  ? -4.703  11.318  -12.954 1.00 34.00  ? 833  SER A CA   1 
ATOM   183  C C    . SER A 1 27  ? -4.625  12.514  -12.021 1.00 37.43  ? 833  SER A C    1 
ATOM   184  O O    . SER A 1 27  ? -4.209  13.607  -12.411 1.00 39.18  ? 833  SER A O    1 
ATOM   185  C CB   . SER A 1 27  ? -3.353  10.611  -12.989 1.00 35.44  ? 833  SER A CB   1 
ATOM   186  O OG   . SER A 1 27  ? -2.883  10.360  -11.679 1.00 40.28  ? 833  SER A OG   1 
ATOM   187  N N    . SER A 1 28  ? -5.023  12.303  -10.772 1.00 38.11  ? 834  SER A N    1 
ATOM   188  C CA   . SER A 1 28  ? -4.848  13.307  -9.736  1.00 36.78  ? 834  SER A CA   1 
ATOM   189  C C    . SER A 1 28  ? -3.647  13.024  -8.849  1.00 37.28  ? 834  SER A C    1 
ATOM   190  O O    . SER A 1 28  ? -3.538  13.592  -7.764  1.00 42.31  ? 834  SER A O    1 
ATOM   191  C CB   . SER A 1 28  ? -6.106  13.421  -8.885  1.00 37.73  ? 834  SER A CB   1 
ATOM   192  O OG   . SER A 1 28  ? -7.097  14.130  -9.597  1.00 49.69  ? 834  SER A OG   1 
ATOM   193  N N    . ALA A 1 29  ? -2.742  12.159  -9.279  1.00 34.33  ? 835  ALA A N    1 
ATOM   194  C CA   . ALA A 1 29  ? -1.577  11.869  -8.474  1.00 34.03  ? 835  ALA A CA   1 
ATOM   195  C C    . ALA A 1 29  ? -0.361  11.742  -9.369  1.00 36.96  ? 835  ALA A C    1 
ATOM   196  O O    . ALA A 1 29  ? -0.465  11.517  -10.576 1.00 40.54  ? 835  ALA A O    1 
ATOM   197  C CB   . ALA A 1 29  ? -1.763  10.598  -7.653  1.00 38.74  ? 835  ALA A CB   1 
ATOM   198  N N    . GLN A 1 30  ? 0.795   11.896  -8.748  1.00 30.66  ? 836  GLN A N    1 
ATOM   199  C CA   . GLN A 1 30  ? 2.073   11.737  -9.407  1.00 34.05  ? 836  GLN A CA   1 
ATOM   200  C C    . GLN A 1 30  ? 3.017   11.063  -8.424  1.00 35.28  ? 836  GLN A C    1 
ATOM   201  O O    . GLN A 1 30  ? 3.002   11.372  -7.232  1.00 37.07  ? 836  GLN A O    1 
ATOM   202  C CB   . GLN A 1 30  ? 2.609   13.090  -9.864  1.00 39.47  ? 836  GLN A CB   1 
ATOM   203  C CG   . GLN A 1 30  ? 2.860   14.070  -8.726  1.00 35.44  ? 836  GLN A CG   1 
ATOM   204  C CD   . GLN A 1 30  ? 3.534   15.329  -9.197  1.00 32.32  ? 836  GLN A CD   1 
ATOM   205  O OE1  . GLN A 1 30  ? 2.931   16.385  -9.210  1.00 34.58  ? 836  GLN A OE1  1 
ATOM   206  N NE2  . GLN A 1 30  ? 4.792   15.224  -9.579  1.00 30.30  ? 836  GLN A NE2  1 
ATOM   207  N N    . ILE A 1 31  ? 3.821   10.129  -8.908  1.00 33.41  ? 837  ILE A N    1 
ATOM   208  C CA   . ILE A 1 31  ? 4.651   9.298   -8.035  1.00 35.83  ? 837  ILE A CA   1 
ATOM   209  C C    . ILE A 1 31  ? 6.056   9.888   -8.074  1.00 39.48  ? 837  ILE A C    1 
ATOM   210  O O    . ILE A 1 31  ? 6.884   9.522   -8.905  1.00 39.33  ? 837  ILE A O    1 
ATOM   211  C CB   . ILE A 1 31  ? 4.626   7.831   -8.456  1.00 35.69  ? 837  ILE A CB   1 
ATOM   212  C CG1  . ILE A 1 31  ? 3.217   7.257   -8.319  1.00 36.09  ? 837  ILE A CG1  1 
ATOM   213  C CG2  . ILE A 1 31  ? 5.599   7.050   -7.633  1.00 36.48  ? 837  ILE A CG2  1 
ATOM   214  C CD1  . ILE A 1 31  ? 3.100   5.853   -8.831  1.00 36.28  ? 837  ILE A CD1  1 
ATOM   215  N N    . ASP A 1 32  ? 6.341   10.799  -7.146  1.00 40.27  ? 838  ASP A N    1 
ATOM   216  C CA   . ASP A 1 32  ? 7.597   11.539  -7.194  1.00 36.10  ? 838  ASP A CA   1 
ATOM   217  C C    . ASP A 1 32  ? 8.769   10.798  -6.560  1.00 40.87  ? 838  ASP A C    1 
ATOM   218  O O    . ASP A 1 32  ? 9.916   11.192  -6.787  1.00 39.80  ? 838  ASP A O    1 
ATOM   219  C CB   . ASP A 1 32  ? 7.419   12.901  -6.530  1.00 32.43  ? 838  ASP A CB   1 
ATOM   220  C CG   . ASP A 1 32  ? 6.316   13.714  -7.166  1.00 37.26  ? 838  ASP A CG   1 
ATOM   221  O OD1  . ASP A 1 32  ? 5.351   14.078  -6.471  1.00 42.17  ? 838  ASP A OD1  1 
ATOM   222  O OD2  . ASP A 1 32  ? 6.397   13.979  -8.371  1.00 37.82  ? 838  ASP A OD2  1 
ATOM   223  N N    . ILE A 1 33  ? 8.524   9.735   -5.797  1.00 42.97  ? 839  ILE A N    1 
ATOM   224  C CA   . ILE A 1 33  ? 9.602   9.012   -5.132  1.00 38.64  ? 839  ILE A CA   1 
ATOM   225  C C    . ILE A 1 33  ? 9.149   7.602   -4.772  1.00 39.72  ? 839  ILE A C    1 
ATOM   226  O O    . ILE A 1 33  ? 8.063   7.410   -4.213  1.00 39.12  ? 839  ILE A O    1 
ATOM   227  C CB   . ILE A 1 33  ? 10.090  9.772   -3.882  1.00 36.44  ? 839  ILE A CB   1 
ATOM   228  C CG1  . ILE A 1 33  ? 11.204  8.993   -3.184  1.00 37.67  ? 839  ILE A CG1  1 
ATOM   229  C CG2  . ILE A 1 33  ? 8.947   10.039  -2.918  1.00 31.76  ? 839  ILE A CG2  1 
ATOM   230  C CD1  . ILE A 1 33  ? 12.356  8.648   -4.087  1.00 36.70  ? 839  ILE A CD1  1 
ATOM   231  N N    . VAL A 1 34  ? 9.984   6.610   -5.095  1.00 37.46  ? 840  VAL A N    1 
ATOM   232  C CA   . VAL A 1 34  ? 9.808   5.227   -4.659  1.00 38.83  ? 840  VAL A CA   1 
ATOM   233  C C    . VAL A 1 34  ? 10.880  4.904   -3.624  1.00 38.79  ? 840  VAL A C    1 
ATOM   234  O O    . VAL A 1 34  ? 12.065  5.162   -3.853  1.00 41.72  ? 840  VAL A O    1 
ATOM   235  C CB   . VAL A 1 34  ? 9.886   4.250   -5.841  1.00 36.27  ? 840  VAL A CB   1 
ATOM   236  C CG1  . VAL A 1 34  ? 9.804   2.825   -5.330  1.00 33.97  ? 840  VAL A CG1  1 
ATOM   237  C CG2  . VAL A 1 34  ? 8.777   4.537   -6.827  1.00 33.77  ? 840  VAL A CG2  1 
ATOM   238  N N    . ILE A 1 35  ? 10.472  4.325   -2.499  1.00 36.64  ? 841  ILE A N    1 
ATOM   239  C CA   . ILE A 1 35  ? 11.374  4.055   -1.379  1.00 41.58  ? 841  ILE A CA   1 
ATOM   240  C C    . ILE A 1 35  ? 11.226  2.597   -0.971  1.00 44.09  ? 841  ILE A C    1 
ATOM   241  O O    . ILE A 1 35  ? 10.136  2.173   -0.562  1.00 40.07  ? 841  ILE A O    1 
ATOM   242  C CB   . ILE A 1 35  ? 11.087  4.961   -0.170  1.00 45.28  ? 841  ILE A CB   1 
ATOM   243  C CG1  . ILE A 1 35  ? 10.978  6.425   -0.584  1.00 41.72  ? 841  ILE A CG1  1 
ATOM   244  C CG2  . ILE A 1 35  ? 12.155  4.781   0.897   1.00 42.26  ? 841  ILE A CG2  1 
ATOM   245  C CD1  . ILE A 1 35  ? 10.499  7.311   0.533   1.00 35.19  ? 841  ILE A CD1  1 
ATOM   246  N N    . SER A 1 36  ? 12.322  1.843   -1.047  1.00 42.51  ? 842  SER A N    1 
ATOM   247  C CA   . SER A 1 36  ? 12.352  0.450   -0.628  1.00 41.62  ? 842  SER A CA   1 
ATOM   248  C C    . SER A 1 36  ? 13.212  0.287   0.613   1.00 44.19  ? 842  SER A C    1 
ATOM   249  O O    . SER A 1 36  ? 14.176  1.025   0.815   1.00 50.17  ? 842  SER A O    1 
ATOM   250  C CB   . SER A 1 36  ? 12.905  -0.462  -1.716  1.00 37.79  ? 842  SER A CB   1 
ATOM   251  O OG   . SER A 1 36  ? 13.302  -1.689  -1.140  1.00 37.12  ? 842  SER A OG   1 
ATOM   252  N N    . ASN A 1 37  ? 12.862  -0.689  1.443   1.00 41.88  ? 843  ASN A N    1 
ATOM   253  C CA   . ASN A 1 37  ? 13.677  -1.042  2.593   1.00 41.27  ? 843  ASN A CA   1 
ATOM   254  C C    . ASN A 1 37  ? 14.546  -2.262  2.333   1.00 52.60  ? 843  ASN A C    1 
ATOM   255  O O    . ASN A 1 37  ? 15.308  -2.667  3.219   1.00 55.78  ? 843  ASN A O    1 
ATOM   256  C CB   . ASN A 1 37  ? 12.800  -1.294  3.816   1.00 42.13  ? 843  ASN A CB   1 
ATOM   257  C CG   . ASN A 1 37  ? 12.107  -2.635  3.765   1.00 46.64  ? 843  ASN A CG   1 
ATOM   258  O OD1  . ASN A 1 37  ? 11.502  -2.998  2.761   1.00 48.29  ? 843  ASN A OD1  1 
ATOM   259  N ND2  . ASN A 1 37  ? 12.195  -3.383  4.848   1.00 43.85  ? 843  ASN A ND2  1 
ATOM   260  N N    . LYS A 1 38  ? 14.450  -2.861  1.147   1.00 46.18  ? 844  LYS A N    1 
ATOM   261  C CA   . LYS A 1 38  ? 15.264  -4.007  0.783   1.00 39.49  ? 844  LYS A CA   1 
ATOM   262  C C    . LYS A 1 38  ? 15.904  -3.715  -0.559  1.00 43.44  ? 844  LYS A C    1 
ATOM   263  O O    . LYS A 1 38  ? 15.220  -3.286  -1.493  1.00 44.44  ? 844  LYS A O    1 
ATOM   264  C CB   . LYS A 1 38  ? 14.427  -5.284  0.725   1.00 41.00  ? 844  LYS A CB   1 
ATOM   265  N N    . ALA A 1 39  ? 17.212  -3.932  -0.646  1.00 48.46  ? 845  ALA A N    1 
ATOM   266  C CA   . ALA A 1 39  ? 17.945  -3.631  -1.863  1.00 46.74  ? 845  ALA A CA   1 
ATOM   267  C C    . ALA A 1 39  ? 17.815  -4.768  -2.871  1.00 43.02  ? 845  ALA A C    1 
ATOM   268  O O    . ALA A 1 39  ? 17.321  -5.858  -2.567  1.00 49.67  ? 845  ALA A O    1 
ATOM   269  C CB   . ALA A 1 39  ? 19.410  -3.366  -1.541  1.00 46.35  ? 845  ALA A CB   1 
ATOM   270  N N    . ALA A 1 40  ? 18.249  -4.491  -4.099  1.00 43.25  ? 846  ALA A N    1 
ATOM   271  C CA   . ALA A 1 40  ? 18.230  -5.453  -5.207  1.00 50.93  ? 846  ALA A CA   1 
ATOM   272  C C    . ALA A 1 40  ? 16.853  -6.087  -5.427  1.00 54.98  ? 846  ALA A C    1 
ATOM   273  O O    . ALA A 1 40  ? 16.754  -7.154  -6.042  1.00 52.81  ? 846  ALA A O    1 
ATOM   274  C CB   . ALA A 1 40  ? 19.276  -6.553  -5.010  1.00 59.42  ? 846  ALA A CB   1 
ATOM   275  N N    . VAL A 1 41  ? 15.778  -5.446  -4.952  1.00 53.09  ? 847  VAL A N    1 
ATOM   276  C CA   . VAL A 1 41  ? 14.426  -5.962  -5.141  1.00 46.87  ? 847  VAL A CA   1 
ATOM   277  C C    . VAL A 1 41  ? 13.921  -5.587  -6.528  1.00 48.13  ? 847  VAL A C    1 
ATOM   278  O O    . VAL A 1 41  ? 14.346  -4.591  -7.124  1.00 48.28  ? 847  VAL A O    1 
ATOM   279  C CB   . VAL A 1 41  ? 13.490  -5.439  -4.040  1.00 42.23  ? 847  VAL A CB   1 
ATOM   280  C CG1  . VAL A 1 41  ? 14.031  -5.838  -2.698  1.00 47.30  ? 847  VAL A CG1  1 
ATOM   281  C CG2  . VAL A 1 41  ? 13.360  -3.937  -4.132  1.00 38.04  ? 847  VAL A CG2  1 
ATOM   282  N N    . ALA A 1 42  ? 12.991  -6.396  -7.044  1.00 39.44  ? 848  ALA A N    1 
ATOM   283  C CA   . ALA A 1 42  ? 12.544  -6.244  -8.425  1.00 40.05  ? 848  ALA A CA   1 
ATOM   284  C C    . ALA A 1 42  ? 11.781  -4.947  -8.657  1.00 43.86  ? 848  ALA A C    1 
ATOM   285  O O    . ALA A 1 42  ? 11.729  -4.454  -9.787  1.00 42.35  ? 848  ALA A O    1 
ATOM   286  C CB   . ALA A 1 42  ? 11.671  -7.432  -8.815  1.00 49.15  ? 848  ALA A CB   1 
ATOM   287  N N    . GLY A 1 43  ? 11.157  -4.397  -7.619  1.00 50.73  ? 849  GLY A N    1 
ATOM   288  C CA   . GLY A 1 43  ? 10.378  -3.179  -7.758  1.00 46.96  ? 849  GLY A CA   1 
ATOM   289  C C    . GLY A 1 43  ? 11.196  -1.928  -7.937  1.00 45.02  ? 849  GLY A C    1 
ATOM   290  O O    . GLY A 1 43  ? 10.638  -0.902  -8.334  1.00 40.67  ? 849  GLY A O    1 
ATOM   291  N N    . LEU A 1 44  ? 12.495  -1.992  -7.649  1.00 45.72  ? 850  LEU A N    1 
ATOM   292  C CA   . LEU A 1 44  ? 13.362  -0.848  -7.879  1.00 41.42  ? 850  LEU A CA   1 
ATOM   293  C C    . LEU A 1 44  ? 13.621  -0.652  -9.364  1.00 45.26  ? 850  LEU A C    1 
ATOM   294  O O    . LEU A 1 44  ? 13.698  0.482   -9.838  1.00 48.58  ? 850  LEU A O    1 
ATOM   295  C CB   . LEU A 1 44  ? 14.670  -1.023  -7.108  1.00 37.38  ? 850  LEU A CB   1 
ATOM   296  C CG   . LEU A 1 44  ? 14.546  -0.888  -5.590  1.00 39.91  ? 850  LEU A CG   1 
ATOM   297  C CD1  . LEU A 1 44  ? 15.862  -1.118  -4.870  1.00 33.69  ? 850  LEU A CD1  1 
ATOM   298  C CD2  . LEU A 1 44  ? 13.978  0.470   -5.227  1.00 39.15  ? 850  LEU A CD2  1 
ATOM   299  N N    . ASP A 1 45  ? 13.746  -1.740  -10.122 1.00 45.14  ? 851  ASP A N    1 
ATOM   300  C CA   . ASP A 1 45  ? 14.021  -1.592  -11.546 1.00 48.33  ? 851  ASP A CA   1 
ATOM   301  C C    . ASP A 1 45  ? 12.818  -1.062  -12.290 1.00 47.78  ? 851  ASP A C    1 
ATOM   302  O O    . ASP A 1 45  ? 12.971  -0.423  -13.332 1.00 51.08  ? 851  ASP A O    1 
ATOM   303  C CB   . ASP A 1 45  ? 14.453  -2.918  -12.148 1.00 46.12  ? 851  ASP A CB   1 
ATOM   304  C CG   . ASP A 1 45  ? 15.726  -3.414  -11.556 1.00 57.56  ? 851  ASP A CG   1 
ATOM   305  O OD1  . ASP A 1 45  ? 16.716  -2.641  -11.536 1.00 60.48  ? 851  ASP A OD1  1 
ATOM   306  O OD2  . ASP A 1 45  ? 15.728  -4.567  -11.083 1.00 61.82  ? 851  ASP A OD2  1 
ATOM   307  N N    . LYS A 1 46  ? 11.618  -1.316  -11.784 1.00 47.53  ? 852  LYS A N    1 
ATOM   308  C CA   . LYS A 1 46  ? 10.439  -0.767  -12.434 1.00 48.79  ? 852  LYS A CA   1 
ATOM   309  C C    . LYS A 1 46  ? 10.335  0.725   -12.168 1.00 44.84  ? 852  LYS A C    1 
ATOM   310  O O    . LYS A 1 46  ? 9.990   1.498   -13.066 1.00 43.20  ? 852  LYS A O    1 
ATOM   311  C CB   . LYS A 1 46  ? 9.195   -1.516  -11.965 1.00 47.92  ? 852  LYS A CB   1 
ATOM   312  C CG   . LYS A 1 46  ? 9.447   -3.014  -11.904 1.00 52.34  ? 852  LYS A CG   1 
ATOM   313  C CD   . LYS A 1 46  ? 8.232   -3.816  -11.505 1.00 45.74  ? 852  LYS A CD   1 
ATOM   314  C CE   . LYS A 1 46  ? 8.583   -5.280  -11.504 1.00 44.91  ? 852  LYS A CE   1 
ATOM   315  N NZ   . LYS A 1 46  ? 7.384   -6.118  -11.337 1.00 48.92  ? 852  LYS A NZ   1 
ATOM   316  N N    . ALA A 1 47  ? 10.658  1.149   -10.945 1.00 44.28  ? 853  ALA A N    1 
ATOM   317  C CA   . ALA A 1 47  ? 10.717  2.574   -10.639 1.00 39.71  ? 853  ALA A CA   1 
ATOM   318  C C    . ALA A 1 47  ? 11.700  3.284   -11.559 1.00 47.56  ? 853  ALA A C    1 
ATOM   319  O O    . ALA A 1 47  ? 11.392  4.336   -12.128 1.00 44.56  ? 853  ALA A O    1 
ATOM   320  C CB   . ALA A 1 47  ? 11.105  2.777   -9.176  1.00 35.55  ? 853  ALA A CB   1 
ATOM   321  N N    . GLU A 1 48  ? 12.892  2.712   -11.730 1.00 52.08  ? 854  GLU A N    1 
ATOM   322  C CA   . GLU A 1 48  ? 13.877  3.322   -12.614 1.00 48.78  ? 854  GLU A CA   1 
ATOM   323  C C    . GLU A 1 48  ? 13.383  3.346   -14.056 1.00 42.92  ? 854  GLU A C    1 
ATOM   324  O O    . GLU A 1 48  ? 13.479  4.373   -14.730 1.00 39.68  ? 854  GLU A O    1 
ATOM   325  C CB   . GLU A 1 48  ? 15.211  2.586   -12.481 1.00 45.05  ? 854  GLU A CB   1 
ATOM   326  C CG   . GLU A 1 48  ? 15.873  2.878   -11.145 1.00 57.16  ? 854  GLU A CG   1 
ATOM   327  C CD   . GLU A 1 48  ? 16.961  1.890   -10.769 1.00 71.96  ? 854  GLU A CD   1 
ATOM   328  O OE1  . GLU A 1 48  ? 17.170  1.665   -9.553  1.00 67.26  ? 854  GLU A OE1  1 
ATOM   329  O OE2  . GLU A 1 48  ? 17.610  1.338   -11.683 1.00 78.16  ? 854  GLU A OE2  1 
ATOM   330  N N    . ARG A 1 49  ? 12.809  2.241   -14.534 1.00 43.02  ? 855  ARG A N    1 
ATOM   331  C CA   . ARG A 1 49  ? 12.372  2.192   -15.927 1.00 45.44  ? 855  ARG A CA   1 
ATOM   332  C C    . ARG A 1 49  ? 11.408  3.323   -16.272 1.00 49.60  ? 855  ARG A C    1 
ATOM   333  O O    . ARG A 1 49  ? 11.321  3.727   -17.437 1.00 49.93  ? 855  ARG A O    1 
ATOM   334  C CB   . ARG A 1 49  ? 11.730  0.841   -16.237 1.00 46.32  ? 855  ARG A CB   1 
ATOM   335  C CG   . ARG A 1 49  ? 12.721  -0.205  -16.710 1.00 59.73  ? 855  ARG A CG   1 
ATOM   336  C CD   . ARG A 1 49  ? 12.044  -1.364  -17.444 1.00 67.88  ? 855  ARG A CD   1 
ATOM   337  N NE   . ARG A 1 49  ? 11.325  -2.266  -16.546 1.00 69.54  ? 855  ARG A NE   1 
ATOM   338  C CZ   . ARG A 1 49  ? 11.910  -3.142  -15.732 1.00 67.43  ? 855  ARG A CZ   1 
ATOM   339  N NH1  . ARG A 1 49  ? 13.234  -3.226  -15.691 1.00 68.12  ? 855  ARG A NH1  1 
ATOM   340  N NH2  . ARG A 1 49  ? 11.175  -3.929  -14.952 1.00 60.29  ? 855  ARG A NH2  1 
ATOM   341  N N    . ALA A 1 50  ? 10.664  3.837   -15.294 1.00 47.33  ? 856  ALA A N    1 
ATOM   342  C CA   . ALA A 1 50  ? 9.744   4.941   -15.526 1.00 46.31  ? 856  ALA A CA   1 
ATOM   343  C C    . ALA A 1 50  ? 10.327  6.273   -15.082 1.00 47.00  ? 856  ALA A C    1 
ATOM   344  O O    . ALA A 1 50  ? 9.597   7.265   -14.993 1.00 46.80  ? 856  ALA A O    1 
ATOM   345  C CB   . ALA A 1 50  ? 8.412   4.690   -14.819 1.00 43.99  ? 856  ALA A CB   1 
ATOM   346  N N    . GLY A 1 51  ? 11.624  6.315   -14.806 1.00 43.87  ? 857  GLY A N    1 
ATOM   347  C CA   . GLY A 1 51  ? 12.288  7.554   -14.451 1.00 38.54  ? 857  GLY A CA   1 
ATOM   348  C C    . GLY A 1 51  ? 11.830  8.137   -13.138 1.00 36.92  ? 857  GLY A C    1 
ATOM   349  O O    . GLY A 1 51  ? 11.724  9.359   -13.018 1.00 45.27  ? 857  GLY A O    1 
ATOM   350  N N    . ILE A 1 52  ? 11.552  7.301   -12.153 1.00 38.42  ? 858  ILE A N    1 
ATOM   351  C CA   . ILE A 1 52  ? 11.118  7.748   -10.836 1.00 36.11  ? 858  ILE A CA   1 
ATOM   352  C C    . ILE A 1 52  ? 12.297  7.615   -9.869  1.00 41.14  ? 858  ILE A C    1 
ATOM   353  O O    . ILE A 1 52  ? 12.928  6.551   -9.835  1.00 45.25  ? 858  ILE A O    1 
ATOM   354  C CB   . ILE A 1 52  ? 9.908   6.948   -10.332 1.00 33.98  ? 858  ILE A CB   1 
ATOM   355  C CG1  . ILE A 1 52  ? 8.717   7.171   -11.258 1.00 34.69  ? 858  ILE A CG1  1 
ATOM   356  C CG2  . ILE A 1 52  ? 9.558   7.375   -8.933  1.00 39.96  ? 858  ILE A CG2  1 
ATOM   357  C CD1  . ILE A 1 52  ? 7.521   6.312   -10.958 1.00 31.41  ? 858  ILE A CD1  1 
ATOM   358  N N    . PRO A 1 53  ? 12.617  8.653   -9.102  1.00 38.94  ? 859  PRO A N    1 
ATOM   359  C CA   . PRO A 1 53  ? 13.715  8.541   -8.136  1.00 41.47  ? 859  PRO A CA   1 
ATOM   360  C C    . PRO A 1 53  ? 13.448  7.436   -7.129  1.00 45.73  ? 859  PRO A C    1 
ATOM   361  O O    . PRO A 1 53  ? 12.305  7.177   -6.743  1.00 46.56  ? 859  PRO A O    1 
ATOM   362  C CB   . PRO A 1 53  ? 13.732  9.915   -7.459  1.00 43.37  ? 859  PRO A CB   1 
ATOM   363  C CG   . PRO A 1 53  ? 12.955  10.820  -8.376  1.00 39.25  ? 859  PRO A CG   1 
ATOM   364  C CD   . PRO A 1 53  ? 11.944  9.956   -9.030  1.00 41.65  ? 859  PRO A CD   1 
ATOM   365  N N    . THR A 1 54  ? 14.524  6.778   -6.702  1.00 49.64  ? 860  THR A N    1 
ATOM   366  C CA   . THR A 1 54  ? 14.442  5.649   -5.786  1.00 45.35  ? 860  THR A CA   1 
ATOM   367  C C    . THR A 1 54  ? 15.387  5.876   -4.614  1.00 49.98  ? 860  THR A C    1 
ATOM   368  O O    . THR A 1 54  ? 16.442  6.498   -4.757  1.00 53.51  ? 860  THR A O    1 
ATOM   369  C CB   . THR A 1 54  ? 14.786  4.329   -6.485  1.00 40.11  ? 860  THR A CB   1 
ATOM   370  O OG1  . THR A 1 54  ? 16.171  4.327   -6.830  1.00 52.84  ? 860  THR A OG1  1 
ATOM   371  C CG2  . THR A 1 54  ? 13.984  4.177   -7.760  1.00 45.34  ? 860  THR A CG2  1 
ATOM   372  N N    . ARG A 1 55  ? 14.987  5.385   -3.443  1.00 47.38  ? 861  ARG A N    1 
ATOM   373  C CA   . ARG A 1 55  ? 15.815  5.425   -2.247  1.00 49.25  ? 861  ARG A CA   1 
ATOM   374  C C    . ARG A 1 55  ? 15.648  4.120   -1.488  1.00 50.86  ? 861  ARG A C    1 
ATOM   375  O O    . ARG A 1 55  ? 14.527  3.628   -1.324  1.00 47.78  ? 861  ARG A O    1 
ATOM   376  C CB   . ARG A 1 55  ? 15.457  6.593   -1.317  1.00 44.43  ? 861  ARG A CB   1 
ATOM   377  C CG   . ARG A 1 55  ? 15.645  7.966   -1.918  1.00 50.21  ? 861  ARG A CG   1 
ATOM   378  C CD   . ARG A 1 55  ? 17.093  8.443   -1.933  1.00 54.72  ? 861  ARG A CD   1 
ATOM   379  N NE   . ARG A 1 55  ? 17.155  9.872   -2.249  1.00 58.62  ? 861  ARG A NE   1 
ATOM   380  C CZ   . ARG A 1 55  ? 17.272  10.366  -3.479  1.00 63.53  ? 861  ARG A CZ   1 
ATOM   381  N NH1  . ARG A 1 55  ? 17.356  9.551   -4.524  1.00 57.59  ? 861  ARG A NH1  1 
ATOM   382  N NH2  . ARG A 1 55  ? 17.302  11.679  -3.665  1.00 64.59  ? 861  ARG A NH2  1 
ATOM   383  N N    . VAL A 1 56  ? 16.768  3.565   -1.032  1.00 47.53  ? 862  VAL A N    1 
ATOM   384  C CA   . VAL A 1 56  ? 16.784  2.330   -0.262  1.00 42.49  ? 862  VAL A CA   1 
ATOM   385  C C    . VAL A 1 56  ? 17.158  2.660   1.172   1.00 44.79  ? 862  VAL A C    1 
ATOM   386  O O    . VAL A 1 56  ? 18.136  3.368   1.420   1.00 48.08  ? 862  VAL A O    1 
ATOM   387  C CB   . VAL A 1 56  ? 17.753  1.302   -0.859  1.00 39.18  ? 862  VAL A CB   1 
ATOM   388  C CG1  . VAL A 1 56  ? 17.665  0.004   -0.096  1.00 42.19  ? 862  VAL A CG1  1 
ATOM   389  C CG2  . VAL A 1 56  ? 17.424  1.085   -2.312  1.00 45.40  ? 862  VAL A CG2  1 
ATOM   390  N N    . ILE A 1 57  ? 16.377  2.153   2.110   1.00 45.62  ? 863  ILE A N    1 
ATOM   391  C CA   . ILE A 1 57  ? 16.566  2.418   3.527   1.00 51.10  ? 863  ILE A CA   1 
ATOM   392  C C    . ILE A 1 57  ? 16.562  1.057   4.215   1.00 59.27  ? 863  ILE A C    1 
ATOM   393  O O    . ILE A 1 57  ? 15.495  0.497   4.495   1.00 58.53  ? 863  ILE A O    1 
ATOM   394  C CB   . ILE A 1 57  ? 15.485  3.345   4.095   1.00 43.16  ? 863  ILE A CB   1 
ATOM   395  C CG1  . ILE A 1 57  ? 15.619  4.739   3.481   1.00 49.39  ? 863  ILE A CG1  1 
ATOM   396  C CG2  . ILE A 1 57  ? 15.576  3.427   5.597   1.00 45.55  ? 863  ILE A CG2  1 
ATOM   397  C CD1  . ILE A 1 57  ? 14.764  5.803   4.158   1.00 49.54  ? 863  ILE A CD1  1 
ATOM   398  N N    . ASN A 1 58  ? 17.752  0.509   4.470   1.00 59.72  ? 864  ASN A N    1 
ATOM   399  C CA   . ASN A 1 58  ? 17.872  -0.792  5.124   1.00 58.48  ? 864  ASN A CA   1 
ATOM   400  C C    . ASN A 1 58  ? 17.430  -0.675  6.578   1.00 63.30  ? 864  ASN A C    1 
ATOM   401  O O    . ASN A 1 58  ? 18.152  -0.119  7.408   1.00 66.35  ? 864  ASN A O    1 
ATOM   402  C CB   . ASN A 1 58  ? 19.307  -1.296  5.036   1.00 58.80  ? 864  ASN A CB   1 
ATOM   403  C CG   . ASN A 1 58  ? 19.453  -2.725  5.536   1.00 73.02  ? 864  ASN A CG   1 
ATOM   404  O OD1  . ASN A 1 58  ? 18.607  -3.222  6.281   1.00 68.95  ? 864  ASN A OD1  1 
ATOM   405  N ND2  . ASN A 1 58  ? 20.530  -3.394  5.125   1.00 75.91  ? 864  ASN A ND2  1 
ATOM   406  N N    . HIS A 1 59  ? 16.243  -1.204  6.889   1.00 61.81  ? 865  HIS A N    1 
ATOM   407  C CA   . HIS A 1 59  ? 15.735  -1.154  8.257   1.00 61.02  ? 865  HIS A CA   1 
ATOM   408  C C    . HIS A 1 59  ? 16.663  -1.853  9.235   1.00 62.48  ? 865  HIS A C    1 
ATOM   409  O O    . HIS A 1 59  ? 16.602  -1.575  10.437  1.00 57.96  ? 865  HIS A O    1 
ATOM   410  C CB   . HIS A 1 59  ? 14.349  -1.791  8.336   1.00 60.64  ? 865  HIS A CB   1 
ATOM   411  C CG   . HIS A 1 59  ? 14.341  -3.265  8.052   1.00 58.02  ? 865  HIS A CG   1 
ATOM   412  N ND1  . HIS A 1 59  ? 14.801  -3.803  6.868   1.00 58.36  ? 865  HIS A ND1  1 
ATOM   413  C CD2  . HIS A 1 59  ? 13.908  -4.310  8.794   1.00 56.53  ? 865  HIS A CD2  1 
ATOM   414  C CE1  . HIS A 1 59  ? 14.658  -5.115  6.898   1.00 58.61  ? 865  HIS A CE1  1 
ATOM   415  N NE2  . HIS A 1 59  ? 14.117  -5.450  8.056   1.00 56.68  ? 865  HIS A NE2  1 
ATOM   416  N N    . LYS A 1 60  ? 17.514  -2.753  8.738   1.00 66.29  ? 866  LYS A N    1 
ATOM   417  C CA   . LYS A 1 60  ? 18.412  -3.551  9.562   1.00 67.22  ? 866  LYS A CA   1 
ATOM   418  C C    . LYS A 1 60  ? 19.503  -2.723  10.237  1.00 71.43  ? 866  LYS A C    1 
ATOM   419  O O    . LYS A 1 60  ? 20.159  -3.228  11.159  1.00 72.59  ? 866  LYS A O    1 
ATOM   420  C CB   . LYS A 1 60  ? 19.056  -4.652  8.706   1.00 63.14  ? 866  LYS A CB   1 
ATOM   421  C CG   . LYS A 1 60  ? 18.108  -5.735  8.167   1.00 59.57  ? 866  LYS A CG   1 
ATOM   422  C CD   . LYS A 1 60  ? 18.858  -7.073  8.020   1.00 65.01  ? 866  LYS A CD   1 
ATOM   423  C CE   . LYS A 1 60  ? 18.054  -8.147  7.298   1.00 59.26  ? 866  LYS A CE   1 
ATOM   424  N NZ   . LYS A 1 60  ? 18.340  -8.169  5.840   1.00 55.22  ? 866  LYS A NZ   1 
ATOM   425  N N    . LEU A 1 61  ? 19.702  -1.472  9.820   1.00 65.85  ? 867  LEU A N    1 
ATOM   426  C CA   . LEU A 1 61  ? 20.827  -0.654  10.254  1.00 59.68  ? 867  LEU A CA   1 
ATOM   427  C C    . LEU A 1 61  ? 20.456  0.378   11.309  1.00 59.63  ? 867  LEU A C    1 
ATOM   428  O O    . LEU A 1 61  ? 21.310  1.181   11.696  1.00 63.22  ? 867  LEU A O    1 
ATOM   429  C CB   . LEU A 1 61  ? 21.450  0.048   9.041   1.00 50.32  ? 867  LEU A CB   1 
ATOM   430  C CG   . LEU A 1 61  ? 22.340  -0.811  8.144   1.00 55.63  ? 867  LEU A CG   1 
ATOM   431  C CD1  . LEU A 1 61  ? 21.841  -2.243  8.075   1.00 60.86  ? 867  LEU A CD1  1 
ATOM   432  C CD2  . LEU A 1 61  ? 22.431  -0.219  6.747   1.00 49.46  ? 867  LEU A CD2  1 
ATOM   433  N N    . TYR A 1 62  ? 19.221  0.376   11.793  1.00 62.39  ? 868  TYR A N    1 
ATOM   434  C CA   . TYR A 1 62  ? 18.745  1.393   12.720  1.00 66.75  ? 868  TYR A CA   1 
ATOM   435  C C    . TYR A 1 62  ? 18.509  0.771   14.085  1.00 62.39  ? 868  TYR A C    1 
ATOM   436  O O    . TYR A 1 62  ? 18.084  -0.383  14.185  1.00 57.58  ? 868  TYR A O    1 
ATOM   437  C CB   . TYR A 1 62  ? 17.460  2.059   12.201  1.00 63.41  ? 868  TYR A CB   1 
ATOM   438  C CG   . TYR A 1 62  ? 17.677  2.914   10.965  1.00 62.26  ? 868  TYR A CG   1 
ATOM   439  C CD1  . TYR A 1 62  ? 17.818  2.334   9.709   1.00 60.72  ? 868  TYR A CD1  1 
ATOM   440  C CD2  . TYR A 1 62  ? 17.755  4.297   11.054  1.00 63.42  ? 868  TYR A CD2  1 
ATOM   441  C CE1  . TYR A 1 62  ? 18.033  3.107   8.579   1.00 58.82  ? 868  TYR A CE1  1 
ATOM   442  C CE2  . TYR A 1 62  ? 17.967  5.078   9.928   1.00 58.31  ? 868  TYR A CE2  1 
ATOM   443  C CZ   . TYR A 1 62  ? 18.105  4.480   8.694   1.00 57.73  ? 868  TYR A CZ   1 
ATOM   444  O OH   . TYR A 1 62  ? 18.310  5.259   7.574   1.00 47.08  ? 868  TYR A OH   1 
ATOM   445  N N    . LYS A 1 63  ? 18.798  1.535   15.136  1.00 65.41  ? 869  LYS A N    1 
ATOM   446  C CA   . LYS A 1 63  ? 18.588  1.031   16.484  1.00 66.78  ? 869  LYS A CA   1 
ATOM   447  C C    . LYS A 1 63  ? 17.163  0.516   16.645  1.00 64.04  ? 869  LYS A C    1 
ATOM   448  O O    . LYS A 1 63  ? 16.944  -0.655  16.964  1.00 68.48  ? 869  LYS A O    1 
ATOM   449  C CB   . LYS A 1 63  ? 18.917  2.122   17.504  1.00 64.95  ? 869  LYS A CB   1 
ATOM   450  C CG   . LYS A 1 63  ? 20.409  2.268   17.767  1.00 58.74  ? 869  LYS A CG   1 
ATOM   451  C CD   . LYS A 1 63  ? 20.728  3.456   18.664  1.00 62.57  ? 869  LYS A CD   1 
ATOM   452  C CE   . LYS A 1 63  ? 20.171  3.274   20.063  1.00 67.83  ? 869  LYS A CE   1 
ATOM   453  N NZ   . LYS A 1 63  ? 20.553  4.396   20.968  1.00 70.12  ? 869  LYS A NZ   1 
ATOM   454  N N    . ASN A 1 64  ? 16.174  1.366   16.398  1.00 59.02  ? 870  ASN A N    1 
ATOM   455  C CA   . ASN A 1 64  ? 14.789  0.956   16.596  1.00 62.50  ? 870  ASN A CA   1 
ATOM   456  C C    . ASN A 1 64  ? 13.921  1.282   15.387  1.00 68.72  ? 870  ASN A C    1 
ATOM   457  O O    . ASN A 1 64  ? 14.435  1.623   14.317  1.00 72.31  ? 870  ASN A O    1 
ATOM   458  C CB   . ASN A 1 64  ? 14.224  1.627   17.841  1.00 66.01  ? 870  ASN A CB   1 
ATOM   459  C CG   . ASN A 1 64  ? 14.540  3.100   17.889  1.00 70.50  ? 870  ASN A CG   1 
ATOM   460  O OD1  . ASN A 1 64  ? 14.665  3.751   16.853  1.00 69.51  ? 870  ASN A OD1  1 
ATOM   461  N ND2  . ASN A 1 64  ? 14.690  3.634   19.092  1.00 79.37  ? 870  ASN A ND2  1 
ATOM   462  N N    . ARG A 1 65  ? 12.601  1.177   15.540  1.00 64.09  ? 871  ARG A N    1 
ATOM   463  C CA   . ARG A 1 65  ? 11.718  1.575   14.449  1.00 64.98  ? 871  ARG A CA   1 
ATOM   464  C C    . ARG A 1 65  ? 11.723  3.089   14.268  1.00 62.96  ? 871  ARG A C    1 
ATOM   465  O O    . ARG A 1 65  ? 11.889  3.591   13.152  1.00 63.69  ? 871  ARG A O    1 
ATOM   466  C CB   . ARG A 1 65  ? 10.299  1.063   14.697  1.00 58.21  ? 871  ARG A CB   1 
ATOM   467  C CG   . ARG A 1 65  ? 10.180  -0.447  14.710  1.00 55.49  ? 871  ARG A CG   1 
ATOM   468  C CD   . ARG A 1 65  ? 8.738   -0.886  14.498  1.00 55.27  ? 871  ARG A CD   1 
ATOM   469  N NE   . ARG A 1 65  ? 8.528   -2.299  14.823  1.00 53.58  ? 871  ARG A NE   1 
ATOM   470  C CZ   . ARG A 1 65  ? 8.625   -3.300  13.954  1.00 48.46  ? 871  ARG A CZ   1 
ATOM   471  N NH1  . ARG A 1 65  ? 8.933   -3.069  12.687  1.00 53.86  ? 871  ARG A NH1  1 
ATOM   472  N NH2  . ARG A 1 65  ? 8.414   -4.539  14.356  1.00 53.38  ? 871  ARG A NH2  1 
ATOM   473  N N    . VAL A 1 66  ? 11.571  3.835   15.361  1.00 58.52  ? 872  VAL A N    1 
ATOM   474  C CA   . VAL A 1 66  ? 11.407  5.279   15.250  1.00 60.60  ? 872  VAL A CA   1 
ATOM   475  C C    . VAL A 1 66  ? 12.602  5.933   14.573  1.00 58.12  ? 872  VAL A C    1 
ATOM   476  O O    . VAL A 1 66  ? 12.448  6.935   13.868  1.00 55.24  ? 872  VAL A O    1 
ATOM   477  C CB   . VAL A 1 66  ? 11.143  5.878   16.641  1.00 60.93  ? 872  VAL A CB   1 
ATOM   478  C CG1  . VAL A 1 66  ? 10.812  7.353   16.523  1.00 57.20  ? 872  VAL A CG1  1 
ATOM   479  C CG2  . VAL A 1 66  ? 10.021  5.120   17.319  1.00 56.03  ? 872  VAL A CG2  1 
ATOM   480  N N    . GLU A 1 67  ? 13.805  5.403   14.772  1.00 59.97  ? 873  GLU A N    1 
ATOM   481  C CA   . GLU A 1 67  ? 14.959  5.944   14.062  1.00 63.50  ? 873  GLU A CA   1 
ATOM   482  C C    . GLU A 1 67  ? 14.989  5.526   12.598  1.00 60.66  ? 873  GLU A C    1 
ATOM   483  O O    . GLU A 1 67  ? 15.581  6.233   11.777  1.00 56.49  ? 873  GLU A O    1 
ATOM   484  C CB   . GLU A 1 67  ? 16.261  5.528   14.756  1.00 64.36  ? 873  GLU A CB   1 
ATOM   485  C CG   . GLU A 1 67  ? 16.518  6.259   16.072  1.00 62.13  ? 873  GLU A CG   1 
ATOM   486  C CD   . GLU A 1 67  ? 16.530  7.782   15.917  1.00 69.50  ? 873  GLU A CD   1 
ATOM   487  O OE1  . GLU A 1 67  ? 16.722  8.274   14.786  1.00 73.94  ? 873  GLU A OE1  1 
ATOM   488  O OE2  . GLU A 1 67  ? 16.343  8.492   16.928  1.00 70.66  ? 873  GLU A OE2  1 
ATOM   489  N N    . PHE A 1 68  ? 14.348  4.406   12.258  1.00 59.11  ? 874  PHE A N    1 
ATOM   490  C CA   . PHE A 1 68  ? 14.222  3.979   10.871  1.00 55.89  ? 874  PHE A CA   1 
ATOM   491  C C    . PHE A 1 68  ? 13.138  4.770   10.144  1.00 55.49  ? 874  PHE A C    1 
ATOM   492  O O    . PHE A 1 68  ? 13.341  5.227   9.016   1.00 50.03  ? 874  PHE A O    1 
ATOM   493  C CB   . PHE A 1 68  ? 13.929  2.480   10.833  1.00 58.63  ? 874  PHE A CB   1 
ATOM   494  C CG   . PHE A 1 68  ? 13.242  2.017   9.577   1.00 59.50  ? 874  PHE A CG   1 
ATOM   495  C CD1  . PHE A 1 68  ? 13.974  1.703   8.443   1.00 56.71  ? 874  PHE A CD1  1 
ATOM   496  C CD2  . PHE A 1 68  ? 11.866  1.862   9.543   1.00 54.23  ? 874  PHE A CD2  1 
ATOM   497  C CE1  . PHE A 1 68  ? 13.348  1.262   7.295   1.00 50.78  ? 874  PHE A CE1  1 
ATOM   498  C CE2  . PHE A 1 68  ? 11.238  1.422   8.398   1.00 52.77  ? 874  PHE A CE2  1 
ATOM   499  C CZ   . PHE A 1 68  ? 11.981  1.123   7.271   1.00 47.76  ? 874  PHE A CZ   1 
ATOM   500  N N    . ASP A 1 69  ? 11.980  4.952   10.785  1.00 59.88  ? 875  ASP A N    1 
ATOM   501  C CA   . ASP A 1 69  ? 10.910  5.739   10.177  1.00 54.52  ? 875  ASP A CA   1 
ATOM   502  C C    . ASP A 1 69  ? 11.366  7.172   9.926   1.00 52.42  ? 875  ASP A C    1 
ATOM   503  O O    . ASP A 1 69  ? 10.983  7.782   8.926   1.00 52.18  ? 875  ASP A O    1 
ATOM   504  C CB   . ASP A 1 69  ? 9.659   5.728   11.066  1.00 53.18  ? 875  ASP A CB   1 
ATOM   505  C CG   . ASP A 1 69  ? 9.176   4.315   11.424  1.00 62.91  ? 875  ASP A CG   1 
ATOM   506  O OD1  . ASP A 1 69  ? 9.688   3.307   10.878  1.00 61.71  ? 875  ASP A OD1  1 
ATOM   507  O OD2  . ASP A 1 69  ? 8.267   4.216   12.278  1.00 62.52  ? 875  ASP A OD2  1 
ATOM   508  N N    . SER A 1 70  ? 12.173  7.732   10.836  1.00 54.79  ? 876  SER A N    1 
ATOM   509  C CA   . SER A 1 70  ? 12.697  9.090   10.662  1.00 47.42  ? 876  SER A CA   1 
ATOM   510  C C    . SER A 1 70  ? 13.422  9.235   9.334   1.00 49.05  ? 876  SER A C    1 
ATOM   511  O O    . SER A 1 70  ? 13.202  10.201  8.596   1.00 45.63  ? 876  SER A O    1 
ATOM   512  C CB   . SER A 1 70  ? 13.646  9.451   11.805  1.00 54.84  ? 876  SER A CB   1 
ATOM   513  O OG   . SER A 1 70  ? 13.019  9.332   13.064  1.00 64.46  ? 876  SER A OG   1 
ATOM   514  N N    . ALA A 1 71  ? 14.319  8.292   9.028   1.00 48.40  ? 877  ALA A N    1 
ATOM   515  C CA   . ALA A 1 71  ? 15.024  8.316   7.751   1.00 44.51  ? 877  ALA A CA   1 
ATOM   516  C C    . ALA A 1 71  ? 14.046  8.306   6.591   1.00 49.40  ? 877  ALA A C    1 
ATOM   517  O O    . ALA A 1 71  ? 14.260  8.982   5.581   1.00 53.40  ? 877  ALA A O    1 
ATOM   518  C CB   . ALA A 1 71  ? 15.968  7.124   7.646   1.00 49.48  ? 877  ALA A CB   1 
ATOM   519  N N    . ILE A 1 72  ? 12.968  7.534   6.716   1.00 51.44  ? 878  ILE A N    1 
ATOM   520  C CA   . ILE A 1 72  ? 11.912  7.551   5.708   1.00 47.93  ? 878  ILE A CA   1 
ATOM   521  C C    . ILE A 1 72  ? 11.244  8.920   5.670   1.00 47.15  ? 878  ILE A C    1 
ATOM   522  O O    . ILE A 1 72  ? 11.250  9.609   4.646   1.00 48.16  ? 878  ILE A O    1 
ATOM   523  C CB   . ILE A 1 72  ? 10.890  6.440   5.989   1.00 46.96  ? 878  ILE A CB   1 
ATOM   524  C CG1  . ILE A 1 72  ? 11.459  5.091   5.584   1.00 43.78  ? 878  ILE A CG1  1 
ATOM   525  C CG2  . ILE A 1 72  ? 9.595   6.718   5.262   1.00 48.09  ? 878  ILE A CG2  1 
ATOM   526  C CD1  . ILE A 1 72  ? 10.493  3.989   5.781   1.00 37.04  ? 878  ILE A CD1  1 
ATOM   527  N N    . ASP A 1 73  ? 10.651  9.330   6.792   1.00 47.07  ? 879  ASP A N    1 
ATOM   528  C CA   . ASP A 1 73  ? 9.954   10.611  6.847   1.00 47.47  ? 879  ASP A CA   1 
ATOM   529  C C    . ASP A 1 73  ? 10.842  11.751  6.368   1.00 50.25  ? 879  ASP A C    1 
ATOM   530  O O    . ASP A 1 73  ? 10.343  12.766  5.876   1.00 52.39  ? 879  ASP A O    1 
ATOM   531  C CB   . ASP A 1 73  ? 9.452   10.852  8.276   1.00 50.37  ? 879  ASP A CB   1 
ATOM   532  C CG   . ASP A 1 73  ? 8.575   12.089  8.407   1.00 53.80  ? 879  ASP A CG   1 
ATOM   533  O OD1  . ASP A 1 73  ? 9.027   13.067  9.039   1.00 56.66  ? 879  ASP A OD1  1 
ATOM   534  O OD2  . ASP A 1 73  ? 7.434   12.080  7.893   1.00 51.79  ? 879  ASP A OD2  1 
ATOM   535  N N    . LEU A 1 74  ? 12.157  11.596  6.474   1.00 48.32  ? 880  LEU A N    1 
ATOM   536  C CA   . LEU A 1 74  ? 13.053  12.618  5.946   1.00 48.46  ? 880  LEU A CA   1 
ATOM   537  C C    . LEU A 1 74  ? 12.924  12.730  4.431   1.00 46.69  ? 880  LEU A C    1 
ATOM   538  O O    . LEU A 1 74  ? 12.720  13.824  3.894   1.00 41.26  ? 880  LEU A O    1 
ATOM   539  C CB   . LEU A 1 74  ? 14.487  12.292  6.347   1.00 50.18  ? 880  LEU A CB   1 
ATOM   540  C CG   . LEU A 1 74  ? 15.497  13.419  6.188   1.00 48.18  ? 880  LEU A CG   1 
ATOM   541  C CD1  . LEU A 1 74  ? 15.300  14.459  7.265   1.00 37.67  ? 880  LEU A CD1  1 
ATOM   542  C CD2  . LEU A 1 74  ? 16.898  12.839  6.230   1.00 56.59  ? 880  LEU A CD2  1 
ATOM   543  N N    . VAL A 1 75  ? 13.054  11.601  3.728   1.00 45.73  ? 881  VAL A N    1 
ATOM   544  C CA   . VAL A 1 75  ? 12.905  11.581  2.273   1.00 44.90  ? 881  VAL A CA   1 
ATOM   545  C C    . VAL A 1 75  ? 11.515  12.056  1.865   1.00 47.85  ? 881  VAL A C    1 
ATOM   546  O O    . VAL A 1 75  ? 11.347  12.769  0.868   1.00 44.11  ? 881  VAL A O    1 
ATOM   547  C CB   . VAL A 1 75  ? 13.185  10.165  1.738   1.00 39.13  ? 881  VAL A CB   1 
ATOM   548  C CG1  . VAL A 1 75  ? 12.826  10.078  0.279   1.00 40.26  ? 881  VAL A CG1  1 
ATOM   549  C CG2  . VAL A 1 75  ? 14.636  9.788   1.947   1.00 46.24  ? 881  VAL A CG2  1 
ATOM   550  N N    . LEU A 1 76  ? 10.493  11.645  2.610   1.00 46.19  ? 882  LEU A N    1 
ATOM   551  C CA   . LEU A 1 76  ? 9.138   12.074  2.291   1.00 43.26  ? 882  LEU A CA   1 
ATOM   552  C C    . LEU A 1 76  ? 9.033   13.589  2.288   1.00 44.89  ? 882  LEU A C    1 
ATOM   553  O O    . LEU A 1 76  ? 8.385   14.169  1.410   1.00 44.20  ? 882  LEU A O    1 
ATOM   554  C CB   . LEU A 1 76  ? 8.149   11.477  3.289   1.00 43.98  ? 882  LEU A CB   1 
ATOM   555  C CG   . LEU A 1 76  ? 7.685   10.064  2.972   1.00 45.42  ? 882  LEU A CG   1 
ATOM   556  C CD1  . LEU A 1 76  ? 8.748   9.051   3.337   1.00 44.33  ? 882  LEU A CD1  1 
ATOM   557  C CD2  . LEU A 1 76  ? 6.407   9.785   3.707   1.00 46.67  ? 882  LEU A CD2  1 
ATOM   558  N N    . GLU A 1 77  ? 9.651   14.245  3.278   1.00 50.16  ? 883  GLU A N    1 
ATOM   559  C CA   . GLU A 1 77  ? 9.656   15.703  3.339   1.00 46.16  ? 883  GLU A CA   1 
ATOM   560  C C    . GLU A 1 77  ? 10.522  16.294  2.242   1.00 43.61  ? 883  GLU A C    1 
ATOM   561  O O    . GLU A 1 77  ? 10.183  17.332  1.670   1.00 41.32  ? 883  GLU A O    1 
ATOM   562  C CB   . GLU A 1 77  ? 10.158  16.173  4.700   1.00 46.75  ? 883  GLU A CB   1 
ATOM   563  C CG   . GLU A 1 77  ? 9.286   15.772  5.854   1.00 49.98  ? 883  GLU A CG   1 
ATOM   564  C CD   . GLU A 1 77  ? 8.042   16.593  5.896   1.00 59.75  ? 883  GLU A CD   1 
ATOM   565  O OE1  . GLU A 1 77  ? 7.967   17.544  5.093   1.00 69.37  ? 883  GLU A OE1  1 
ATOM   566  O OE2  . GLU A 1 77  ? 7.143   16.298  6.713   1.00 59.47  ? 883  GLU A OE2  1 
ATOM   567  N N    . GLU A 1 78  ? 11.652  15.652  1.944   1.00 40.61  ? 884  GLU A N    1 
ATOM   568  C CA   . GLU A 1 78  ? 12.523  16.135  0.881   1.00 44.85  ? 884  GLU A CA   1 
ATOM   569  C C    . GLU A 1 78  ? 11.750  16.307  -0.418  1.00 46.40  ? 884  GLU A C    1 
ATOM   570  O O    . GLU A 1 78  ? 11.863  17.340  -1.086  1.00 43.68  ? 884  GLU A O    1 
ATOM   571  C CB   . GLU A 1 78  ? 13.707  15.183  0.691   1.00 48.49  ? 884  GLU A CB   1 
ATOM   572  C CG   . GLU A 1 78  ? 14.843  15.757  -0.154  1.00 48.82  ? 884  GLU A CG   1 
ATOM   573  C CD   . GLU A 1 78  ? 15.847  14.699  -0.606  1.00 65.16  ? 884  GLU A CD   1 
ATOM   574  O OE1  . GLU A 1 78  ? 15.741  13.541  -0.135  1.00 61.54  ? 884  GLU A OE1  1 
ATOM   575  O OE2  . GLU A 1 78  ? 16.733  15.017  -1.440  1.00 60.92  ? 884  GLU A OE2  1 
ATOM   576  N N    . PHE A 1 79  ? 10.935  15.312  -0.782  1.00 43.18  ? 885  PHE A N    1 
ATOM   577  C CA   . PHE A 1 79  ? 10.135  15.370  -1.998  1.00 39.24  ? 885  PHE A CA   1 
ATOM   578  C C    . PHE A 1 79  ? 8.734   15.917  -1.768  1.00 43.48  ? 885  PHE A C    1 
ATOM   579  O O    . PHE A 1 79  ? 7.864   15.732  -2.625  1.00 45.26  ? 885  PHE A O    1 
ATOM   580  C CB   . PHE A 1 79  ? 10.046  13.992  -2.643  1.00 37.48  ? 885  PHE A CB   1 
ATOM   581  C CG   . PHE A 1 79  ? 11.346  13.491  -3.160  1.00 37.26  ? 885  PHE A CG   1 
ATOM   582  C CD1  . PHE A 1 79  ? 12.344  13.104  -2.292  1.00 38.94  ? 885  PHE A CD1  1 
ATOM   583  C CD2  . PHE A 1 79  ? 11.569  13.395  -4.515  1.00 36.05  ? 885  PHE A CD2  1 
ATOM   584  C CE1  . PHE A 1 79  ? 13.541  12.638  -2.768  1.00 41.12  ? 885  PHE A CE1  1 
ATOM   585  C CE2  . PHE A 1 79  ? 12.771  12.927  -4.993  1.00 38.40  ? 885  PHE A CE2  1 
ATOM   586  C CZ   . PHE A 1 79  ? 13.758  12.551  -4.120  1.00 37.68  ? 885  PHE A CZ   1 
ATOM   587  N N    . SER A 1 80  ? 8.491   16.562  -0.629  1.00 40.21  ? 886  SER A N    1 
ATOM   588  C CA   . SER A 1 80  ? 7.255   17.304  -0.406  1.00 40.30  ? 886  SER A CA   1 
ATOM   589  C C    . SER A 1 80  ? 6.023   16.443  -0.650  1.00 42.94  ? 886  SER A C    1 
ATOM   590  O O    . SER A 1 80  ? 5.049   16.884  -1.263  1.00 44.08  ? 886  SER A O    1 
ATOM   591  C CB   . SER A 1 80  ? 7.232   18.545  -1.284  1.00 43.09  ? 886  SER A CB   1 
ATOM   592  O OG   . SER A 1 80  ? 8.522   19.126  -1.290  1.00 46.87  ? 886  SER A OG   1 
ATOM   593  N N    . ILE A 1 81  ? 6.055   15.220  -0.126  1.00 39.83  ? 887  ILE A N    1 
ATOM   594  C CA   . ILE A 1 81  ? 5.066   14.195  -0.442  1.00 37.19  ? 887  ILE A CA   1 
ATOM   595  C C    . ILE A 1 81  ? 3.751   14.483  0.267   1.00 36.27  ? 887  ILE A C    1 
ATOM   596  O O    . ILE A 1 81  ? 3.719   14.711  1.478   1.00 39.20  ? 887  ILE A O    1 
ATOM   597  C CB   . ILE A 1 81  ? 5.593   12.808  -0.063  1.00 35.77  ? 887  ILE A CB   1 
ATOM   598  C CG1  . ILE A 1 81  ? 6.754   12.431  -0.980  1.00 38.92  ? 887  ILE A CG1  1 
ATOM   599  C CG2  . ILE A 1 81  ? 4.478   11.804  -0.144  1.00 38.34  ? 887  ILE A CG2  1 
ATOM   600  C CD1  . ILE A 1 81  ? 6.429   12.539  -2.444  1.00 39.38  ? 887  ILE A CD1  1 
ATOM   601  N N    . ASP A 1 82  ? 2.655   14.434  -0.481  1.00 37.31  ? 888  ASP A N    1 
ATOM   602  C CA   . ASP A 1 82  ? 1.335   14.617  0.107   1.00 37.99  ? 888  ASP A CA   1 
ATOM   603  C C    . ASP A 1 82  ? 0.671   13.296  0.490   1.00 38.39  ? 888  ASP A C    1 
ATOM   604  O O    . ASP A 1 82  ? -0.172  13.282  1.393   1.00 37.45  ? 888  ASP A O    1 
ATOM   605  C CB   . ASP A 1 82  ? 0.429   15.391  -0.857  1.00 34.88  ? 888  ASP A CB   1 
ATOM   606  C CG   . ASP A 1 82  ? 1.046   16.695  -1.322  1.00 41.98  ? 888  ASP A CG   1 
ATOM   607  O OD1  . ASP A 1 82  ? 1.793   17.311  -0.548  1.00 51.56  ? 888  ASP A OD1  1 
ATOM   608  O OD2  . ASP A 1 82  ? 0.786   17.112  -2.464  1.00 42.40  ? 888  ASP A OD2  1 
ATOM   609  N N    . ILE A 1 83  ? 1.019   12.191  -0.174  1.00 35.05  ? 889  ILE A N    1 
ATOM   610  C CA   . ILE A 1 83  ? 0.381   10.900  0.063   1.00 34.41  ? 889  ILE A CA   1 
ATOM   611  C C    . ILE A 1 83  ? 1.428   9.801   0.030   1.00 40.29  ? 889  ILE A C    1 
ATOM   612  O O    . ILE A 1 83  ? 2.311   9.796   -0.830  1.00 41.50  ? 889  ILE A O    1 
ATOM   613  C CB   . ILE A 1 83  ? -0.712  10.591  -0.974  1.00 33.14  ? 889  ILE A CB   1 
ATOM   614  C CG1  . ILE A 1 83  ? -1.798  11.659  -0.933  1.00 35.23  ? 889  ILE A CG1  1 
ATOM   615  C CG2  . ILE A 1 83  ? -1.306  9.241   -0.696  1.00 32.73  ? 889  ILE A CG2  1 
ATOM   616  C CD1  . ILE A 1 83  ? -2.936  11.380  -1.851  1.00 30.67  ? 889  ILE A CD1  1 
ATOM   617  N N    . VAL A 1 84  ? 1.303   8.848   0.950   1.00 39.18  ? 890  VAL A N    1 
ATOM   618  C CA   . VAL A 1 84  ? 2.210   7.711   1.056   1.00 35.92  ? 890  VAL A CA   1 
ATOM   619  C C    . VAL A 1 84  ? 1.441   6.445   0.713   1.00 36.16  ? 890  VAL A C    1 
ATOM   620  O O    . VAL A 1 84  ? 0.354   6.203   1.248   1.00 34.93  ? 890  VAL A O    1 
ATOM   621  C CB   . VAL A 1 84  ? 2.828   7.607   2.458   1.00 36.84  ? 890  VAL A CB   1 
ATOM   622  C CG1  . VAL A 1 84  ? 3.717   6.392   2.551   1.00 33.10  ? 890  VAL A CG1  1 
ATOM   623  C CG2  . VAL A 1 84  ? 3.608   8.854   2.763   1.00 40.35  ? 890  VAL A CG2  1 
ATOM   624  N N    . CYS A 1 85  ? 2.015   5.637   -0.174  1.00 40.72  ? 891  CYS A N    1 
ATOM   625  C CA   . CYS A 1 85  ? 1.422   4.385   -0.629  1.00 35.06  ? 891  CYS A CA   1 
ATOM   626  C C    . CYS A 1 85  ? 2.313   3.235   -0.188  1.00 37.91  ? 891  CYS A C    1 
ATOM   627  O O    . CYS A 1 85  ? 3.454   3.119   -0.640  1.00 38.04  ? 891  CYS A O    1 
ATOM   628  C CB   . CYS A 1 85  ? 1.241   4.379   -2.141  1.00 26.63  ? 891  CYS A CB   1 
ATOM   629  S SG   . CYS A 1 85  ? -0.324  5.057   -2.642  1.00 29.62  ? 891  CYS A SG   1 
ATOM   630  N N    . LEU A 1 86  ? 1.796   2.409   0.715   1.00 40.21  ? 892  LEU A N    1 
ATOM   631  C CA   . LEU A 1 86  ? 2.405   1.134   1.049   1.00 36.78  ? 892  LEU A CA   1 
ATOM   632  C C    . LEU A 1 86  ? 1.905   0.108   0.048   1.00 42.46  ? 892  LEU A C    1 
ATOM   633  O O    . LEU A 1 86  ? 0.700   -0.161  -0.010  1.00 40.55  ? 892  LEU A O    1 
ATOM   634  C CB   . LEU A 1 86  ? 2.040   0.715   2.470   1.00 34.93  ? 892  LEU A CB   1 
ATOM   635  C CG   . LEU A 1 86  ? 2.244   1.802   3.513   1.00 36.14  ? 892  LEU A CG   1 
ATOM   636  C CD1  . LEU A 1 86  ? 1.958   1.274   4.894   1.00 39.75  ? 892  LEU A CD1  1 
ATOM   637  C CD2  . LEU A 1 86  ? 3.653   2.282   3.416   1.00 40.14  ? 892  LEU A CD2  1 
ATOM   638  N N    . ALA A 1 87  ? 2.816   -0.437  -0.762  1.00 41.42  ? 893  ALA A N    1 
ATOM   639  C CA   . ALA A 1 87  ? 2.449   -1.389  -1.815  1.00 37.78  ? 893  ALA A CA   1 
ATOM   640  C C    . ALA A 1 87  ? 3.469   -2.521  -1.773  1.00 37.58  ? 893  ALA A C    1 
ATOM   641  O O    . ALA A 1 87  ? 4.457   -2.513  -2.515  1.00 41.45  ? 893  ALA A O    1 
ATOM   642  C CB   . ALA A 1 87  ? 2.401   -0.721  -3.183  1.00 36.03  ? 893  ALA A CB   1 
ATOM   643  N N    . GLY A 1 88  ? 3.218   -3.498  -0.911  1.00 41.31  ? 894  GLY A N    1 
ATOM   644  C CA   . GLY A 1 88  ? 4.182   -4.546  -0.675  1.00 37.92  ? 894  GLY A CA   1 
ATOM   645  C C    . GLY A 1 88  ? 5.175   -4.225  0.407   1.00 38.69  ? 894  GLY A C    1 
ATOM   646  O O    . GLY A 1 88  ? 6.187   -4.921  0.523   1.00 41.12  ? 894  GLY A O    1 
ATOM   647  N N    . PHE A 1 89  ? 4.918   -3.188  1.196   1.00 42.24  ? 895  PHE A N    1 
ATOM   648  C CA   . PHE A 1 89  ? 5.803   -2.798  2.280   1.00 40.29  ? 895  PHE A CA   1 
ATOM   649  C C    . PHE A 1 89  ? 5.584   -3.720  3.461   1.00 43.17  ? 895  PHE A C    1 
ATOM   650  O O    . PHE A 1 89  ? 4.445   -3.912  3.899   1.00 46.24  ? 895  PHE A O    1 
ATOM   651  C CB   . PHE A 1 89  ? 5.552   -1.348  2.685   1.00 41.84  ? 895  PHE A CB   1 
ATOM   652  C CG   . PHE A 1 89  ? 6.679   -0.734  3.465   1.00 42.97  ? 895  PHE A CG   1 
ATOM   653  C CD1  . PHE A 1 89  ? 7.898   -0.480  2.858   1.00 41.39  ? 895  PHE A CD1  1 
ATOM   654  C CD2  . PHE A 1 89  ? 6.519   -0.406  4.801   1.00 42.01  ? 895  PHE A CD2  1 
ATOM   655  C CE1  . PHE A 1 89  ? 8.931   0.079   3.568   1.00 39.00  ? 895  PHE A CE1  1 
ATOM   656  C CE2  . PHE A 1 89  ? 7.551   0.157   5.514   1.00 38.08  ? 895  PHE A CE2  1 
ATOM   657  C CZ   . PHE A 1 89  ? 8.757   0.399   4.898   1.00 36.63  ? 895  PHE A CZ   1 
ATOM   658  N N    . MET A 1 90  ? 6.681   -4.273  3.985   1.00 48.59  ? 896  MET A N    1 
ATOM   659  C CA   . MET A 1 90  ? 6.629   -5.327  4.989   1.00 50.25  ? 896  MET A CA   1 
ATOM   660  C C    . MET A 1 90  ? 6.989   -4.893  6.406   1.00 46.87  ? 896  MET A C    1 
ATOM   661  O O    . MET A 1 90  ? 6.860   -5.708  7.323   1.00 51.33  ? 896  MET A O    1 
ATOM   662  C CB   . MET A 1 90  ? 7.546   -6.490  4.573   1.00 46.27  ? 896  MET A CB   1 
ATOM   663  C CG   . MET A 1 90  ? 6.922   -7.401  3.536   1.00 48.11  ? 896  MET A CG   1 
ATOM   664  S SD   . MET A 1 90  ? 5.275   -7.928  4.041   1.00 53.58  ? 896  MET A SD   1 
ATOM   665  C CE   . MET A 1 90  ? 4.797   -8.935  2.638   1.00 55.59  ? 896  MET A CE   1 
ATOM   666  N N    . ARG A 1 91  ? 7.415   -3.650  6.623   1.00 44.59  ? 897  ARG A N    1 
ATOM   667  C CA   . ARG A 1 91  ? 7.756   -3.176  7.959   1.00 45.84  ? 897  ARG A CA   1 
ATOM   668  C C    . ARG A 1 91  ? 6.538   -2.586  8.656   1.00 50.31  ? 897  ARG A C    1 
ATOM   669  O O    . ARG A 1 91  ? 5.708   -1.923  8.031   1.00 50.66  ? 897  ARG A O    1 
ATOM   670  C CB   . ARG A 1 91  ? 8.849   -2.107  7.915   1.00 45.54  ? 897  ARG A CB   1 
ATOM   671  C CG   . ARG A 1 91  ? 10.122  -2.507  7.232   1.00 49.02  ? 897  ARG A CG   1 
ATOM   672  C CD   . ARG A 1 91  ? 10.687  -3.739  7.857   1.00 56.35  ? 897  ARG A CD   1 
ATOM   673  N NE   . ARG A 1 91  ? 10.742  -3.643  9.310   1.00 59.17  ? 897  ARG A NE   1 
ATOM   674  C CZ   . ARG A 1 91  ? 11.062  -4.667  10.089  1.00 58.17  ? 897  ARG A CZ   1 
ATOM   675  N NH1  . ARG A 1 91  ? 11.353  -5.839  9.538   1.00 54.15  ? 897  ARG A NH1  1 
ATOM   676  N NH2  . ARG A 1 91  ? 11.094  -4.523  11.404  1.00 52.65  ? 897  ARG A NH2  1 
ATOM   677  N N    . ILE A 1 92  ? 6.450   -2.815  9.957   1.00 49.27  ? 898  ILE A N    1 
ATOM   678  C CA   . ILE A 1 92  ? 5.475   -2.111  10.777  1.00 48.73  ? 898  ILE A CA   1 
ATOM   679  C C    . ILE A 1 92  ? 6.022   -0.733  11.104  1.00 51.80  ? 898  ILE A C    1 
ATOM   680  O O    . ILE A 1 92  ? 7.236   -0.528  11.200  1.00 55.41  ? 898  ILE A O    1 
ATOM   681  C CB   . ILE A 1 92  ? 5.146   -2.907  12.051  1.00 48.06  ? 898  ILE A CB   1 
ATOM   682  C CG1  . ILE A 1 92  ? 4.343   -4.146  11.693  1.00 48.37  ? 898  ILE A CG1  1 
ATOM   683  C CG2  . ILE A 1 92  ? 4.317   -2.067  12.988  1.00 48.03  ? 898  ILE A CG2  1 
ATOM   684  C CD1  . ILE A 1 92  ? 2.899   -3.835  11.390  1.00 53.69  ? 898  ILE A CD1  1 
ATOM   685  N N    . LEU A 1 93  ? 5.123   0.226   11.268  1.00 50.89  ? 899  LEU A N    1 
ATOM   686  C CA   . LEU A 1 93  ? 5.500   1.621   11.412  1.00 55.82  ? 899  LEU A CA   1 
ATOM   687  C C    . LEU A 1 93  ? 5.203   2.114   12.821  1.00 58.59  ? 899  LEU A C    1 
ATOM   688  O O    . LEU A 1 93  ? 4.245   1.672   13.461  1.00 62.02  ? 899  LEU A O    1 
ATOM   689  C CB   . LEU A 1 93  ? 4.766   2.487   10.387  1.00 58.29  ? 899  LEU A CB   1 
ATOM   690  C CG   . LEU A 1 93  ? 5.012   2.100   8.926   1.00 55.25  ? 899  LEU A CG   1 
ATOM   691  C CD1  . LEU A 1 93  ? 4.245   3.026   8.004   1.00 53.33  ? 899  LEU A CD1  1 
ATOM   692  C CD2  . LEU A 1 93  ? 6.502   2.108   8.603   1.00 48.27  ? 899  LEU A CD2  1 
ATOM   693  N N    . SER A 1 94  ? 6.032   3.044   13.290  1.00 56.88  ? 900  SER A N    1 
ATOM   694  C CA   . SER A 1 94  ? 5.911   3.570   14.639  1.00 54.89  ? 900  SER A CA   1 
ATOM   695  C C    . SER A 1 94  ? 4.654   4.425   14.786  1.00 56.46  ? 900  SER A C    1 
ATOM   696  O O    . SER A 1 94  ? 4.100   4.941   13.815  1.00 59.50  ? 900  SER A O    1 
ATOM   697  C CB   . SER A 1 94  ? 7.143   4.398   14.993  1.00 61.18  ? 900  SER A CB   1 
ATOM   698  O OG   . SER A 1 94  ? 7.305   5.466   14.077  1.00 63.62  ? 900  SER A OG   1 
ATOM   699  N N    . GLY A 1 95  ? 4.213   4.576   16.030  1.00 60.33  ? 901  GLY A N    1 
ATOM   700  C CA   . GLY A 1 95  ? 3.029   5.340   16.345  1.00 58.58  ? 901  GLY A CA   1 
ATOM   701  C C    . GLY A 1 95  ? 3.103   6.772   15.857  1.00 57.31  ? 901  GLY A C    1 
ATOM   702  O O    . GLY A 1 95  ? 2.191   7.271   15.193  1.00 58.98  ? 901  GLY A O    1 
ATOM   703  N N    . PRO A 1 96  ? 4.191   7.470   16.192  1.00 59.40  ? 902  PRO A N    1 
ATOM   704  C CA   . PRO A 1 96  ? 4.344   8.843   15.683  1.00 62.61  ? 902  PRO A CA   1 
ATOM   705  C C    . PRO A 1 96  ? 4.299   8.913   14.167  1.00 62.60  ? 902  PRO A C    1 
ATOM   706  O O    . PRO A 1 96  ? 3.551   9.722   13.600  1.00 59.52  ? 902  PRO A O    1 
ATOM   707  C CB   . PRO A 1 96  ? 5.713   9.267   16.234  1.00 60.13  ? 902  PRO A CB   1 
ATOM   708  C CG   . PRO A 1 96  ? 5.947   8.384   17.391  1.00 61.72  ? 902  PRO A CG   1 
ATOM   709  C CD   . PRO A 1 96  ? 5.324   7.072   17.038  1.00 62.07  ? 902  PRO A CD   1 
ATOM   710  N N    . PHE A 1 97  ? 5.089   8.077   13.490  1.00 54.75  ? 903  PHE A N    1 
ATOM   711  C CA   . PHE A 1 97  ? 5.080   8.099   12.038  1.00 46.60  ? 903  PHE A CA   1 
ATOM   712  C C    . PHE A 1 97  ? 3.691   7.835   11.487  1.00 52.88  ? 903  PHE A C    1 
ATOM   713  O O    . PHE A 1 97  ? 3.326   8.372   10.437  1.00 57.96  ? 903  PHE A O    1 
ATOM   714  C CB   . PHE A 1 97  ? 6.056   7.077   11.481  1.00 52.12  ? 903  PHE A CB   1 
ATOM   715  C CG   . PHE A 1 97  ? 6.178   7.136   10.003  1.00 51.52  ? 903  PHE A CG   1 
ATOM   716  C CD1  . PHE A 1 97  ? 6.918   8.136   9.406   1.00 51.12  ? 903  PHE A CD1  1 
ATOM   717  C CD2  . PHE A 1 97  ? 5.529   6.222   9.205   1.00 49.77  ? 903  PHE A CD2  1 
ATOM   718  C CE1  . PHE A 1 97  ? 7.024   8.214   8.039   1.00 50.96  ? 903  PHE A CE1  1 
ATOM   719  C CE2  . PHE A 1 97  ? 5.632   6.292   7.833   1.00 52.09  ? 903  PHE A CE2  1 
ATOM   720  C CZ   . PHE A 1 97  ? 6.383   7.289   7.248   1.00 52.65  ? 903  PHE A CZ   1 
ATOM   721  N N    . VAL A 1 98  ? 2.899   7.014   12.167  1.00 50.02  ? 904  VAL A N    1 
ATOM   722  C CA   . VAL A 1 98  ? 1.564   6.759   11.655  1.00 50.75  ? 904  VAL A CA   1 
ATOM   723  C C    . VAL A 1 98  ? 0.626   7.908   11.980  1.00 52.79  ? 904  VAL A C    1 
ATOM   724  O O    . VAL A 1 98  ? -0.265  8.225   11.182  1.00 51.29  ? 904  VAL A O    1 
ATOM   725  C CB   . VAL A 1 98  ? 1.033   5.429   12.205  1.00 50.42  ? 904  VAL A CB   1 
ATOM   726  C CG1  . VAL A 1 98  ? -0.341  5.152   11.648  1.00 55.66  ? 904  VAL A CG1  1 
ATOM   727  C CG2  . VAL A 1 98  ? 1.996   4.301   11.866  1.00 52.42  ? 904  VAL A CG2  1 
ATOM   728  N N    . GLN A 1 99  ? 0.811   8.551   13.136  1.00 52.40  ? 905  GLN A N    1 
ATOM   729  C CA   . GLN A 1 99  ? -0.051  9.662   13.513  1.00 54.68  ? 905  GLN A CA   1 
ATOM   730  C C    . GLN A 1 99  ? 0.166   10.853  12.591  1.00 57.06  ? 905  GLN A C    1 
ATOM   731  O O    . GLN A 1 99  ? -0.797  11.544  12.226  1.00 52.86  ? 905  GLN A O    1 
ATOM   732  C CB   . GLN A 1 99  ? 0.199   10.041  14.972  1.00 54.09  ? 905  GLN A CB   1 
ATOM   733  N N    . LYS A 1 100 ? 1.425   11.100  12.202  1.00 53.95  ? 906  LYS A N    1 
ATOM   734  C CA   . LYS A 1 100 ? 1.740   12.218  11.316  1.00 47.12  ? 906  LYS A CA   1 
ATOM   735  C C    . LYS A 1 100 ? 0.979   12.111  10.006  1.00 52.42  ? 906  LYS A C    1 
ATOM   736  O O    . LYS A 1 100 ? 0.417   13.100  9.515   1.00 53.63  ? 906  LYS A O    1 
ATOM   737  C CB   . LYS A 1 100 ? 3.241   12.262  11.048  1.00 40.89  ? 906  LYS A CB   1 
ATOM   738  C CG   . LYS A 1 100 ? 3.644   13.336  10.069  1.00 45.59  ? 906  LYS A CG   1 
ATOM   739  C CD   . LYS A 1 100 ? 5.153   13.486  9.988   1.00 50.82  ? 906  LYS A CD   1 
ATOM   740  C CE   . LYS A 1 100 ? 5.539   14.615  9.052   1.00 51.44  ? 906  LYS A CE   1 
ATOM   741  N NZ   . LYS A 1 100 ? 7.006   14.756  8.958   1.00 49.15  ? 906  LYS A NZ   1 
ATOM   742  N N    . TRP A 1 101 ? 0.947   10.914  9.430   1.00 51.89  ? 907  TRP A N    1 
ATOM   743  C CA   . TRP A 1 101 ? 0.306   10.665  8.155   1.00 45.19  ? 907  TRP A CA   1 
ATOM   744  C C    . TRP A 1 101 ? -1.101  10.122  8.307   1.00 46.20  ? 907  TRP A C    1 
ATOM   745  O O    . TRP A 1 101 ? -1.619  9.488   7.380   1.00 46.12  ? 907  TRP A O    1 
ATOM   746  C CB   . TRP A 1 101 ? 1.162   9.711   7.344   1.00 43.08  ? 907  TRP A CB   1 
ATOM   747  C CG   . TRP A 1 101 ? 2.538   10.212  7.174   1.00 44.29  ? 907  TRP A CG   1 
ATOM   748  C CD1  . TRP A 1 101 ? 3.602   9.984   7.991   1.00 43.52  ? 907  TRP A CD1  1 
ATOM   749  C CD2  . TRP A 1 101 ? 3.013   11.036  6.112   1.00 44.74  ? 907  TRP A CD2  1 
ATOM   750  N NE1  . TRP A 1 101 ? 4.717   10.611  7.497   1.00 42.76  ? 907  TRP A NE1  1 
ATOM   751  C CE2  . TRP A 1 101 ? 4.379   11.267  6.342   1.00 45.44  ? 907  TRP A CE2  1 
ATOM   752  C CE3  . TRP A 1 101 ? 2.415   11.599  4.983   1.00 43.40  ? 907  TRP A CE3  1 
ATOM   753  C CZ2  . TRP A 1 101 ? 5.156   12.036  5.487   1.00 46.64  ? 907  TRP A CZ2  1 
ATOM   754  C CZ3  . TRP A 1 101 ? 3.187   12.366  4.138   1.00 44.77  ? 907  TRP A CZ3  1 
ATOM   755  C CH2  . TRP A 1 101 ? 4.540   12.575  4.389   1.00 43.04  ? 907  TRP A CH2  1 
ATOM   756  N N    . ASN A 1 102 ? -1.726  10.334  9.456   1.00 45.47  ? 908  ASN A N    1 
ATOM   757  C CA   . ASN A 1 102 ? -3.113  9.941   9.571   1.00 43.58  ? 908  ASN A CA   1 
ATOM   758  C C    . ASN A 1 102 ? -3.905  10.658  8.494   1.00 45.00  ? 908  ASN A C    1 
ATOM   759  O O    . ASN A 1 102 ? -3.805  11.876  8.346   1.00 51.09  ? 908  ASN A O    1 
ATOM   760  C CB   . ASN A 1 102 ? -3.660  10.263  10.951  1.00 43.13  ? 908  ASN A CB   1 
ATOM   761  C CG   . ASN A 1 102 ? -5.109  9.856   11.094  1.00 54.16  ? 908  ASN A CG   1 
ATOM   762  O OD1  . ASN A 1 102 ? -5.428  8.667   11.166  1.00 52.93  ? 908  ASN A OD1  1 
ATOM   763  N ND2  . ASN A 1 102 ? -6.003  10.841  11.115  1.00 53.92  ? 908  ASN A ND2  1 
ATOM   764  N N    . GLY A 1 103 ? -4.655  9.892   7.711   1.00 45.81  ? 909  GLY A N    1 
ATOM   765  C CA   . GLY A 1 103 ? -5.396  10.424  6.593   1.00 41.74  ? 909  GLY A CA   1 
ATOM   766  C C    . GLY A 1 103 ? -4.608  10.537  5.308   1.00 45.70  ? 909  GLY A C    1 
ATOM   767  O O    . GLY A 1 103 ? -5.205  10.799  4.258   1.00 48.18  ? 909  GLY A O    1 
ATOM   768  N N    . LYS A 1 104 ? -3.291  10.342  5.351   1.00 40.68  ? 910  LYS A N    1 
ATOM   769  C CA   . LYS A 1 104 ? -2.449  10.546  4.186   1.00 41.24  ? 910  LYS A CA   1 
ATOM   770  C C    . LYS A 1 104 ? -1.690  9.296   3.749   1.00 44.62  ? 910  LYS A C    1 
ATOM   771  O O    . LYS A 1 104 ? -0.906  9.366   2.796   1.00 41.79  ? 910  LYS A O    1 
ATOM   772  C CB   . LYS A 1 104 ? -1.462  11.694  4.455   1.00 43.10  ? 910  LYS A CB   1 
ATOM   773  C CG   . LYS A 1 104 ? -2.117  12.978  4.974   1.00 50.02  ? 910  LYS A CG   1 
ATOM   774  C CD   . LYS A 1 104 ? -1.094  14.103  5.151   1.00 52.53  ? 910  LYS A CD   1 
ATOM   775  C CE   . LYS A 1 104 ? -1.646  15.261  5.975   1.00 64.30  ? 910  LYS A CE   1 
ATOM   776  N NZ   . LYS A 1 104 ? -0.660  16.374  6.130   1.00 65.54  ? 910  LYS A NZ   1 
ATOM   777  N N    . MET A 1 105 ? -1.922  8.152   4.380   1.00 41.99  ? 911  MET A N    1 
ATOM   778  C CA   . MET A 1 105 ? -1.228  6.921   4.043   1.00 34.99  ? 911  MET A CA   1 
ATOM   779  C C    . MET A 1 105 ? -2.241  5.840   3.724   1.00 38.82  ? 911  MET A C    1 
ATOM   780  O O    . MET A 1 105 ? -3.214  5.669   4.462   1.00 40.64  ? 911  MET A O    1 
ATOM   781  C CB   . MET A 1 105 ? -0.342  6.477   5.193   1.00 38.14  ? 911  MET A CB   1 
ATOM   782  C CG   . MET A 1 105 ? 0.561   5.321   4.862   1.00 42.11  ? 911  MET A CG   1 
ATOM   783  S SD   . MET A 1 105 ? 1.967   5.401   5.968   1.00 44.91  ? 911  MET A SD   1 
ATOM   784  C CE   . MET A 1 105 ? 1.110   5.715   7.499   1.00 41.68  ? 911  MET A CE   1 
ATOM   785  N N    . LEU A 1 106 ? -2.004  5.114   2.630   1.00 40.60  ? 912  LEU A N    1 
ATOM   786  C CA   . LEU A 1 106 ? -2.856  4.020   2.186   1.00 34.78  ? 912  LEU A CA   1 
ATOM   787  C C    . LEU A 1 106 ? -2.050  2.735   2.115   1.00 38.89  ? 912  LEU A C    1 
ATOM   788  O O    . LEU A 1 106 ? -0.845  2.753   1.849   1.00 40.22  ? 912  LEU A O    1 
ATOM   789  C CB   . LEU A 1 106 ? -3.461  4.273   0.803   1.00 31.83  ? 912  LEU A CB   1 
ATOM   790  C CG   . LEU A 1 106 ? -4.372  5.452   0.487   1.00 30.45  ? 912  LEU A CG   1 
ATOM   791  C CD1  . LEU A 1 106 ? -3.599  6.727   0.523   1.00 31.82  ? 912  LEU A CD1  1 
ATOM   792  C CD2  . LEU A 1 106 ? -4.946  5.251   -0.878  1.00 31.76  ? 912  LEU A CD2  1 
ATOM   793  N N    . ASN A 1 107 ? -2.737  1.615   2.337   1.00 39.62  ? 913  ASN A N    1 
ATOM   794  C CA   . ASN A 1 107 ? -2.141  0.294   2.247   1.00 35.31  ? 913  ASN A CA   1 
ATOM   795  C C    . ASN A 1 107 ? -3.056  -0.610  1.449   1.00 37.95  ? 913  ASN A C    1 
ATOM   796  O O    . ASN A 1 107 ? -4.279  -0.458  1.480   1.00 39.07  ? 913  ASN A O    1 
ATOM   797  C CB   . ASN A 1 107 ? -1.893  -0.332  3.621   1.00 34.39  ? 913  ASN A CB   1 
ATOM   798  C CG   . ASN A 1 107 ? -1.248  -1.703  3.527   1.00 42.61  ? 913  ASN A CG   1 
ATOM   799  O OD1  . ASN A 1 107 ? -0.039  -1.823  3.326   1.00 42.25  ? 913  ASN A OD1  1 
ATOM   800  N ND2  . ASN A 1 107 ? -2.055  -2.745  3.666   1.00 41.64  ? 913  ASN A ND2  1 
ATOM   801  N N    . ILE A 1 108 ? -2.444  -1.537  0.715   1.00 38.99  ? 914  ILE A N    1 
ATOM   802  C CA   . ILE A 1 108 ? -3.160  -2.576  -0.016  1.00 40.62  ? 914  ILE A CA   1 
ATOM   803  C C    . ILE A 1 108 ? -2.893  -3.898  0.691   1.00 43.70  ? 914  ILE A C    1 
ATOM   804  O O    . ILE A 1 108 ? -1.735  -4.298  0.873   1.00 41.45  ? 914  ILE A O    1 
ATOM   805  C CB   . ILE A 1 108 ? -2.754  -2.636  -1.498  1.00 32.68  ? 914  ILE A CB   1 
ATOM   806  C CG1  . ILE A 1 108 ? -3.539  -3.727  -2.210  1.00 33.99  ? 914  ILE A CG1  1 
ATOM   807  C CG2  . ILE A 1 108 ? -1.279  -2.865  -1.640  1.00 35.67  ? 914  ILE A CG2  1 
ATOM   808  C CD1  . ILE A 1 108 ? -5.020  -3.476  -2.233  1.00 34.45  ? 914  ILE A CD1  1 
ATOM   809  N N    . HIS A 1 109 ? -3.969  -4.559  1.111   1.00 39.55  ? 915  HIS A N    1 
ATOM   810  C CA   . HIS A 1 109 ? -3.883  -5.795  1.842   1.00 36.88  ? 915  HIS A CA   1 
ATOM   811  C C    . HIS A 1 109 ? -4.649  -6.893  1.121   1.00 39.20  ? 915  HIS A C    1 
ATOM   812  O O    . HIS A 1 109 ? -5.761  -6.656  0.649   1.00 39.28  ? 915  HIS A O    1 
ATOM   813  C CB   . HIS A 1 109 ? -4.457  -5.625  3.244   1.00 36.53  ? 915  HIS A CB   1 
ATOM   814  C CG   . HIS A 1 109 ? -4.140  -6.756  4.156   1.00 30.61  ? 915  HIS A CG   1 
ATOM   815  N ND1  . HIS A 1 109 ? -5.099  -7.629  4.613   1.00 31.37  ? 915  HIS A ND1  1 
ATOM   816  C CD2  . HIS A 1 109 ? -2.969  -7.165  4.691   1.00 31.84  ? 915  HIS A CD2  1 
ATOM   817  C CE1  . HIS A 1 109 ? -4.531  -8.529  5.393   1.00 34.60  ? 915  HIS A CE1  1 
ATOM   818  N NE2  . HIS A 1 109 ? -3.240  -8.269  5.457   1.00 35.86  ? 915  HIS A NE2  1 
ATOM   819  N N    . PRO A 1 110 ? -4.078  -8.100  1.013   1.00 40.55  ? 916  PRO A N    1 
ATOM   820  C CA   . PRO A 1 110 ? -4.693  -9.157  0.196   1.00 33.22  ? 916  PRO A CA   1 
ATOM   821  C C    . PRO A 1 110 ? -5.733  -9.971  0.957   1.00 34.91  ? 916  PRO A C    1 
ATOM   822  O O    . PRO A 1 110 ? -5.579  -11.178 1.166   1.00 36.86  ? 916  PRO A O    1 
ATOM   823  C CB   . PRO A 1 110 ? -3.476  -10.005 -0.181  1.00 36.02  ? 916  PRO A CB   1 
ATOM   824  C CG   . PRO A 1 110 ? -2.665  -9.964  1.053   1.00 35.34  ? 916  PRO A CG   1 
ATOM   825  C CD   . PRO A 1 110 ? -2.777  -8.541  1.548   1.00 40.10  ? 916  PRO A CD   1 
ATOM   826  N N    . SER A 1 111 ? -6.806  -9.311  1.384   1.00 34.93  ? 917  SER A N    1 
ATOM   827  C CA   . SER A 1 111 ? -7.875  -10.007 2.093   1.00 32.79  ? 917  SER A CA   1 
ATOM   828  C C    . SER A 1 111 ? -9.047  -9.060  2.258   1.00 33.02  ? 917  SER A C    1 
ATOM   829  O O    . SER A 1 111 ? -8.911  -7.842  2.098   1.00 34.90  ? 917  SER A O    1 
ATOM   830  C CB   . SER A 1 111 ? -7.428  -10.522 3.465   1.00 29.20  ? 917  SER A CB   1 
ATOM   831  O OG   . SER A 1 111 ? -7.282  -9.449  4.376   1.00 32.02  ? 917  SER A OG   1 
ATOM   832  N N    . LEU A 1 112 ? -10.202 -9.633  2.590   1.00 26.95  ? 918  LEU A N    1 
ATOM   833  C CA   . LEU A 1 112 ? -11.390 -8.832  2.834   1.00 25.78  ? 918  LEU A CA   1 
ATOM   834  C C    . LEU A 1 112 ? -11.430 -8.507  4.319   1.00 30.91  ? 918  LEU A C    1 
ATOM   835  O O    . LEU A 1 112 ? -12.206 -9.069  5.094   1.00 31.54  ? 918  LEU A O    1 
ATOM   836  C CB   . LEU A 1 112 ? -12.635 -9.561  2.361   1.00 23.92  ? 918  LEU A CB   1 
ATOM   837  C CG   . LEU A 1 112 ? -12.885 -9.548  0.863   1.00 25.05  ? 918  LEU A CG   1 
ATOM   838  C CD1  . LEU A 1 112 ? -14.198 -10.214 0.605   1.00 21.79  ? 918  LEU A CD1  1 
ATOM   839  C CD2  . LEU A 1 112 ? -12.884 -8.137  0.326   1.00 27.77  ? 918  LEU A CD2  1 
ATOM   840  N N    . LEU A 1 113 ? -10.574 -7.573  4.715   1.00 31.56  ? 919  LEU A N    1 
ATOM   841  C CA   . LEU A 1 113 ? -10.578 -7.120  6.095   1.00 28.63  ? 919  LEU A CA   1 
ATOM   842  C C    . LEU A 1 113 ? -12.011 -6.831  6.526   1.00 31.00  ? 919  LEU A C    1 
ATOM   843  O O    . LEU A 1 113 ? -12.797 -6.291  5.739   1.00 32.46  ? 919  LEU A O    1 
ATOM   844  C CB   . LEU A 1 113 ? -9.717  -5.864  6.256   1.00 28.70  ? 919  LEU A CB   1 
ATOM   845  C CG   . LEU A 1 113 ? -8.225  -6.017  6.054   1.00 29.31  ? 919  LEU A CG   1 
ATOM   846  C CD1  . LEU A 1 113 ? -7.572  -4.671  6.101   1.00 31.65  ? 919  LEU A CD1  1 
ATOM   847  C CD2  . LEU A 1 113 ? -7.652  -6.915  7.110   1.00 31.23  ? 919  LEU A CD2  1 
ATOM   848  N N    . PRO A 1 114 ? -12.382 -7.150  7.756   1.00 31.79  ? 920  PRO A N    1 
ATOM   849  C CA   . PRO A 1 114 ? -11.504 -7.538  8.858   1.00 31.02  ? 920  PRO A CA   1 
ATOM   850  C C    . PRO A 1 114 ? -10.899 -8.941  8.814   1.00 34.27  ? 920  PRO A C    1 
ATOM   851  O O    . PRO A 1 114 ? -10.107 -9.247  9.703   1.00 32.58  ? 920  PRO A O    1 
ATOM   852  C CB   . PRO A 1 114 ? -12.427 -7.415  10.060  1.00 27.74  ? 920  PRO A CB   1 
ATOM   853  C CG   . PRO A 1 114 ? -13.743 -7.734  9.514   1.00 33.26  ? 920  PRO A CG   1 
ATOM   854  C CD   . PRO A 1 114 ? -13.791 -7.138  8.158   1.00 32.23  ? 920  PRO A CD   1 
ATOM   855  N N    . SER A 1 115 ? -11.255 -9.777  7.837   1.00 35.89  ? 921  SER A N    1 
ATOM   856  C CA   . SER A 1 115 ? -10.810 -11.163 7.871   1.00 27.03  ? 921  SER A CA   1 
ATOM   857  C C    . SER A 1 115 ? -9.324  -11.232 7.580   1.00 31.88  ? 921  SER A C    1 
ATOM   858  O O    . SER A 1 115 ? -8.768  -10.371 6.907   1.00 35.95  ? 921  SER A O    1 
ATOM   859  C CB   . SER A 1 115 ? -11.563 -12.024 6.851   1.00 28.68  ? 921  SER A CB   1 
ATOM   860  O OG   . SER A 1 115 ? -12.971 -11.918 6.935   1.00 31.61  ? 921  SER A OG   1 
ATOM   861  N N    . PHE A 1 116 ? -8.680  -12.270 8.107   1.00 40.43  ? 922  PHE A N    1 
ATOM   862  C CA   . PHE A 1 116 ? -7.307  -12.630 7.764   1.00 33.63  ? 922  PHE A CA   1 
ATOM   863  C C    . PHE A 1 116 ? -6.401  -11.408 7.766   1.00 33.86  ? 922  PHE A C    1 
ATOM   864  O O    . PHE A 1 116 ? -5.796  -11.038 6.758   1.00 35.96  ? 922  PHE A O    1 
ATOM   865  C CB   . PHE A 1 116 ? -7.272  -13.349 6.420   1.00 33.46  ? 922  PHE A CB   1 
ATOM   866  C CG   . PHE A 1 116 ? -8.309  -14.400 6.297   1.00 30.84  ? 922  PHE A CG   1 
ATOM   867  C CD1  . PHE A 1 116 ? -8.485  -15.315 7.299   1.00 29.46  ? 922  PHE A CD1  1 
ATOM   868  C CD2  . PHE A 1 116 ? -9.148  -14.432 5.209   1.00 30.14  ? 922  PHE A CD2  1 
ATOM   869  C CE1  . PHE A 1 116 ? -9.444  -16.277 7.203   1.00 32.48  ? 922  PHE A CE1  1 
ATOM   870  C CE2  . PHE A 1 116 ? -10.120 -15.384 5.115   1.00 32.95  ? 922  PHE A CE2  1 
ATOM   871  C CZ   . PHE A 1 116 ? -10.266 -16.309 6.109   1.00 36.00  ? 922  PHE A CZ   1 
ATOM   872  N N    . LYS A 1 117 ? -6.347  -10.767 8.927   1.00 35.50  ? 923  LYS A N    1 
ATOM   873  C CA   . LYS A 1 117 ? -5.420  -9.678  9.147   1.00 36.53  ? 923  LYS A CA   1 
ATOM   874  C C    . LYS A 1 117 ? -3.998  -10.225 9.094   1.00 41.51  ? 923  LYS A C    1 
ATOM   875  O O    . LYS A 1 117 ? -3.770  -11.421 8.879   1.00 46.28  ? 923  LYS A O    1 
ATOM   876  C CB   . LYS A 1 117 ? -5.720  -9.008  10.482  1.00 33.85  ? 923  LYS A CB   1 
ATOM   877  C CG   . LYS A 1 117 ? -7.163  -8.526  10.603  1.00 38.42  ? 923  LYS A CG   1 
ATOM   878  C CD   . LYS A 1 117 ? -7.408  -7.749  11.898  1.00 59.69  ? 923  LYS A CD   1 
ATOM   879  C CE   . LYS A 1 117 ? -8.713  -6.921  11.870  1.00 63.25  ? 923  LYS A CE   1 
ATOM   880  N NZ   . LYS A 1 117 ? -8.657  -5.670  11.033  1.00 60.21  ? 923  LYS A NZ   1 
ATOM   881  N N    . GLY A 1 118 ? -3.023  -9.354  9.288   1.00 35.68  ? 924  GLY A N    1 
ATOM   882  C CA   . GLY A 1 118 ? -1.658  -9.832  9.405   1.00 39.29  ? 924  GLY A CA   1 
ATOM   883  C C    . GLY A 1 118 ? -1.049  -10.225 8.073   1.00 42.14  ? 924  GLY A C    1 
ATOM   884  O O    . GLY A 1 118 ? -1.611  -10.001 6.999   1.00 45.64  ? 924  GLY A O    1 
ATOM   885  N N    . SER A 1 119 ? 0.125   -10.853 8.159   1.00 40.85  ? 925  SER A N    1 
ATOM   886  C CA   . SER A 1 119 ? 1.021   -10.919 7.007   1.00 42.64  ? 925  SER A CA   1 
ATOM   887  C C    . SER A 1 119 ? 0.596   -11.980 6.006   1.00 42.56  ? 925  SER A C    1 
ATOM   888  O O    . SER A 1 119 ? 0.394   -11.687 4.821   1.00 46.32  ? 925  SER A O    1 
ATOM   889  C CB   . SER A 1 119 ? 2.447   -11.182 7.476   1.00 36.99  ? 925  SER A CB   1 
ATOM   890  O OG   . SER A 1 119 ? 2.431   -12.006 8.621   1.00 37.05  ? 925  SER A OG   1 
ATOM   891  N N    . ASN A 1 120 ? 0.471   -13.217 6.470   1.00 38.66  ? 926  ASN A N    1 
ATOM   892  C CA   . ASN A 1 120 ? 0.202   -14.362 5.606   1.00 39.36  ? 926  ASN A CA   1 
ATOM   893  C C    . ASN A 1 120 ? -1.302  -14.542 5.418   1.00 40.97  ? 926  ASN A C    1 
ATOM   894  O O    . ASN A 1 120 ? -1.892  -15.542 5.809   1.00 43.01  ? 926  ASN A O    1 
ATOM   895  C CB   . ASN A 1 120 ? 0.824   -15.608 6.207   1.00 46.57  ? 926  ASN A CB   1 
ATOM   896  C CG   . ASN A 1 120 ? 0.202   -15.958 7.537   1.00 52.62  ? 926  ASN A CG   1 
ATOM   897  O OD1  . ASN A 1 120 ? -0.331  -15.086 8.226   1.00 48.25  ? 926  ASN A OD1  1 
ATOM   898  N ND2  . ASN A 1 120 ? 0.238   -17.236 7.899   1.00 54.44  ? 926  ASN A ND2  1 
ATOM   899  N N    . ALA A 1 121 ? -1.921  -13.538 4.798   1.00 40.17  ? 927  ALA A N    1 
ATOM   900  C CA   . ALA A 1 121 ? -3.366  -13.571 4.603   1.00 35.41  ? 927  ALA A CA   1 
ATOM   901  C C    . ALA A 1 121 ? -3.792  -14.798 3.797   1.00 38.83  ? 927  ALA A C    1 
ATOM   902  O O    . ALA A 1 121 ? -4.669  -15.561 4.221   1.00 40.27  ? 927  ALA A O    1 
ATOM   903  C CB   . ALA A 1 121 ? -3.822  -12.284 3.924   1.00 33.98  ? 927  ALA A CB   1 
ATOM   904  N N    . HIS A 1 122 ? -3.176  -15.013 2.633   1.00 38.32  ? 928  HIS A N    1 
ATOM   905  C CA   . HIS A 1 122 ? -3.595  -16.114 1.770   1.00 35.14  ? 928  HIS A CA   1 
ATOM   906  C C    . HIS A 1 122 ? -3.423  -17.460 2.446   1.00 39.21  ? 928  HIS A C    1 
ATOM   907  O O    . HIS A 1 122 ? -4.194  -18.391 2.181   1.00 36.57  ? 928  HIS A O    1 
ATOM   908  C CB   . HIS A 1 122 ? -2.812  -16.078 0.467   1.00 28.95  ? 928  HIS A CB   1 
ATOM   909  C CG   . HIS A 1 122 ? -3.167  -14.926 -0.405  1.00 29.38  ? 928  HIS A CG   1 
ATOM   910  N ND1  . HIS A 1 122 ? -2.224  -14.193 -1.086  1.00 32.27  ? 928  HIS A ND1  1 
ATOM   911  C CD2  . HIS A 1 122 ? -4.364  -14.373 -0.704  1.00 37.31  ? 928  HIS A CD2  1 
ATOM   912  C CE1  . HIS A 1 122 ? -2.825  -13.236 -1.770  1.00 41.07  ? 928  HIS A CE1  1 
ATOM   913  N NE2  . HIS A 1 122 ? -4.124  -13.323 -1.555  1.00 41.26  ? 928  HIS A NE2  1 
ATOM   914  N N    . GLU A 1 123 ? -2.411  -17.589 3.304   1.00 40.85  ? 929  GLU A N    1 
ATOM   915  C CA   . GLU A 1 123 ? -2.230  -18.830 4.040   1.00 40.51  ? 929  GLU A CA   1 
ATOM   916  C C    . GLU A 1 123 ? -3.409  -19.088 4.962   1.00 42.93  ? 929  GLU A C    1 
ATOM   917  O O    . GLU A 1 123 ? -3.970  -20.191 4.977   1.00 41.85  ? 929  GLU A O    1 
ATOM   918  C CB   . GLU A 1 123 ? -0.933  -18.774 4.828   1.00 44.53  ? 929  GLU A CB   1 
ATOM   919  C CG   . GLU A 1 123 ? 0.274   -18.439 3.993   1.00 48.24  ? 929  GLU A CG   1 
ATOM   920  C CD   . GLU A 1 123 ? 1.532   -19.032 4.586   1.00 59.59  ? 929  GLU A CD   1 
ATOM   921  O OE1  . GLU A 1 123 ? 1.450   -19.640 5.679   1.00 55.52  ? 929  GLU A OE1  1 
ATOM   922  O OE2  . GLU A 1 123 ? 2.598   -18.898 3.955   1.00 63.24  ? 929  GLU A OE2  1 
ATOM   923  N N    . GLN A 1 124 ? -3.805  -18.077 5.742   1.00 38.24  ? 930  GLN A N    1 
ATOM   924  C CA   . GLN A 1 124 ? -4.950  -18.247 6.631   1.00 39.30  ? 930  GLN A CA   1 
ATOM   925  C C    . GLN A 1 124 ? -6.218  -18.543 5.844   1.00 38.88  ? 930  GLN A C    1 
ATOM   926  O O    . GLN A 1 124 ? -7.025  -19.391 6.245   1.00 35.52  ? 930  GLN A O    1 
ATOM   927  C CB   . GLN A 1 124 ? -5.146  -17.001 7.490   1.00 32.74  ? 930  GLN A CB   1 
ATOM   928  C CG   . GLN A 1 124 ? -3.872  -16.389 7.996   1.00 39.47  ? 930  GLN A CG   1 
ATOM   929  C CD   . GLN A 1 124 ? -4.124  -15.110 8.775   1.00 44.81  ? 930  GLN A CD   1 
ATOM   930  O OE1  . GLN A 1 124 ? -5.110  -15.005 9.497   1.00 43.75  ? 930  GLN A OE1  1 
ATOM   931  N NE2  . GLN A 1 124 ? -3.232  -14.130 8.627   1.00 40.42  ? 930  GLN A NE2  1 
ATOM   932  N N    . ALA A 1 125 ? -6.416  -17.845 4.724   1.00 37.94  ? 931  ALA A N    1 
ATOM   933  C CA   . ALA A 1 125 ? -7.645  -18.011 3.960   1.00 36.65  ? 931  ALA A CA   1 
ATOM   934  C C    . ALA A 1 125 ? -7.795  -19.434 3.465   1.00 37.56  ? 931  ALA A C    1 
ATOM   935  O O    . ALA A 1 125 ? -8.915  -19.946 3.360   1.00 32.45  ? 931  ALA A O    1 
ATOM   936  C CB   . ALA A 1 125 ? -7.678  -17.039 2.782   1.00 30.52  ? 931  ALA A CB   1 
ATOM   937  N N    . LEU A 1 126 ? -6.680  -20.092 3.158   1.00 42.18  ? 932  LEU A N    1 
ATOM   938  C CA   . LEU A 1 126 ? -6.745  -21.455 2.655   1.00 40.12  ? 932  LEU A CA   1 
ATOM   939  C C    . LEU A 1 126 ? -6.924  -22.463 3.786   1.00 37.19  ? 932  LEU A C    1 
ATOM   940  O O    . LEU A 1 126 ? -7.585  -23.487 3.597   1.00 36.82  ? 932  LEU A O    1 
ATOM   941  C CB   . LEU A 1 126 ? -5.497  -21.743 1.823   1.00 31.39  ? 932  LEU A CB   1 
ATOM   942  C CG   . LEU A 1 126 ? -5.404  -20.882 0.566   1.00 31.28  ? 932  LEU A CG   1 
ATOM   943  C CD1  . LEU A 1 126 ? -4.030  -20.906 -0.044  1.00 36.54  ? 932  LEU A CD1  1 
ATOM   944  C CD2  . LEU A 1 126 ? -6.409  -21.361 -0.442  1.00 31.58  ? 932  LEU A CD2  1 
ATOM   945  N N    . GLU A 1 127 ? -6.381  -22.178 4.969   1.00 36.37  ? 933  GLU A N    1 
ATOM   946  C CA   . GLU A 1 127 ? -6.627  -23.043 6.116   1.00 37.46  ? 933  GLU A CA   1 
ATOM   947  C C    . GLU A 1 127 ? -8.083  -22.967 6.548   1.00 40.35  ? 933  GLU A C    1 
ATOM   948  O O    . GLU A 1 127 ? -8.726  -23.995 6.781   1.00 45.92  ? 933  GLU A O    1 
ATOM   949  C CB   . GLU A 1 127 ? -5.695  -22.670 7.266   1.00 39.12  ? 933  GLU A CB   1 
ATOM   950  C CG   . GLU A 1 127 ? -5.856  -23.530 8.510   1.00 53.96  ? 933  GLU A CG   1 
ATOM   951  C CD   . GLU A 1 127 ? -5.696  -25.033 8.248   1.00 75.86  ? 933  GLU A CD   1 
ATOM   952  O OE1  . GLU A 1 127 ? -4.543  -25.507 8.141   1.00 85.98  ? 933  GLU A OE1  1 
ATOM   953  O OE2  . GLU A 1 127 ? -6.724  -25.746 8.158   1.00 74.12  ? 933  GLU A OE2  1 
ATOM   954  N N    . THR A 1 128 ? -8.627  -21.754 6.649   1.00 39.69  ? 934  THR A N    1 
ATOM   955  C CA   . THR A 1 128 ? -10.042 -21.600 6.976   1.00 37.58  ? 934  THR A CA   1 
ATOM   956  C C    . THR A 1 128 ? -10.930 -22.214 5.900   1.00 37.52  ? 934  THR A C    1 
ATOM   957  O O    . THR A 1 128 ? -11.990 -22.772 6.197   1.00 42.58  ? 934  THR A O    1 
ATOM   958  C CB   . THR A 1 128 ? -10.377 -20.121 7.154   1.00 38.66  ? 934  THR A CB   1 
ATOM   959  O OG1  . THR A 1 128 ? -9.675  -19.604 8.286   1.00 41.89  ? 934  THR A OG1  1 
ATOM   960  C CG2  . THR A 1 128 ? -11.867 -19.933 7.352   1.00 36.98  ? 934  THR A CG2  1 
ATOM   961  N N    . GLY A 1 129 ? -10.521 -22.106 4.648   1.00 40.14  ? 935  GLY A N    1 
ATOM   962  C CA   . GLY A 1 129 ? -11.282 -22.675 3.561   1.00 39.86  ? 935  GLY A CA   1 
ATOM   963  C C    . GLY A 1 129 ? -12.494 -21.845 3.224   1.00 33.57  ? 935  GLY A C    1 
ATOM   964  O O    . GLY A 1 129 ? -13.619 -22.334 3.305   1.00 38.93  ? 935  GLY A O    1 
ATOM   965  N N    . VAL A 1 130 ? -12.278 -20.605 2.871   1.00 32.20  ? 936  VAL A N    1 
ATOM   966  C CA   . VAL A 1 130 ? -13.347 -19.732 2.417   1.00 29.84  ? 936  VAL A CA   1 
ATOM   967  C C    . VAL A 1 130 ? -13.528 -19.944 0.925   1.00 31.56  ? 936  VAL A C    1 
ATOM   968  O O    . VAL A 1 130 ? -12.608 -20.348 0.214   1.00 33.58  ? 936  VAL A O    1 
ATOM   969  C CB   . VAL A 1 130 ? -13.059 -18.252 2.761   1.00 30.79  ? 936  VAL A CB   1 
ATOM   970  C CG1  . VAL A 1 130 ? -13.234 -17.992 4.253   1.00 30.09  ? 936  VAL A CG1  1 
ATOM   971  C CG2  . VAL A 1 130 ? -11.677 -17.836 2.309   1.00 26.28  ? 936  VAL A CG2  1 
ATOM   972  N N    . THR A 1 131 ? -14.741 -19.711 0.457   1.00 30.87  ? 937  THR A N    1 
ATOM   973  C CA   . THR A 1 131 ? -15.038 -19.730 -0.959  1.00 28.86  ? 937  THR A CA   1 
ATOM   974  C C    . THR A 1 131 ? -14.741 -18.395 -1.614  1.00 33.13  ? 937  THR A C    1 
ATOM   975  O O    . THR A 1 131 ? -14.540 -18.349 -2.838  1.00 33.89  ? 937  THR A O    1 
ATOM   976  C CB   . THR A 1 131 ? -16.504 -20.124 -1.142  1.00 33.25  ? 937  THR A CB   1 
ATOM   977  O OG1  . THR A 1 131 ? -16.654 -21.480 -0.727  1.00 32.89  ? 937  THR A OG1  1 
ATOM   978  C CG2  . THR A 1 131 ? -16.978 -19.982 -2.584  1.00 33.58  ? 937  THR A CG2  1 
ATOM   979  N N    . VAL A 1 132 ? -14.660 -17.329 -0.816  1.00 30.77  ? 938  VAL A N    1 
ATOM   980  C CA   . VAL A 1 132 ? -14.446 -15.968 -1.288  1.00 30.18  ? 938  VAL A CA   1 
ATOM   981  C C    . VAL A 1 132 ? -13.370 -15.316 -0.425  1.00 29.37  ? 938  VAL A C    1 
ATOM   982  O O    . VAL A 1 132 ? -13.466 -15.325 0.802   1.00 30.70  ? 938  VAL A O    1 
ATOM   983  C CB   . VAL A 1 132 ? -15.748 -15.141 -1.233  1.00 26.37  ? 938  VAL A CB   1 
ATOM   984  C CG1  . VAL A 1 132 ? -15.528 -13.778 -1.836  1.00 25.96  ? 938  VAL A CG1  1 
ATOM   985  C CG2  . VAL A 1 132 ? -16.890 -15.857 -1.936  1.00 24.37  ? 938  VAL A CG2  1 
ATOM   986  N N    . THR A 1 133 ? -12.357 -14.756 -1.060  1.00 29.52  ? 939  THR A N    1 
ATOM   987  C CA   . THR A 1 133 ? -11.379 -13.852 -0.465  1.00 26.68  ? 939  THR A CA   1 
ATOM   988  C C    . THR A 1 133 ? -11.451 -12.533 -1.242  1.00 26.97  ? 939  THR A C    1 
ATOM   989  O O    . THR A 1 133 ? -12.379 -12.288 -2.012  1.00 25.85  ? 939  THR A O    1 
ATOM   990  C CB   . THR A 1 133 ? -9.988  -14.499 -0.458  1.00 28.74  ? 939  THR A CB   1 
ATOM   991  O OG1  . THR A 1 133 ? -9.045  -13.644 0.197   1.00 27.23  ? 939  THR A OG1  1 
ATOM   992  C CG2  . THR A 1 133 ? -9.518  -14.770 -1.870  1.00 32.83  ? 939  THR A CG2  1 
ATOM   993  N N    . GLY A 1 134 ? -10.463 -11.678 -1.041  1.00 27.54  ? 940  GLY A N    1 
ATOM   994  C CA   . GLY A 1 134 ? -10.414 -10.442 -1.795  1.00 26.20  ? 940  GLY A CA   1 
ATOM   995  C C    . GLY A 1 134 ? -9.211  -9.618  -1.413  1.00 29.55  ? 940  GLY A C    1 
ATOM   996  O O    . GLY A 1 134 ? -8.277  -10.126 -0.803  1.00 27.58  ? 940  GLY A O    1 
ATOM   997  N N    . CYS A 1 135 ? -9.228  -8.341  -1.777  1.00 35.64  ? 941  CYS A N    1 
ATOM   998  C CA   . CYS A 1 135 ? -8.255  -7.392  -1.257  1.00 35.22  ? 941  CYS A CA   1 
ATOM   999  C C    . CYS A 1 135 ? -8.972  -6.166  -0.707  1.00 31.97  ? 941  CYS A C    1 
ATOM   1000 O O    . CYS A 1 135 ? -10.144 -5.917  -0.991  1.00 35.71  ? 941  CYS A O    1 
ATOM   1001 C CB   . CYS A 1 135 ? -7.243  -6.978  -2.322  1.00 33.15  ? 941  CYS A CB   1 
ATOM   1002 S SG   . CYS A 1 135 ? -8.003  -6.645  -3.884  1.00 45.19  ? 941  CYS A SG   1 
ATOM   1003 N N    . THR A 1 136 ? -8.237  -5.404  0.094   1.00 32.77  ? 942  THR A N    1 
ATOM   1004 C CA   . THR A 1 136 ? -8.743  -4.223  0.774   1.00 31.56  ? 942  THR A CA   1 
ATOM   1005 C C    . THR A 1 136 ? -7.726  -3.097  0.637   1.00 35.21  ? 942  THR A C    1 
ATOM   1006 O O    . THR A 1 136 ? -6.528  -3.316  0.837   1.00 34.61  ? 942  THR A O    1 
ATOM   1007 C CB   . THR A 1 136 ? -9.001  -4.539  2.253   1.00 32.55  ? 942  THR A CB   1 
ATOM   1008 O OG1  . THR A 1 136 ? -10.070 -5.482  2.368   1.00 29.67  ? 942  THR A OG1  1 
ATOM   1009 C CG2  . THR A 1 136 ? -9.348  -3.295  3.024   1.00 34.98  ? 942  THR A CG2  1 
ATOM   1010 N N    . VAL A 1 137 ? -8.190  -1.905  0.277   1.00 29.82  ? 943  VAL A N    1 
ATOM   1011 C CA   . VAL A 1 137 ? -7.370  -0.700  0.355   1.00 34.15  ? 943  VAL A CA   1 
ATOM   1012 C C    . VAL A 1 137 ? -7.933  0.152   1.479   1.00 34.25  ? 943  VAL A C    1 
ATOM   1013 O O    . VAL A 1 137 ? -9.107  0.526   1.450   1.00 35.32  ? 943  VAL A O    1 
ATOM   1014 C CB   . VAL A 1 137 ? -7.338  0.080   -0.970  1.00 36.42  ? 943  VAL A CB   1 
ATOM   1015 C CG1  . VAL A 1 137 ? -6.446  1.301   -0.850  1.00 29.60  ? 943  VAL A CG1  1 
ATOM   1016 C CG2  . VAL A 1 137 ? -6.847  -0.810  -2.089  1.00 41.30  ? 943  VAL A CG2  1 
ATOM   1017 N N    . HIS A 1 138 ? -7.104  0.458   2.469   1.00 39.06  ? 944  HIS A N    1 
ATOM   1018 C CA   . HIS A 1 138 ? -7.536  1.195   3.645   1.00 39.41  ? 944  HIS A CA   1 
ATOM   1019 C C    . HIS A 1 138 ? -6.519  2.277   3.976   1.00 39.27  ? 944  HIS A C    1 
ATOM   1020 O O    . HIS A 1 138 ? -5.401  2.298   3.460   1.00 40.44  ? 944  HIS A O    1 
ATOM   1021 C CB   . HIS A 1 138 ? -7.723  0.265   4.853   1.00 43.75  ? 944  HIS A CB   1 
ATOM   1022 C CG   . HIS A 1 138 ? -6.484  -0.478  5.252   1.00 40.31  ? 944  HIS A CG   1 
ATOM   1023 N ND1  . HIS A 1 138 ? -5.659  -0.062  6.275   1.00 43.81  ? 944  HIS A ND1  1 
ATOM   1024 C CD2  . HIS A 1 138 ? -5.939  -1.621  4.774   1.00 39.26  ? 944  HIS A CD2  1 
ATOM   1025 C CE1  . HIS A 1 138 ? -4.655  -0.911  6.401   1.00 45.41  ? 944  HIS A CE1  1 
ATOM   1026 N NE2  . HIS A 1 138 ? -4.802  -1.866  5.502   1.00 37.79  ? 944  HIS A NE2  1 
ATOM   1027 N N    . PHE A 1 139 ? -6.927  3.188   4.850   1.00 44.43  ? 945  PHE A N    1 
ATOM   1028 C CA   . PHE A 1 139 ? -5.999  4.126   5.460   1.00 39.50  ? 945  PHE A CA   1 
ATOM   1029 C C    . PHE A 1 139 ? -5.215  3.414   6.548   1.00 42.96  ? 945  PHE A C    1 
ATOM   1030 O O    . PHE A 1 139 ? -5.742  2.542   7.236   1.00 54.63  ? 945  PHE A O    1 
ATOM   1031 C CB   . PHE A 1 139 ? -6.745  5.317   6.051   1.00 35.02  ? 945  PHE A CB   1 
ATOM   1032 C CG   . PHE A 1 139 ? -7.195  6.319   5.034   1.00 34.00  ? 945  PHE A CG   1 
ATOM   1033 C CD1  . PHE A 1 139 ? -6.285  7.145   4.411   1.00 33.60  ? 945  PHE A CD1  1 
ATOM   1034 C CD2  . PHE A 1 139 ? -8.532  6.452   4.720   1.00 36.34  ? 945  PHE A CD2  1 
ATOM   1035 C CE1  . PHE A 1 139 ? -6.699  8.076   3.496   1.00 36.86  ? 945  PHE A CE1  1 
ATOM   1036 C CE2  . PHE A 1 139 ? -8.953  7.384   3.806   1.00 38.24  ? 945  PHE A CE2  1 
ATOM   1037 C CZ   . PHE A 1 139 ? -8.037  8.199   3.192   1.00 36.78  ? 945  PHE A CZ   1 
ATOM   1038 N N    . VAL A 1 140 ? -3.948  3.778   6.700   1.00 44.70  ? 946  VAL A N    1 
ATOM   1039 C CA   . VAL A 1 140 ? -3.094  3.167   7.710   1.00 43.27  ? 946  VAL A CA   1 
ATOM   1040 C C    . VAL A 1 140 ? -3.289  3.947   9.006   1.00 48.25  ? 946  VAL A C    1 
ATOM   1041 O O    . VAL A 1 140 ? -2.771  5.054   9.171   1.00 49.35  ? 946  VAL A O    1 
ATOM   1042 C CB   . VAL A 1 140 ? -1.630  3.141   7.279   1.00 39.40  ? 946  VAL A CB   1 
ATOM   1043 C CG1  . VAL A 1 140 ? -0.809  2.450   8.326   1.00 38.76  ? 946  VAL A CG1  1 
ATOM   1044 C CG2  . VAL A 1 140 ? -1.493  2.459   5.936   1.00 36.66  ? 946  VAL A CG2  1 
ATOM   1045 N N    . ALA A 1 141 ? -4.063  3.371   9.919   1.00 53.98  ? 947  ALA A N    1 
ATOM   1046 C CA   . ALA A 1 141 ? -4.105  3.798   11.307  1.00 58.54  ? 947  ALA A CA   1 
ATOM   1047 C C    . ALA A 1 141 ? -3.130  2.951   12.118  1.00 61.87  ? 947  ALA A C    1 
ATOM   1048 O O    . ALA A 1 141 ? -2.531  2.001   11.612  1.00 62.09  ? 947  ALA A O    1 
ATOM   1049 C CB   . ALA A 1 141 ? -5.520  3.685   11.870  1.00 65.26  ? 947  ALA A CB   1 
ATOM   1050 N N    . GLU A 1 142 ? -2.964  3.304   13.394  1.00 65.52  ? 948  GLU A N    1 
ATOM   1051 C CA   . GLU A 1 142 ? -1.938  2.645   14.197  1.00 73.19  ? 948  GLU A CA   1 
ATOM   1052 C C    . GLU A 1 142 ? -2.237  1.156   14.345  1.00 81.45  ? 948  GLU A C    1 
ATOM   1053 O O    . GLU A 1 142 ? -1.415  0.303   13.987  1.00 74.92  ? 948  GLU A O    1 
ATOM   1054 C CB   . GLU A 1 142 ? -1.811  3.326   15.562  1.00 72.89  ? 948  GLU A CB   1 
ATOM   1055 C CG   . GLU A 1 142 ? -0.604  2.844   16.363  1.00 77.30  ? 948  GLU A CG   1 
ATOM   1056 C CD   . GLU A 1 142 ? -0.194  3.794   17.477  1.00 82.76  ? 948  GLU A CD   1 
ATOM   1057 O OE1  . GLU A 1 142 ? -0.570  4.984   17.425  1.00 79.92  ? 948  GLU A OE1  1 
ATOM   1058 O OE2  . GLU A 1 142 ? 0.513   3.349   18.408  1.00 85.95  ? 948  GLU A OE2  1 
ATOM   1059 N N    . ASP A 1 143 ? -3.416  0.827   14.874  1.00 86.97  ? 949  ASP A N    1 
ATOM   1060 C CA   . ASP A 1 143 ? -3.869  -0.558  14.930  1.00 83.78  ? 949  ASP A CA   1 
ATOM   1061 C C    . ASP A 1 143 ? -4.307  -1.020  13.547  1.00 80.84  ? 949  ASP A C    1 
ATOM   1062 O O    . ASP A 1 143 ? -5.172  -0.404  12.920  1.00 80.53  ? 949  ASP A O    1 
ATOM   1063 C CB   . ASP A 1 143 ? -5.038  -0.704  15.904  1.00 88.48  ? 949  ASP A CB   1 
ATOM   1064 C CG   . ASP A 1 143 ? -4.658  -0.395  17.336  1.00 92.25  ? 949  ASP A CG   1 
ATOM   1065 O OD1  . ASP A 1 143 ? -3.619  -0.904  17.804  1.00 91.43  ? 949  ASP A OD1  1 
ATOM   1066 O OD2  . ASP A 1 143 ? -5.410  0.354   17.991  1.00 92.64  ? 949  ASP A OD2  1 
ATOM   1067 N N    . VAL A 1 144 ? -3.742  -2.133  13.089  1.00 79.71  ? 950  VAL A N    1 
ATOM   1068 C CA   . VAL A 1 144 ? -4.029  -2.691  11.766  1.00 83.76  ? 950  VAL A CA   1 
ATOM   1069 C C    . VAL A 1 144 ? -5.528  -2.940  11.549  1.00 85.69  ? 950  VAL A C    1 
ATOM   1070 O O    . VAL A 1 144 ? -5.973  -3.203  10.421  1.00 71.72  ? 950  VAL A O    1 
ATOM   1071 C CB   . VAL A 1 144 ? -3.229  -3.987  11.550  1.00 84.85  ? 950  VAL A CB   1 
ATOM   1072 C CG1  . VAL A 1 144 ? -1.761  -3.768  11.922  1.00 70.36  ? 950  VAL A CG1  1 
ATOM   1073 C CG2  . VAL A 1 144 ? -3.836  -5.123  12.361  1.00 85.53  ? 950  VAL A CG2  1 
ATOM   1074 N N    . ASP A 1 145 ? -6.316  -2.864  12.628  1.00 92.58  ? 951  ASP A N    1 
ATOM   1075 C CA   . ASP A 1 145 ? -7.770  -3.041  12.585  1.00 88.09  ? 951  ASP A CA   1 
ATOM   1076 C C    . ASP A 1 145 ? -8.540  -1.759  12.905  1.00 80.93  ? 951  ASP A C    1 
ATOM   1077 O O    . ASP A 1 145 ? -9.748  -1.816  13.182  1.00 75.44  ? 951  ASP A O    1 
ATOM   1078 C CB   . ASP A 1 145 ? -8.196  -4.167  13.540  1.00 87.44  ? 951  ASP A CB   1 
ATOM   1079 C CG   . ASP A 1 145 ? -7.480  -4.101  14.879  1.00 90.75  ? 951  ASP A CG   1 
ATOM   1080 O OD1  . ASP A 1 145 ? -7.111  -2.987  15.312  1.00 90.84  ? 951  ASP A OD1  1 
ATOM   1081 O OD2  . ASP A 1 145 ? -7.274  -5.170  15.491  1.00 98.10  ? 951  ASP A OD2  1 
ATOM   1082 N N    . ALA A 1 146 ? -7.872  -0.607  12.880  1.00 73.45  ? 952  ALA A N    1 
ATOM   1083 C CA   . ALA A 1 146 ? -8.538  0.679   12.986  1.00 77.16  ? 952  ALA A CA   1 
ATOM   1084 C C    . ALA A 1 146 ? -8.553  1.450   11.676  1.00 71.16  ? 952  ALA A C    1 
ATOM   1085 O O    . ALA A 1 146 ? -9.293  2.436   11.570  1.00 64.90  ? 952  ALA A O    1 
ATOM   1086 C CB   . ALA A 1 146 ? -7.873  1.537   14.070  1.00 79.06  ? 952  ALA A CB   1 
ATOM   1087 N N    . GLY A 1 147 ? -7.771  1.024   10.684  1.00 62.57  ? 953  GLY A N    1 
ATOM   1088 C CA   . GLY A 1 147 ? -7.675  1.734   9.427   1.00 52.25  ? 953  GLY A CA   1 
ATOM   1089 C C    . GLY A 1 147 ? -8.998  1.784   8.701   1.00 50.77  ? 953  GLY A C    1 
ATOM   1090 O O    . GLY A 1 147 ? -9.633  0.745   8.509   1.00 55.09  ? 953  GLY A O    1 
ATOM   1091 N N    . GLN A 1 148 ? -9.431  2.974   8.289   1.00 47.26  ? 954  GLN A N    1 
ATOM   1092 C CA   . GLN A 1 148 ? -10.706 3.092   7.604   1.00 48.11  ? 954  GLN A CA   1 
ATOM   1093 C C    . GLN A 1 148 ? -10.595 2.587   6.169   1.00 46.19  ? 954  GLN A C    1 
ATOM   1094 O O    . GLN A 1 148 ? -9.637  2.884   5.452   1.00 38.27  ? 954  GLN A O    1 
ATOM   1095 C CB   . GLN A 1 148 ? -11.210 4.531   7.643   1.00 51.86  ? 954  GLN A CB   1 
ATOM   1096 C CG   . GLN A 1 148 ? -11.859 4.906   8.969   1.00 58.04  ? 954  GLN A CG   1 
ATOM   1097 C CD   . GLN A 1 148 ? -12.982 3.960   9.380   1.00 56.61  ? 954  GLN A CD   1 
ATOM   1098 O OE1  . GLN A 1 148 ? -12.920 3.337   10.441  1.00 53.99  ? 954  GLN A OE1  1 
ATOM   1099 N NE2  . GLN A 1 148 ? -14.019 3.862   8.550   1.00 52.02  ? 954  GLN A NE2  1 
ATOM   1100 N N    . ILE A 1 149 ? -11.591 1.811   5.765   1.00 43.75  ? 955  ILE A N    1 
ATOM   1101 C CA   . ILE A 1 149 ? -11.544 1.037   4.533   1.00 35.19  ? 955  ILE A CA   1 
ATOM   1102 C C    . ILE A 1 149 ? -12.026 1.904   3.379   1.00 36.29  ? 955  ILE A C    1 
ATOM   1103 O O    . ILE A 1 149 ? -13.115 2.483   3.441   1.00 38.41  ? 955  ILE A O    1 
ATOM   1104 C CB   . ILE A 1 149 ? -12.393 -0.235  4.672   1.00 33.10  ? 955  ILE A CB   1 
ATOM   1105 C CG1  . ILE A 1 149 ? -11.734 -1.196  5.669   1.00 37.69  ? 955  ILE A CG1  1 
ATOM   1106 C CG2  . ILE A 1 149 ? -12.618 -0.876  3.324   1.00 31.82  ? 955  ILE A CG2  1 
ATOM   1107 C CD1  . ILE A 1 149 ? -12.551 -2.413  5.987   1.00 33.08  ? 955  ILE A CD1  1 
ATOM   1108 N N    . ILE A 1 150 ? -11.219 1.992   2.323   1.00 36.43  ? 956  ILE A N    1 
ATOM   1109 C CA   . ILE A 1 150 ? -11.529 2.854   1.181   1.00 27.87  ? 956  ILE A CA   1 
ATOM   1110 C C    . ILE A 1 150 ? -12.236 2.086   0.083   1.00 27.65  ? 956  ILE A C    1 
ATOM   1111 O O    . ILE A 1 150 ? -13.283 2.512   -0.406  1.00 30.60  ? 956  ILE A O    1 
ATOM   1112 C CB   . ILE A 1 150 ? -10.250 3.517   0.634   1.00 24.44  ? 956  ILE A CB   1 
ATOM   1113 C CG1  . ILE A 1 150 ? -9.577  4.373   1.695   1.00 31.04  ? 956  ILE A CG1  1 
ATOM   1114 C CG2  . ILE A 1 150 ? -10.583 4.371   -0.534  1.00 24.50  ? 956  ILE A CG2  1 
ATOM   1115 C CD1  . ILE A 1 150 ? -8.262  4.901   1.249   1.00 31.51  ? 956  ILE A CD1  1 
ATOM   1116 N N    . LEU A 1 151 ? -11.662 0.959   -0.332  1.00 28.64  ? 957  LEU A N    1 
ATOM   1117 C CA   . LEU A 1 151 ? -12.219 0.130   -1.391  1.00 28.66  ? 957  LEU A CA   1 
ATOM   1118 C C    . LEU A 1 151 ? -11.914 -1.331  -1.103  1.00 33.47  ? 957  LEU A C    1 
ATOM   1119 O O    . LEU A 1 151 ? -10.877 -1.666  -0.517  1.00 33.43  ? 957  LEU A O    1 
ATOM   1120 C CB   . LEU A 1 151 ? -11.656 0.474   -2.771  1.00 26.19  ? 957  LEU A CB   1 
ATOM   1121 C CG   . LEU A 1 151 ? -12.072 1.773   -3.430  1.00 26.41  ? 957  LEU A CG   1 
ATOM   1122 C CD1  . LEU A 1 151 ? -11.502 1.832   -4.818  1.00 25.25  ? 957  LEU A CD1  1 
ATOM   1123 C CD2  . LEU A 1 151 ? -13.554 1.866   -3.449  1.00 26.71  ? 957  LEU A CD2  1 
ATOM   1124 N N    . GLN A 1 152 ? -12.821 -2.200  -1.550  1.00 32.24  ? 958  GLN A N    1 
ATOM   1125 C CA   . GLN A 1 152 ? -12.622 -3.636  -1.484  1.00 29.97  ? 958  GLN A CA   1 
ATOM   1126 C C    . GLN A 1 152 ? -13.161 -4.276  -2.747  1.00 34.42  ? 958  GLN A C    1 
ATOM   1127 O O    . GLN A 1 152 ? -14.096 -3.766  -3.371  1.00 34.74  ? 958  GLN A O    1 
ATOM   1128 C CB   . GLN A 1 152 ? -13.311 -4.249  -0.279  1.00 31.23  ? 958  GLN A CB   1 
ATOM   1129 C CG   . GLN A 1 152 ? -12.602 -3.980  1.006   1.00 27.74  ? 958  GLN A CG   1 
ATOM   1130 C CD   . GLN A 1 152 ? -13.410 -4.421  2.164   1.00 25.41  ? 958  GLN A CD   1 
ATOM   1131 O OE1  . GLN A 1 152 ? -14.602 -4.171  2.219   1.00 27.25  ? 958  GLN A OE1  1 
ATOM   1132 N NE2  . GLN A 1 152 ? -12.780 -5.097  3.096   1.00 24.64  ? 958  GLN A NE2  1 
ATOM   1133 N N    . GLU A 1 153 ? -12.552 -5.395  -3.120  1.00 34.64  ? 959  GLU A N    1 
ATOM   1134 C CA   . GLU A 1 153 ? -13.026 -6.180  -4.244  1.00 31.24  ? 959  GLU A CA   1 
ATOM   1135 C C    . GLU A 1 153 ? -12.843 -7.650  -3.923  1.00 30.62  ? 959  GLU A C    1 
ATOM   1136 O O    . GLU A 1 153 ? -11.795 -8.064  -3.419  1.00 34.10  ? 959  GLU A O    1 
ATOM   1137 C CB   . GLU A 1 153 ? -12.309 -5.841  -5.545  1.00 24.70  ? 959  GLU A CB   1 
ATOM   1138 C CG   . GLU A 1 153 ? -12.538 -6.870  -6.615  1.00 27.45  ? 959  GLU A CG   1 
ATOM   1139 C CD   . GLU A 1 153 ? -12.247 -6.352  -8.000  1.00 37.30  ? 959  GLU A CD   1 
ATOM   1140 O OE1  . GLU A 1 153 ? -12.382 -5.132  -8.210  1.00 43.91  ? 959  GLU A OE1  1 
ATOM   1141 O OE2  . GLU A 1 153 ? -11.891 -7.161  -8.885  1.00 40.27  ? 959  GLU A OE2  1 
ATOM   1142 N N    . ALA A 1 154 ? -13.875 -8.425  -4.217  1.00 23.23  ? 960  ALA A N    1 
ATOM   1143 C CA   . ALA A 1 154 ? -13.930 -9.825  -3.857  1.00 25.23  ? 960  ALA A CA   1 
ATOM   1144 C C    . ALA A 1 154 ? -13.339 -10.699 -4.963  1.00 34.73  ? 960  ALA A C    1 
ATOM   1145 O O    . ALA A 1 154 ? -13.404 -10.372 -6.155  1.00 31.20  ? 960  ALA A O    1 
ATOM   1146 C CB   . ALA A 1 154 ? -15.372 -10.230 -3.567  1.00 20.69  ? 960  ALA A CB   1 
ATOM   1147 N N    . VAL A 1 155 ? -12.741 -11.814 -4.548  1.00 33.66  ? 961  VAL A N    1 
ATOM   1148 C CA   . VAL A 1 155 ? -12.081 -12.744 -5.458  1.00 29.78  ? 961  VAL A CA   1 
ATOM   1149 C C    . VAL A 1 155 ? -12.443 -14.168 -5.048  1.00 33.05  ? 961  VAL A C    1 
ATOM   1150 O O    . VAL A 1 155 ? -12.504 -14.475 -3.848  1.00 34.39  ? 961  VAL A O    1 
ATOM   1151 C CB   . VAL A 1 155 ? -10.561 -12.522 -5.465  1.00 28.03  ? 961  VAL A CB   1 
ATOM   1152 C CG1  . VAL A 1 155 ? -9.890  -13.528 -6.372  1.00 30.71  ? 961  VAL A CG1  1 
ATOM   1153 C CG2  . VAL A 1 155 ? -10.244 -11.126 -5.914  1.00 25.87  ? 961  VAL A CG2  1 
ATOM   1154 N N    . PRO A 1 156 ? -12.699 -15.064 -5.993  1.00 30.08  ? 962  PRO A N    1 
ATOM   1155 C CA   . PRO A 1 156 ? -13.104 -16.419 -5.634  1.00 29.93  ? 962  PRO A CA   1 
ATOM   1156 C C    . PRO A 1 156 ? -11.898 -17.276 -5.302  1.00 37.54  ? 962  PRO A C    1 
ATOM   1157 O O    . PRO A 1 156 ? -10.768 -16.997 -5.699  1.00 41.84  ? 962  PRO A O    1 
ATOM   1158 C CB   . PRO A 1 156 ? -13.791 -16.913 -6.906  1.00 29.70  ? 962  PRO A CB   1 
ATOM   1159 C CG   . PRO A 1 156 ? -13.059 -16.233 -7.984  1.00 28.24  ? 962  PRO A CG   1 
ATOM   1160 C CD   . PRO A 1 156 ? -12.617 -14.897 -7.453  1.00 30.86  ? 962  PRO A CD   1 
ATOM   1161 N N    . VAL A 1 157 ? -12.155 -18.341 -4.563  1.00 37.12  ? 963  VAL A N    1 
ATOM   1162 C CA   . VAL A 1 157 ? -11.118 -19.290 -4.192  1.00 31.28  ? 963  VAL A CA   1 
ATOM   1163 C C    . VAL A 1 157 ? -11.459 -20.594 -4.898  1.00 38.62  ? 963  VAL A C    1 
ATOM   1164 O O    . VAL A 1 157 ? -12.365 -21.324 -4.470  1.00 37.81  ? 963  VAL A O    1 
ATOM   1165 C CB   . VAL A 1 157 ? -11.018 -19.462 -2.674  1.00 29.31  ? 963  VAL A CB   1 
ATOM   1166 C CG1  . VAL A 1 157 ? -10.010 -20.515 -2.336  1.00 34.22  ? 963  VAL A CG1  1 
ATOM   1167 C CG2  . VAL A 1 157 ? -10.614 -18.169 -2.046  1.00 30.44  ? 963  VAL A CG2  1 
ATOM   1168 N N    . LYS A 1 158 ? -10.752 -20.873 -5.997  1.00 38.00  ? 964  LYS A N    1 
ATOM   1169 C CA   . LYS A 1 158 ? -10.968 -22.101 -6.747  1.00 31.79  ? 964  LYS A CA   1 
ATOM   1170 C C    . LYS A 1 158 ? -10.444 -23.296 -5.957  1.00 37.20  ? 964  LYS A C    1 
ATOM   1171 O O    . LYS A 1 158 ? -9.513  -23.175 -5.156  1.00 34.30  ? 964  LYS A O    1 
ATOM   1172 C CB   . LYS A 1 158 ? -10.278 -22.029 -8.105  1.00 27.15  ? 964  LYS A CB   1 
ATOM   1173 C CG   . LYS A 1 158 ? -10.575 -20.792 -8.943  1.00 32.38  ? 964  LYS A CG   1 
ATOM   1174 C CD   . LYS A 1 158 ? -11.950 -20.810 -9.619  1.00 36.15  ? 964  LYS A CD   1 
ATOM   1175 C CE   . LYS A 1 158 ? -12.074 -19.649 -10.623 1.00 38.76  ? 964  LYS A CE   1 
ATOM   1176 N NZ   . LYS A 1 158 ? -13.416 -19.509 -11.267 1.00 43.82  ? 964  LYS A NZ   1 
ATOM   1177 N N    . ARG A 1 159 ? -11.060 -24.458 -6.183  1.00 41.25  ? 965  ARG A N    1 
ATOM   1178 C CA   . ARG A 1 159 ? -10.655 -25.677 -5.492  1.00 33.71  ? 965  ARG A CA   1 
ATOM   1179 C C    . ARG A 1 159 ? -9.268  -26.123 -5.952  1.00 36.33  ? 965  ARG A C    1 
ATOM   1180 O O    . ARG A 1 159 ? -8.947  -26.105 -7.147  1.00 31.47  ? 965  ARG A O    1 
ATOM   1181 C CB   . ARG A 1 159 ? -11.682 -26.786 -5.725  1.00 26.13  ? 965  ARG A CB   1 
ATOM   1182 N N    . GLY A 1 160 ? -8.439  -26.516 -4.989  1.00 34.66  ? 966  GLY A N    1 
ATOM   1183 C CA   . GLY A 1 160 ? -7.063  -26.848 -5.285  1.00 29.57  ? 966  GLY A CA   1 
ATOM   1184 C C    . GLY A 1 160 ? -6.138  -25.662 -5.363  1.00 37.34  ? 966  GLY A C    1 
ATOM   1185 O O    . GLY A 1 160 ? -5.046  -25.772 -5.923  1.00 40.38  ? 966  GLY A O    1 
ATOM   1186 N N    . ASP A 1 161 ? -6.539  -24.523 -4.818  1.00 38.37  ? 967  ASP A N    1 
ATOM   1187 C CA   . ASP A 1 161 ? -5.704  -23.337 -4.878  1.00 34.40  ? 967  ASP A CA   1 
ATOM   1188 C C    . ASP A 1 161 ? -4.508  -23.497 -3.961  1.00 33.47  ? 967  ASP A C    1 
ATOM   1189 O O    . ASP A 1 161 ? -4.574  -24.160 -2.930  1.00 37.39  ? 967  ASP A O    1 
ATOM   1190 C CB   . ASP A 1 161 ? -6.496  -22.089 -4.478  1.00 35.27  ? 967  ASP A CB   1 
ATOM   1191 C CG   . ASP A 1 161 ? -6.938  -21.267 -5.664  1.00 34.85  ? 967  ASP A CG   1 
ATOM   1192 O OD1  . ASP A 1 161 ? -6.202  -21.222 -6.660  1.00 33.45  ? 967  ASP A OD1  1 
ATOM   1193 O OD2  . ASP A 1 161 ? -8.023  -20.665 -5.592  1.00 36.48  ? 967  ASP A OD2  1 
ATOM   1194 N N    . THR A 1 162 ? -3.402  -22.898 -4.358  1.00 33.71  ? 968  THR A N    1 
ATOM   1195 C CA   . THR A 1 162 ? -2.258  -22.732 -3.484  1.00 33.36  ? 968  THR A CA   1 
ATOM   1196 C C    . THR A 1 162 ? -2.073  -21.247 -3.249  1.00 35.03  ? 968  THR A C    1 
ATOM   1197 O O    . THR A 1 162 ? -2.743  -20.415 -3.851  1.00 36.94  ? 968  THR A O    1 
ATOM   1198 C CB   . THR A 1 162 ? -0.992  -23.353 -4.084  1.00 38.43  ? 968  THR A CB   1 
ATOM   1199 O OG1  . THR A 1 162 ? -0.591  -22.621 -5.250  1.00 41.06  ? 968  THR A OG1  1 
ATOM   1200 C CG2  . THR A 1 162 ? -1.253  -24.783 -4.480  1.00 41.83  ? 968  THR A CG2  1 
ATOM   1201 N N    . VAL A 1 163 ? -1.151  -20.901 -2.363  1.00 36.00  ? 969  VAL A N    1 
ATOM   1202 C CA   . VAL A 1 163 ? -0.812  -19.492 -2.220  1.00 34.72  ? 969  VAL A CA   1 
ATOM   1203 C C    . VAL A 1 163 ? -0.305  -18.939 -3.548  1.00 33.08  ? 969  VAL A C    1 
ATOM   1204 O O    . VAL A 1 163 ? -0.583  -17.792 -3.910  1.00 30.29  ? 969  VAL A O    1 
ATOM   1205 C CB   . VAL A 1 163 ? 0.209   -19.294 -1.089  1.00 33.88  ? 969  VAL A CB   1 
ATOM   1206 C CG1  . VAL A 1 163 ? 0.784   -17.909 -1.176  1.00 30.23  ? 969  VAL A CG1  1 
ATOM   1207 C CG2  . VAL A 1 163 ? -0.466  -19.503 0.240   1.00 34.88  ? 969  VAL A CG2  1 
ATOM   1208 N N    . ALA A 1 164 ? 0.416   -19.758 -4.315  1.00 31.05  ? 970  ALA A N    1 
ATOM   1209 C CA   . ALA A 1 164 ? 0.987   -19.276 -5.568  1.00 31.32  ? 970  ALA A CA   1 
ATOM   1210 C C    . ALA A 1 164 ? -0.078  -18.920 -6.598  1.00 29.67  ? 970  ALA A C    1 
ATOM   1211 O O    . ALA A 1 164 ? 0.135   -18.020 -7.411  1.00 29.83  ? 970  ALA A O    1 
ATOM   1212 C CB   . ALA A 1 164 ? 1.940   -20.318 -6.144  1.00 37.84  ? 970  ALA A CB   1 
ATOM   1213 N N    . THR A 1 165 ? -1.211  -19.622 -6.599  1.00 35.19  ? 971  THR A N    1 
ATOM   1214 C CA   . THR A 1 165 ? -2.297  -19.383 -7.549  1.00 34.46  ? 971  THR A CA   1 
ATOM   1215 C C    . THR A 1 165 ? -3.336  -18.401 -7.025  1.00 35.00  ? 971  THR A C    1 
ATOM   1216 O O    . THR A 1 165 ? -3.789  -17.530 -7.773  1.00 37.33  ? 971  THR A O    1 
ATOM   1217 C CB   . THR A 1 165 ? -3.011  -20.690 -7.906  1.00 30.45  ? 971  THR A CB   1 
ATOM   1218 O OG1  . THR A 1 165 ? -3.504  -21.302 -6.711  1.00 35.31  ? 971  THR A OG1  1 
ATOM   1219 C CG2  . THR A 1 165 ? -2.086  -21.648 -8.615  1.00 24.51  ? 971  THR A CG2  1 
ATOM   1220 N N    . LEU A 1 166 ? -3.738  -18.530 -5.757  1.00 36.73  ? 972  LEU A N    1 
ATOM   1221 C CA   . LEU A 1 166 ? -4.729  -17.617 -5.193  1.00 32.91  ? 972  LEU A CA   1 
ATOM   1222 C C    . LEU A 1 166 ? -4.187  -16.200 -5.151  1.00 34.73  ? 972  LEU A C    1 
ATOM   1223 O O    . LEU A 1 166 ? -4.858  -15.254 -5.571  1.00 33.15  ? 972  LEU A O    1 
ATOM   1224 C CB   . LEU A 1 166 ? -5.140  -18.076 -3.793  1.00 32.03  ? 972  LEU A CB   1 
ATOM   1225 C CG   . LEU A 1 166 ? -6.029  -17.114 -3.015  1.00 30.73  ? 972  LEU A CG   1 
ATOM   1226 C CD1  . LEU A 1 166 ? -7.284  -16.853 -3.793  1.00 33.59  ? 972  LEU A CD1  1 
ATOM   1227 C CD2  . LEU A 1 166 ? -6.359  -17.659 -1.656  1.00 27.28  ? 972  LEU A CD2  1 
ATOM   1228 N N    . SER A 1 167 ? -2.961  -16.035 -4.658  1.00 35.59  ? 973  SER A N    1 
ATOM   1229 C CA   . SER A 1 167 ? -2.367  -14.707 -4.595  1.00 32.19  ? 973  SER A CA   1 
ATOM   1230 C C    . SER A 1 167 ? -2.235  -14.084 -5.972  1.00 34.33  ? 973  SER A C    1 
ATOM   1231 O O    . SER A 1 167 ? -2.284  -12.855 -6.096  1.00 38.63  ? 973  SER A O    1 
ATOM   1232 C CB   . SER A 1 167 ? -0.999  -14.783 -3.944  1.00 30.14  ? 973  SER A CB   1 
ATOM   1233 O OG   . SER A 1 167 ? -0.140  -15.517 -4.788  1.00 40.53  ? 973  SER A OG   1 
ATOM   1234 N N    . GLU A 1 168 ? -2.037  -14.907 -7.005  1.00 32.35  ? 974  GLU A N    1 
ATOM   1235 C CA   . GLU A 1 168 ? -1.957  -14.397 -8.370  1.00 35.22  ? 974  GLU A CA   1 
ATOM   1236 C C    . GLU A 1 168 ? -3.284  -13.798 -8.813  1.00 35.77  ? 974  GLU A C    1 
ATOM   1237 O O    . GLU A 1 168 ? -3.320  -12.726 -9.431  1.00 33.78  ? 974  GLU A O    1 
ATOM   1238 C CB   . GLU A 1 168 ? -1.546  -15.516 -9.322  1.00 35.15  ? 974  GLU A CB   1 
ATOM   1239 C CG   . GLU A 1 168 ? -1.215  -15.042 -10.722 1.00 40.32  ? 974  GLU A CG   1 
ATOM   1240 C CD   . GLU A 1 168 ? -1.038  -16.179 -11.709 1.00 48.65  ? 974  GLU A CD   1 
ATOM   1241 O OE1  . GLU A 1 168 ? -1.851  -17.136 -11.673 1.00 49.26  ? 974  GLU A OE1  1 
ATOM   1242 O OE2  . GLU A 1 168 ? -0.085  -16.114 -12.523 1.00 50.78  ? 974  GLU A OE2  1 
ATOM   1243 N N    . ARG A 1 169 ? -4.383  -14.482 -8.508  1.00 39.31  ? 975  ARG A N    1 
ATOM   1244 C CA   . ARG A 1 169 ? -5.707  -13.987 -8.863  1.00 32.59  ? 975  ARG A CA   1 
ATOM   1245 C C    . ARG A 1 169 ? -6.029  -12.712 -8.101  1.00 32.74  ? 975  ARG A C    1 
ATOM   1246 O O    . ARG A 1 169 ? -6.463  -11.721 -8.690  1.00 37.42  ? 975  ARG A O    1 
ATOM   1247 C CB   . ARG A 1 169 ? -6.748  -15.066 -8.574  1.00 28.88  ? 975  ARG A CB   1 
ATOM   1248 C CG   . ARG A 1 169 ? -8.079  -14.825 -9.198  1.00 29.56  ? 975  ARG A CG   1 
ATOM   1249 C CD   . ARG A 1 169 ? -9.070  -15.917 -8.813  1.00 30.90  ? 975  ARG A CD   1 
ATOM   1250 N NE   . ARG A 1 169 ? -8.573  -17.258 -9.086  1.00 27.09  ? 975  ARG A NE   1 
ATOM   1251 C CZ   . ARG A 1 169 ? -8.269  -18.146 -8.149  1.00 30.55  ? 975  ARG A CZ   1 
ATOM   1252 N NH1  . ARG A 1 169 ? -8.419  -17.848 -6.869  1.00 31.93  ? 975  ARG A NH1  1 
ATOM   1253 N NH2  . ARG A 1 169 ? -7.818  -19.341 -8.489  1.00 32.76  ? 975  ARG A NH2  1 
ATOM   1254 N N    . VAL A 1 170 ? -5.805  -12.718 -6.785  1.00 35.03  ? 976  VAL A N    1 
ATOM   1255 C CA   . VAL A 1 170 ? -6.097  -11.545 -5.963  1.00 30.36  ? 976  VAL A CA   1 
ATOM   1256 C C    . VAL A 1 170 ? -5.347  -10.330 -6.479  1.00 30.57  ? 976  VAL A C    1 
ATOM   1257 O O    . VAL A 1 170 ? -5.872  -9.221  -6.472  1.00 38.87  ? 976  VAL A O    1 
ATOM   1258 C CB   . VAL A 1 170 ? -5.764  -11.828 -4.485  1.00 29.58  ? 976  VAL A CB   1 
ATOM   1259 C CG1  . VAL A 1 170 ? -5.734  -10.557 -3.709  1.00 29.87  ? 976  VAL A CG1  1 
ATOM   1260 C CG2  . VAL A 1 170 ? -6.775  -12.766 -3.890  1.00 27.33  ? 976  VAL A CG2  1 
ATOM   1261 N N    . LYS A 1 171 ? -4.116  -10.508 -6.943  1.00 35.47  ? 977  LYS A N    1 
ATOM   1262 C CA   . LYS A 1 171 ? -3.345  -9.343  -7.359  1.00 34.10  ? 977  LYS A CA   1 
ATOM   1263 C C    . LYS A 1 171 ? -3.970  -8.634  -8.539  1.00 32.09  ? 977  LYS A C    1 
ATOM   1264 O O    . LYS A 1 171 ? -3.701  -7.457  -8.749  1.00 37.21  ? 977  LYS A O    1 
ATOM   1265 C CB   . LYS A 1 171 ? -1.905  -9.737  -7.680  1.00 31.63  ? 977  LYS A CB   1 
ATOM   1266 C CG   . LYS A 1 171 ? -1.070  -9.829  -6.428  1.00 37.96  ? 977  LYS A CG   1 
ATOM   1267 C CD   . LYS A 1 171 ? 0.386   -10.074 -6.711  1.00 42.87  ? 977  LYS A CD   1 
ATOM   1268 C CE   . LYS A 1 171 ? 1.200   -9.904  -5.440  1.00 45.93  ? 977  LYS A CE   1 
ATOM   1269 N NZ   . LYS A 1 171 ? 2.622   -10.289 -5.621  1.00 54.46  ? 977  LYS A NZ   1 
ATOM   1270 N N    . LEU A 1 172 ? -4.808  -9.303  -9.310  1.00 31.11  ? 978  LEU A N    1 
ATOM   1271 C CA   . LEU A 1 172 ? -5.457  -8.604  -10.409 1.00 30.84  ? 978  LEU A CA   1 
ATOM   1272 C C    . LEU A 1 172 ? -6.486  -7.605  -9.901  1.00 32.21  ? 978  LEU A C    1 
ATOM   1273 O O    . LEU A 1 172 ? -6.760  -6.608  -10.569 1.00 34.78  ? 978  LEU A O    1 
ATOM   1274 C CB   . LEU A 1 172 ? -6.093  -9.609  -11.371 1.00 28.96  ? 978  LEU A CB   1 
ATOM   1275 C CG   . LEU A 1 172 ? -5.112  -10.338 -12.284 1.00 22.13  ? 978  LEU A CG   1 
ATOM   1276 C CD1  . LEU A 1 172 ? -5.868  -11.004 -13.367 1.00 20.19  ? 978  LEU A CD1  1 
ATOM   1277 C CD2  . LEU A 1 172 ? -4.114  -9.389  -12.879 1.00 27.90  ? 978  LEU A CD2  1 
ATOM   1278 N N    . ALA A 1 173 ? -7.059  -7.849  -8.725  1.00 32.60  ? 979  ALA A N    1 
ATOM   1279 C CA   . ALA A 1 173 ? -7.932  -6.866  -8.093  1.00 29.73  ? 979  ALA A CA   1 
ATOM   1280 C C    . ALA A 1 173 ? -7.121  -5.751  -7.452  1.00 32.27  ? 979  ALA A C    1 
ATOM   1281 O O    . ALA A 1 173 ? -7.354  -4.571  -7.721  1.00 37.51  ? 979  ALA A O    1 
ATOM   1282 C CB   . ALA A 1 173 ? -8.818  -7.535  -7.049  1.00 27.63  ? 979  ALA A CB   1 
ATOM   1283 N N    . GLU A 1 174 ? -6.162  -6.101  -6.608  1.00 29.79  ? 980  GLU A N    1 
ATOM   1284 C CA   . GLU A 1 174 ? -5.262  -5.108  -6.045  1.00 31.04  ? 980  GLU A CA   1 
ATOM   1285 C C    . GLU A 1 174 ? -4.827  -4.104  -7.102  1.00 29.96  ? 980  GLU A C    1 
ATOM   1286 O O    . GLU A 1 174 ? -4.780  -2.905  -6.834  1.00 31.39  ? 980  GLU A O    1 
ATOM   1287 C CB   . GLU A 1 174 ? -4.045  -5.785  -5.443  1.00 35.61  ? 980  GLU A CB   1 
ATOM   1288 C CG   . GLU A 1 174 ? -4.378  -6.916  -4.511  1.00 36.07  ? 980  GLU A CG   1 
ATOM   1289 C CD   . GLU A 1 174 ? -3.138  -7.548  -3.941  1.00 39.28  ? 980  GLU A CD   1 
ATOM   1290 O OE1  . GLU A 1 174 ? -2.056  -6.972  -4.131  1.00 36.64  ? 980  GLU A OE1  1 
ATOM   1291 O OE2  . GLU A 1 174 ? -3.243  -8.621  -3.311  1.00 42.67  ? 980  GLU A OE2  1 
ATOM   1292 N N    . HIS A 1 175 ? -4.511  -4.579  -8.306  1.00 30.88  ? 981  HIS A N    1 
ATOM   1293 C CA   . HIS A 1 175 ? -4.108  -3.675  -9.375  1.00 29.91  ? 981  HIS A CA   1 
ATOM   1294 C C    . HIS A 1 175 ? -5.260  -2.839  -9.898  1.00 34.27  ? 981  HIS A C    1 
ATOM   1295 O O    . HIS A 1 175 ? -5.027  -1.949  -10.722 1.00 36.20  ? 981  HIS A O    1 
ATOM   1296 C CB   . HIS A 1 175 ? -3.489  -4.447  -10.528 1.00 26.91  ? 981  HIS A CB   1 
ATOM   1297 C CG   . HIS A 1 175 ? -2.286  -5.243  -10.144 1.00 29.79  ? 981  HIS A CG   1 
ATOM   1298 N ND1  . HIS A 1 175 ? -1.826  -6.302  -10.894 1.00 31.28  ? 981  HIS A ND1  1 
ATOM   1299 C CD2  . HIS A 1 175 ? -1.443  -5.132  -9.094  1.00 32.68  ? 981  HIS A CD2  1 
ATOM   1300 C CE1  . HIS A 1 175 ? -0.744  -6.803  -10.327 1.00 33.79  ? 981  HIS A CE1  1 
ATOM   1301 N NE2  . HIS A 1 175 ? -0.490  -6.111  -9.234  1.00 33.34  ? 981  HIS A NE2  1 
ATOM   1302 N N    . LYS A 1 176 ? -6.488  -3.105  -9.453  1.00 32.72  ? 982  LYS A N    1 
ATOM   1303 C CA   . LYS A 1 176 ? -7.636  -2.269  -9.781  1.00 30.94  ? 982  LYS A CA   1 
ATOM   1304 C C    . LYS A 1 176 ? -7.943  -1.304  -8.646  1.00 32.52  ? 982  LYS A C    1 
ATOM   1305 O O    . LYS A 1 176 ? -7.909  -0.088  -8.829  1.00 42.94  ? 982  LYS A O    1 
ATOM   1306 C CB   . LYS A 1 176 ? -8.876  -3.120  -10.070 1.00 32.79  ? 982  LYS A CB   1 
ATOM   1307 C CG   . LYS A 1 176 ? -8.779  -4.026  -11.287 1.00 35.43  ? 982  LYS A CG   1 
ATOM   1308 C CD   . LYS A 1 176 ? -10.085 -4.777  -11.448 1.00 40.94  ? 982  LYS A CD   1 
ATOM   1309 C CE   . LYS A 1 176 ? -10.151 -5.571  -12.742 1.00 50.67  ? 982  LYS A CE   1 
ATOM   1310 N NZ   . LYS A 1 176 ? -11.440 -6.333  -12.832 1.00 55.87  ? 982  LYS A NZ   1 
ATOM   1311 N N    . ILE A 1 177 ? -8.235  -1.830  -7.460  1.00 26.61  ? 983  ILE A N    1 
ATOM   1312 C CA   . ILE A 1 177 ? -8.724  -0.962  -6.404  1.00 28.73  ? 983  ILE A CA   1 
ATOM   1313 C C    . ILE A 1 177 ? -7.631  -0.067  -5.842  1.00 29.53  ? 983  ILE A C    1 
ATOM   1314 O O    . ILE A 1 177 ? -7.937  0.978   -5.276  1.00 35.44  ? 983  ILE A O    1 
ATOM   1315 C CB   . ILE A 1 177 ? -9.395  -1.789  -5.286  1.00 32.50  ? 983  ILE A CB   1 
ATOM   1316 C CG1  . ILE A 1 177 ? -8.361  -2.475  -4.399  1.00 32.69  ? 983  ILE A CG1  1 
ATOM   1317 C CG2  . ILE A 1 177 ? -10.339 -2.820  -5.866  1.00 28.78  ? 983  ILE A CG2  1 
ATOM   1318 C CD1  . ILE A 1 177 ? -8.985  -3.444  -3.441  1.00 31.89  ? 983  ILE A CD1  1 
ATOM   1319 N N    . PHE A 1 178 ? -6.364  -0.428  -5.969  1.00 27.03  ? 984  PHE A N    1 
ATOM   1320 C CA   . PHE A 1 178 ? -5.337  0.453   -5.418  1.00 30.98  ? 984  PHE A CA   1 
ATOM   1321 C C    . PHE A 1 178 ? -5.191  1.715   -6.247  1.00 29.74  ? 984  PHE A C    1 
ATOM   1322 O O    . PHE A 1 178 ? -5.201  2.811   -5.666  1.00 30.98  ? 984  PHE A O    1 
ATOM   1323 C CB   . PHE A 1 178 ? -4.006  -0.285  -5.274  1.00 31.05  ? 984  PHE A CB   1 
ATOM   1324 C CG   . PHE A 1 178 ? -3.143  0.274   -4.190  1.00 32.28  ? 984  PHE A CG   1 
ATOM   1325 C CD1  . PHE A 1 178 ? -3.550  1.388   -3.486  1.00 33.19  ? 984  PHE A CD1  1 
ATOM   1326 C CD2  . PHE A 1 178 ? -1.937  -0.310  -3.868  1.00 34.58  ? 984  PHE A CD2  1 
ATOM   1327 C CE1  . PHE A 1 178 ? -2.766  1.909   -2.485  1.00 35.14  ? 984  PHE A CE1  1 
ATOM   1328 C CE2  . PHE A 1 178 ? -1.151  0.211   -2.868  1.00 32.42  ? 984  PHE A CE2  1 
ATOM   1329 C CZ   . PHE A 1 178 ? -1.565  1.321   -2.176  1.00 33.29  ? 984  PHE A CZ   1 
ATOM   1330 N N    . PRO A 1 179 ? -5.025  1.650   -7.567  1.00 30.17  ? 985  PRO A N    1 
ATOM   1331 C CA   . PRO A 1 179 ? -5.046  2.882   -8.370  1.00 29.86  ? 985  PRO A CA   1 
ATOM   1332 C C    . PRO A 1 179 ? -6.326  3.689   -8.214  1.00 32.16  ? 985  PRO A C    1 
ATOM   1333 O O    . PRO A 1 179 ? -6.282  4.925   -8.228  1.00 30.06  ? 985  PRO A O    1 
ATOM   1334 C CB   . PRO A 1 179 ? -4.875  2.356   -9.797  1.00 27.85  ? 985  PRO A CB   1 
ATOM   1335 C CG   . PRO A 1 179 ? -4.196  1.059   -9.641  1.00 29.88  ? 985  PRO A CG   1 
ATOM   1336 C CD   . PRO A 1 179 ? -4.670  0.471   -8.368  1.00 30.88  ? 985  PRO A CD   1 
ATOM   1337 N N    . ALA A 1 180 ? -7.470  3.024   -8.065  1.00 29.89  ? 986  ALA A N    1 
ATOM   1338 C CA   . ALA A 1 180 ? -8.725  3.736   -7.854  1.00 30.02  ? 986  ALA A CA   1 
ATOM   1339 C C    . ALA A 1 180 ? -8.752  4.423   -6.491  1.00 32.91  ? 986  ALA A C    1 
ATOM   1340 O O    . ALA A 1 180 ? -9.048  5.616   -6.393  1.00 32.87  ? 986  ALA A O    1 
ATOM   1341 C CB   . ALA A 1 180 ? -9.899  2.771   -7.988  1.00 26.44  ? 986  ALA A CB   1 
ATOM   1342 N N    . ALA A 1 181 ? -8.474  3.680   -5.421  1.00 34.35  ? 987  ALA A N    1 
ATOM   1343 C CA   . ALA A 1 181 ? -8.466  4.283   -4.093  1.00 27.50  ? 987  ALA A CA   1 
ATOM   1344 C C    . ALA A 1 181 ? -7.470  5.425   -4.018  1.00 30.59  ? 987  ALA A C    1 
ATOM   1345 O O    . ALA A 1 181 ? -7.719  6.428   -3.350  1.00 34.66  ? 987  ALA A O    1 
ATOM   1346 C CB   . ALA A 1 181 ? -8.144  3.229   -3.037  1.00 27.90  ? 987  ALA A CB   1 
ATOM   1347 N N    . LEU A 1 182 ? -6.325  5.300   -4.689  1.00 32.23  ? 988  LEU A N    1 
ATOM   1348 C CA   . LEU A 1 182 ? -5.406  6.430   -4.755  1.00 32.67  ? 988  LEU A CA   1 
ATOM   1349 C C    . LEU A 1 182 ? -6.079  7.618   -5.414  1.00 32.04  ? 988  LEU A C    1 
ATOM   1350 O O    . LEU A 1 182 ? -6.081  8.725   -4.882  1.00 33.74  ? 988  LEU A O    1 
ATOM   1351 C CB   . LEU A 1 182 ? -4.139  6.065   -5.522  1.00 31.17  ? 988  LEU A CB   1 
ATOM   1352 C CG   . LEU A 1 182 ? -3.179  7.249   -5.488  1.00 28.99  ? 988  LEU A CG   1 
ATOM   1353 C CD1  . LEU A 1 182 ? -2.842  7.513   -4.056  1.00 34.18  ? 988  LEU A CD1  1 
ATOM   1354 C CD2  . LEU A 1 182 ? -1.930  6.981   -6.260  1.00 28.40  ? 988  LEU A CD2  1 
ATOM   1355 N N    . GLN A 1 183 ? -6.682  7.391   -6.574  1.00 33.59  ? 989  GLN A N    1 
ATOM   1356 C CA   . GLN A 1 183 ? -7.334  8.467   -7.301  1.00 29.01  ? 989  GLN A CA   1 
ATOM   1357 C C    . GLN A 1 183 ? -8.434  9.115   -6.471  1.00 30.04  ? 989  GLN A C    1 
ATOM   1358 O O    . GLN A 1 183 ? -8.637  10.324  -6.545  1.00 35.23  ? 989  GLN A O    1 
ATOM   1359 C CB   . GLN A 1 183 ? -7.885  7.928   -8.619  1.00 27.25  ? 989  GLN A CB   1 
ATOM   1360 C CG   . GLN A 1 183 ? -8.634  8.949   -9.418  1.00 31.69  ? 989  GLN A CG   1 
ATOM   1361 C CD   . GLN A 1 183 ? -7.746  10.061  -9.915  1.00 36.24  ? 989  GLN A CD   1 
ATOM   1362 O OE1  . GLN A 1 183 ? -6.550  9.870   -10.132 1.00 39.38  ? 989  GLN A OE1  1 
ATOM   1363 N NE2  . GLN A 1 183 ? -8.327  11.234  -10.093 1.00 30.33  ? 989  GLN A NE2  1 
ATOM   1364 N N    . LEU A 1 184 ? -9.163  8.335   -5.680  1.00 32.70  ? 990  LEU A N    1 
ATOM   1365 C CA   . LEU A 1 184 ? -10.170 8.933   -4.805  1.00 33.34  ? 990  LEU A CA   1 
ATOM   1366 C C    . LEU A 1 184 ? -9.531  9.901   -3.830  1.00 33.29  ? 990  LEU A C    1 
ATOM   1367 O O    . LEU A 1 184 ? -9.947  11.055  -3.725  1.00 37.59  ? 990  LEU A O    1 
ATOM   1368 C CB   . LEU A 1 184 ? -10.922 7.858   -4.032  1.00 29.56  ? 990  LEU A CB   1 
ATOM   1369 C CG   . LEU A 1 184 ? -11.680 6.919   -4.931  1.00 30.71  ? 990  LEU A CG   1 
ATOM   1370 C CD1  . LEU A 1 184 ? -12.337 5.907   -4.062  1.00 39.46  ? 990  LEU A CD1  1 
ATOM   1371 C CD2  . LEU A 1 184 ? -12.699 7.713   -5.684  1.00 34.38  ? 990  LEU A CD2  1 
ATOM   1372 N N    . VAL A 1 185 ? -8.517  9.438   -3.102  1.00 33.75  ? 991  VAL A N    1 
ATOM   1373 C CA   . VAL A 1 185 ? -7.910  10.240  -2.050  1.00 35.46  ? 991  VAL A CA   1 
ATOM   1374 C C    . VAL A 1 185 ? -7.212  11.461  -2.634  1.00 35.28  ? 991  VAL A C    1 
ATOM   1375 O O    . VAL A 1 185 ? -7.355  12.576  -2.122  1.00 36.34  ? 991  VAL A O    1 
ATOM   1376 C CB   . VAL A 1 185 ? -6.945  9.368   -1.233  1.00 31.75  ? 991  VAL A CB   1 
ATOM   1377 C CG1  . VAL A 1 185 ? -6.175  10.225  -0.274  1.00 26.98  ? 991  VAL A CG1  1 
ATOM   1378 C CG2  . VAL A 1 185 ? -7.719  8.286   -0.508  1.00 29.83  ? 991  VAL A CG2  1 
ATOM   1379 N N    . ALA A 1 186 ? -6.464  11.274  -3.723  1.00 33.74  ? 992  ALA A N    1 
ATOM   1380 C CA   . ALA A 1 186 ? -5.678  12.357  -4.310  1.00 30.99  ? 992  ALA A CA   1 
ATOM   1381 C C    . ALA A 1 186 ? -6.559  13.421  -4.941  1.00 31.26  ? 992  ALA A C    1 
ATOM   1382 O O    . ALA A 1 186 ? -6.248  14.606  -4.868  1.00 34.92  ? 992  ALA A O    1 
ATOM   1383 C CB   . ALA A 1 186 ? -4.708  11.801  -5.350  1.00 30.09  ? 992  ALA A CB   1 
ATOM   1384 N N    . SER A 1 187 ? -7.639  13.030  -5.589  1.00 32.78  ? 993  SER A N    1 
ATOM   1385 C CA   . SER A 1 187 ? -8.557  14.012  -6.144  1.00 32.54  ? 993  SER A CA   1 
ATOM   1386 C C    . SER A 1 187 ? -9.356  14.749  -5.075  1.00 37.81  ? 993  SER A C    1 
ATOM   1387 O O    . SER A 1 187 ? -10.120 15.656  -5.412  1.00 43.73  ? 993  SER A O    1 
ATOM   1388 C CB   . SER A 1 187 ? -9.519  13.330  -7.118  1.00 34.51  ? 993  SER A CB   1 
ATOM   1389 O OG   . SER A 1 187 ? -10.399 12.461  -6.437  1.00 35.91  ? 993  SER A OG   1 
ATOM   1390 N N    . GLY A 1 188 ? -9.209  14.396  -3.804  1.00 35.07  ? 994  GLY A N    1 
ATOM   1391 C CA   . GLY A 1 188 ? -10.029 14.996  -2.772  1.00 36.28  ? 994  GLY A CA   1 
ATOM   1392 C C    . GLY A 1 188 ? -11.473 14.550  -2.785  1.00 38.16  ? 994  GLY A C    1 
ATOM   1393 O O    . GLY A 1 188 ? -12.354 15.327  -2.421  1.00 38.72  ? 994  GLY A O    1 
ATOM   1394 N N    . THR A 1 189 ? -11.745 13.321  -3.214  1.00 39.43  ? 995  THR A N    1 
ATOM   1395 C CA   . THR A 1 189 ? -13.098 12.784  -3.210  1.00 36.04  ? 995  THR A CA   1 
ATOM   1396 C C    . THR A 1 189 ? -13.413 12.055  -1.916  1.00 47.48  ? 995  THR A C    1 
ATOM   1397 O O    . THR A 1 189 ? -14.426 12.341  -1.274  1.00 58.00  ? 995  THR A O    1 
ATOM   1398 C CB   . THR A 1 189 ? -13.290 11.830  -4.381  1.00 36.88  ? 995  THR A CB   1 
ATOM   1399 O OG1  . THR A 1 189 ? -13.256 12.559  -5.606  1.00 37.41  ? 995  THR A OG1  1 
ATOM   1400 C CG2  . THR A 1 189 ? -14.617 11.104  -4.256  1.00 40.98  ? 995  THR A CG2  1 
ATOM   1401 N N    . VAL A 1 190 ? -12.563 11.103  -1.531  1.00 43.39  ? 996  VAL A N    1 
ATOM   1402 C CA   . VAL A 1 190 ? -12.659 10.421  -0.247  1.00 38.94  ? 996  VAL A CA   1 
ATOM   1403 C C    . VAL A 1 190 ? -11.594 10.981  0.677   1.00 43.30  ? 996  VAL A C    1 
ATOM   1404 O O    . VAL A 1 190 ? -10.439 11.179  0.282   1.00 46.84  ? 996  VAL A O    1 
ATOM   1405 C CB   . VAL A 1 190 ? -12.512 8.899   -0.390  1.00 39.46  ? 996  VAL A CB   1 
ATOM   1406 C CG1  . VAL A 1 190 ? -12.178 8.291   0.951   1.00 37.58  ? 996  VAL A CG1  1 
ATOM   1407 C CG2  . VAL A 1 190 ? -13.786 8.314   -0.926  1.00 44.04  ? 996  VAL A CG2  1 
ATOM   1408 N N    . GLN A 1 191 ? -11.991 11.231  1.915   1.00 45.27  ? 997  GLN A N    1 
ATOM   1409 C CA   . GLN A 1 191 ? -11.166 11.903  2.897   1.00 43.78  ? 997  GLN A CA   1 
ATOM   1410 C C    . GLN A 1 191 ? -11.514 11.315  4.248   1.00 47.69  ? 997  GLN A C    1 
ATOM   1411 O O    . GLN A 1 191 ? -12.686 11.070  4.538   1.00 50.94  ? 997  GLN A O    1 
ATOM   1412 C CB   . GLN A 1 191 ? -11.409 13.421  2.874   1.00 47.90  ? 997  GLN A CB   1 
ATOM   1413 C CG   . GLN A 1 191 ? -11.350 14.119  4.228   1.00 51.78  ? 997  GLN A CG   1 
ATOM   1414 C CD   . GLN A 1 191 ? -12.310 15.291  4.317   1.00 54.37  ? 997  GLN A CD   1 
ATOM   1415 O OE1  . GLN A 1 191 ? -12.851 15.736  3.310   1.00 54.38  ? 997  GLN A OE1  1 
ATOM   1416 N NE2  . GLN A 1 191 ? -12.540 15.782  5.529   1.00 55.68  ? 997  GLN A NE2  1 
ATOM   1417 N N    . LEU A 1 192 ? -10.494 11.055  5.050   1.00 45.74  ? 998  LEU A N    1 
ATOM   1418 C CA   . LEU A 1 192 ? -10.725 10.641  6.418   1.00 45.98  ? 998  LEU A CA   1 
ATOM   1419 C C    . LEU A 1 192 ? -11.469 11.753  7.149   1.00 57.22  ? 998  LEU A C    1 
ATOM   1420 O O    . LEU A 1 192 ? -10.968 12.877  7.251   1.00 65.47  ? 998  LEU A O    1 
ATOM   1421 C CB   . LEU A 1 192 ? -9.392  10.333  7.087   1.00 40.99  ? 998  LEU A CB   1 
ATOM   1422 C CG   . LEU A 1 192 ? -9.461  9.404   8.282   1.00 41.29  ? 998  LEU A CG   1 
ATOM   1423 C CD1  . LEU A 1 192 ? -10.286 8.211   7.899   1.00 52.98  ? 998  LEU A CD1  1 
ATOM   1424 C CD2  . LEU A 1 192 ? -8.081  8.985   8.689   1.00 35.89  ? 998  LEU A CD2  1 
ATOM   1425 N N    . GLY A 1 193 ? -12.682 11.455  7.631   1.00 58.91  ? 999  GLY A N    1 
ATOM   1426 C CA   . GLY A 1 193 ? -13.501 12.477  8.250   1.00 68.29  ? 999  GLY A CA   1 
ATOM   1427 C C    . GLY A 1 193 ? -13.038 12.865  9.653   1.00 86.44  ? 999  GLY A C    1 
ATOM   1428 O O    . GLY A 1 193 ? -12.197 12.203  10.265  1.00 83.74  ? 999  GLY A O    1 
ATOM   1429 N N    . GLU A 1 194 ? -13.617 13.963  10.162  1.00 86.49  ? 1000 GLU A N    1 
ATOM   1430 C CA   . GLU A 1 194 ? -13.269 14.431  11.503  1.00 86.98  ? 1000 GLU A CA   1 
ATOM   1431 C C    . GLU A 1 194 ? -13.497 13.344  12.549  1.00 91.49  ? 1000 GLU A C    1 
ATOM   1432 O O    . GLU A 1 194 ? -12.655 13.132  13.433  1.00 84.53  ? 1000 GLU A O    1 
ATOM   1433 C CB   . GLU A 1 194 ? -14.074 15.687  11.851  1.00 94.97  ? 1000 GLU A CB   1 
ATOM   1434 C CG   . GLU A 1 194 ? -13.868 16.217  13.288  1.00 104.98 ? 1000 GLU A CG   1 
ATOM   1435 C CD   . GLU A 1 194 ? -12.631 17.103  13.451  1.00 104.75 ? 1000 GLU A CD   1 
ATOM   1436 O OE1  . GLU A 1 194 ? -12.541 18.149  12.769  1.00 98.44  ? 1000 GLU A OE1  1 
ATOM   1437 O OE2  . GLU A 1 194 ? -11.750 16.754  14.270  1.00 98.99  ? 1000 GLU A OE2  1 
ATOM   1438 N N    . ASN A 1 195 ? -14.635 12.645  12.464  1.00 91.91  ? 1001 ASN A N    1 
ATOM   1439 C CA   . ASN A 1 195 ? -14.947 11.519  13.338  1.00 82.59  ? 1001 ASN A CA   1 
ATOM   1440 C C    . ASN A 1 195 ? -14.115 10.284  13.036  1.00 79.66  ? 1001 ASN A C    1 
ATOM   1441 O O    . ASN A 1 195 ? -14.368 9.242   13.647  1.00 77.87  ? 1001 ASN A O    1 
ATOM   1442 C CB   . ASN A 1 195 ? -16.426 11.156  13.223  1.00 76.30  ? 1001 ASN A CB   1 
ATOM   1443 C CG   . ASN A 1 195 ? -16.753 10.484  11.905  1.00 78.80  ? 1001 ASN A CG   1 
ATOM   1444 O OD1  . ASN A 1 195 ? -16.269 10.893  10.851  1.00 82.49  ? 1001 ASN A OD1  1 
ATOM   1445 N ND2  . ASN A 1 195 ? -17.567 9.438   11.958  1.00 79.54  ? 1001 ASN A ND2  1 
ATOM   1446 N N    . GLY A 1 196 ? -13.166 10.361  12.099  1.00 78.36  ? 1002 GLY A N    1 
ATOM   1447 C CA   . GLY A 1 196 ? -12.272 9.264   11.800  1.00 72.99  ? 1002 GLY A CA   1 
ATOM   1448 C C    . GLY A 1 196 ? -12.803 8.219   10.845  1.00 70.60  ? 1002 GLY A C    1 
ATOM   1449 O O    . GLY A 1 196 ? -12.016 7.414   10.336  1.00 65.45  ? 1002 GLY A O    1 
ATOM   1450 N N    . LYS A 1 197 ? -14.110 8.184   10.602  1.00 71.81  ? 1003 LYS A N    1 
ATOM   1451 C CA   . LYS A 1 197 ? -14.664 7.293   9.596   1.00 65.97  ? 1003 LYS A CA   1 
ATOM   1452 C C    . LYS A 1 197 ? -14.523 7.924   8.213   1.00 63.66  ? 1003 LYS A C    1 
ATOM   1453 O O    . LYS A 1 197 ? -14.390 9.141   8.067   1.00 66.51  ? 1003 LYS A O    1 
ATOM   1454 C CB   . LYS A 1 197 ? -16.131 6.977   9.898   1.00 62.61  ? 1003 LYS A CB   1 
ATOM   1455 N N    . ILE A 1 198 ? -14.545 7.074   7.188   1.00 60.94  ? 1004 ILE A N    1 
ATOM   1456 C CA   . ILE A 1 198 ? -14.277 7.529   5.832   1.00 54.06  ? 1004 ILE A CA   1 
ATOM   1457 C C    . ILE A 1 198 ? -15.399 8.448   5.371   1.00 50.30  ? 1004 ILE A C    1 
ATOM   1458 O O    . ILE A 1 198 ? -16.579 8.086   5.428   1.00 49.64  ? 1004 ILE A O    1 
ATOM   1459 C CB   . ILE A 1 198 ? -14.126 6.329   4.896   1.00 50.34  ? 1004 ILE A CB   1 
ATOM   1460 C CG1  . ILE A 1 198 ? -13.552 6.759   3.562   1.00 47.07  ? 1004 ILE A CG1  1 
ATOM   1461 C CG2  . ILE A 1 198 ? -15.471 5.671   4.661   1.00 58.46  ? 1004 ILE A CG2  1 
ATOM   1462 C CD1  . ILE A 1 198 ? -13.775 5.728   2.506   1.00 48.40  ? 1004 ILE A CD1  1 
ATOM   1463 N N    . CYS A 1 199 ? -15.034 9.638   4.895   1.00 52.62  ? 1005 CYS A N    1 
ATOM   1464 C CA   . CYS A 1 199 ? -15.984 10.671  4.494   1.00 54.38  ? 1005 CYS A CA   1 
ATOM   1465 C C    . CYS A 1 199 ? -15.947 10.838  2.980   1.00 50.69  ? 1005 CYS A C    1 
ATOM   1466 O O    . CYS A 1 199 ? -14.924 11.246  2.426   1.00 50.55  ? 1005 CYS A O    1 
ATOM   1467 C CB   . CYS A 1 199 ? -15.669 12.000  5.190   1.00 54.04  ? 1005 CYS A CB   1 
ATOM   1468 S SG   . CYS A 1 199 ? -16.619 13.440  4.600   1.00 67.13  ? 1005 CYS A SG   1 
ATOM   1469 N N    . TRP A 1 200 ? -17.058 10.526  2.317   1.00 49.41  ? 1006 TRP A N    1 
ATOM   1470 C CA   . TRP A 1 200 ? -17.176 10.811  0.896   1.00 51.53  ? 1006 TRP A CA   1 
ATOM   1471 C C    . TRP A 1 200 ? -17.617 12.260  0.684   1.00 58.70  ? 1006 TRP A C    1 
ATOM   1472 O O    . TRP A 1 200 ? -18.006 12.968  1.615   1.00 67.40  ? 1006 TRP A O    1 
ATOM   1473 C CB   . TRP A 1 200 ? -18.143 9.835   0.229   1.00 56.72  ? 1006 TRP A CB   1 
ATOM   1474 C CG   . TRP A 1 200 ? -17.560 8.460   0.101   1.00 56.43  ? 1006 TRP A CG   1 
ATOM   1475 C CD1  . TRP A 1 200 ? -17.347 7.566   1.111   1.00 58.12  ? 1006 TRP A CD1  1 
ATOM   1476 C CD2  . TRP A 1 200 ? -17.100 7.823   -1.099  1.00 56.00  ? 1006 TRP A CD2  1 
ATOM   1477 N NE1  . TRP A 1 200 ? -16.785 6.413   0.617   1.00 60.39  ? 1006 TRP A NE1  1 
ATOM   1478 C CE2  . TRP A 1 200 ? -16.622 6.545   -0.738  1.00 58.60  ? 1006 TRP A CE2  1 
ATOM   1479 C CE3  . TRP A 1 200 ? -17.042 8.210   -2.442  1.00 52.30  ? 1006 TRP A CE3  1 
ATOM   1480 C CZ2  . TRP A 1 200 ? -16.094 5.651   -1.671  1.00 49.71  ? 1006 TRP A CZ2  1 
ATOM   1481 C CZ3  . TRP A 1 200 ? -16.520 7.314   -3.366  1.00 43.88  ? 1006 TRP A CZ3  1 
ATOM   1482 C CH2  . TRP A 1 200 ? -16.054 6.055   -2.975  1.00 42.77  ? 1006 TRP A CH2  1 
ATOM   1483 N N    . VAL A 1 201 ? -17.551 12.707  -0.562  1.00 61.07  ? 1007 VAL A N    1 
ATOM   1484 C CA   . VAL A 1 201 ? -17.720 14.124  -0.859  1.00 58.96  ? 1007 VAL A CA   1 
ATOM   1485 C C    . VAL A 1 201 ? -18.387 14.352  -2.206  1.00 59.06  ? 1007 VAL A C    1 
ATOM   1486 O O    . VAL A 1 201 ? -19.546 13.988  -2.420  1.00 62.14  ? 1007 VAL A O    1 
ATOM   1487 C CB   . VAL A 1 201 ? -16.358 14.845  -0.812  1.00 53.91  ? 1007 VAL A CB   1 
ATOM   1488 C CG1  . VAL A 1 201 ? -16.440 16.168  -1.552  1.00 43.08  ? 1007 VAL A CG1  1 
ATOM   1489 C CG2  . VAL A 1 201 ? -15.877 15.018  0.644   1.00 46.86  ? 1007 VAL A CG2  1 
HETATM 1490 C C1   . GAR B 2 .   ? 0.416   -7.850  -2.498  1.00 48.46  ? 1101 GAR A C1   1 
HETATM 1491 O O6   . GAR B 2 .   ? -0.192  -9.107  -2.761  1.00 55.97  ? 1101 GAR A O6   1 
HETATM 1492 C C2   . GAR B 2 .   ? -0.118  -7.221  -1.207  1.00 50.09  ? 1101 GAR A C2   1 
HETATM 1493 O O8   . GAR B 2 .   ? -1.454  -7.557  -0.929  1.00 47.29  ? 1101 GAR A O8   1 
HETATM 1494 C C3   . GAR B 2 .   ? 0.854   -7.774  -0.151  1.00 51.93  ? 1101 GAR A C3   1 
HETATM 1495 O O4   . GAR B 2 .   ? 2.110   -8.001  -0.818  1.00 45.37  ? 1101 GAR A O4   1 
HETATM 1496 C C5   . GAR B 2 .   ? 1.919   -8.045  -2.246  1.00 46.25  ? 1101 GAR A C5   1 
HETATM 1497 C C10  . GAR B 2 .   ? 2.771   -7.008  -2.940  1.00 43.59  ? 1101 GAR A C10  1 
HETATM 1498 O O12  . GAR B 2 .   ? 3.174   -7.526  -4.211  1.00 42.46  ? 1101 GAR A O12  1 
HETATM 1499 N N19  . GAR B 2 .   ? 1.088   -6.936  0.987   1.00 62.72  ? 1101 GAR A N19  1 
HETATM 1500 C C21  . GAR B 2 .   ? 1.139   -7.512  2.178   1.00 61.85  ? 1101 GAR A C21  1 
HETATM 1501 O O22  . GAR B 2 .   ? 1.131   -8.730  2.324   1.00 63.78  ? 1101 GAR A O22  1 
HETATM 1502 C C23  . GAR B 2 .   ? 1.230   -6.583  3.359   1.00 54.47  ? 1101 GAR A C23  1 
HETATM 1503 N N24  . GAR B 2 .   ? 1.188   -7.362  4.579   1.00 62.67  ? 1101 GAR A N24  1 
HETATM 1504 P P15  . GAR B 2 .   ? 4.075   -6.649  -5.209  1.00 51.10  ? 1101 GAR A P15  1 
HETATM 1505 O O16  . GAR B 2 .   ? 3.578   -5.233  -5.156  1.00 40.88  ? 1101 GAR A O16  1 
HETATM 1506 O O17  . GAR B 2 .   ? 5.465   -6.784  -4.617  1.00 47.66  ? 1101 GAR A O17  1 
HETATM 1507 O O18  . GAR B 2 .   ? 3.797   -7.347  -6.524  1.00 41.68  ? 1101 GAR A O18  1 
HETATM 1508 H H1   . GAR B 2 .   ? 0.200   -7.217  -3.370  1.00 58.15  ? 1101 GAR A H1   1 
HETATM 1509 H HO6  . GAR B 2 .   ? -1.152  -9.023  -2.680  1.00 67.16  ? 1101 GAR A HO6  1 
HETATM 1510 H H2   . GAR B 2 .   ? -0.155  -6.124  -1.250  1.00 60.11  ? 1101 GAR A H2   1 
HETATM 1511 H HO8  . GAR B 2 .   ? -1.829  -6.911  -0.316  1.00 56.75  ? 1101 GAR A HO8  1 
HETATM 1512 H H3   . GAR B 2 .   ? 0.380   -8.678  0.259   1.00 62.31  ? 1101 GAR A H3   1 
HETATM 1513 H H5   . GAR B 2 .   ? 2.243   -9.010  -2.661  1.00 55.49  ? 1101 GAR A H5   1 
HETATM 1514 H H101 . GAR B 2 .   ? 2.204   -6.085  -3.074  1.00 52.30  ? 1101 GAR A H101 1 
HETATM 1515 H H102 . GAR B 2 .   ? 3.649   -6.777  -2.334  1.00 52.30  ? 1101 GAR A H102 1 
HETATM 1516 H H19  . GAR B 2 .   ? 1.210   -5.940  0.871   1.00 75.26  ? 1101 GAR A H19  1 
HETATM 1517 H H231 . GAR B 2 .   ? 0.400   -5.873  3.340   1.00 65.36  ? 1101 GAR A H231 1 
HETATM 1518 H H232 . GAR B 2 .   ? 2.161   -6.012  3.314   1.00 65.36  ? 1101 GAR A H232 1 
HETATM 1519 H H241 . GAR B 2 .   ? 1.107   -8.367  4.533   1.00 75.21  ? 1101 GAR A H241 1 
HETATM 1520 H H242 . GAR B 2 .   ? 1.238   -6.899  5.475   1.00 75.21  ? 1101 GAR A H242 1 
HETATM 1521 C C2   . Y6U C 3 .   ? 1.171   0.072   10.943  0.90 50.47  ? 1102 Y6U A C2   1 
HETATM 1522 C C9   . Y6U C 3 .   ? 1.787   -0.950  8.975   0.90 50.88  ? 1102 Y6U A C9   1 
HETATM 1523 C C12  . Y6U C 3 .   ? 2.788   -6.910  8.677   0.90 44.17  ? 1102 Y6U A C12  1 
HETATM 1524 C C4   . Y6U C 3 .   ? -0.492  -0.853  9.655   0.90 52.62  ? 1102 Y6U A C4   1 
HETATM 1525 C C5   . Y6U C 3 .   ? 2.541   -1.456  7.903   0.90 51.16  ? 1102 Y6U A C5   1 
HETATM 1526 C C6   . Y6U C 3 .   ? 1.628   -2.052  7.047   0.90 49.71  ? 1102 Y6U A C6   1 
HETATM 1527 C C23  . Y6U C 3 .   ? 8.929   -9.384  8.337   0.90 57.97  ? 1102 Y6U A C23  1 
HETATM 1528 C C26  . Y6U C 3 .   ? 7.441   -6.433  10.805  0.90 53.94  ? 1102 Y6U A C26  1 
HETATM 1529 C C8   . Y6U C 3 .   ? 0.468   -1.263  8.707   0.90 48.77  ? 1102 Y6U A C8   1 
HETATM 1530 C C14  . Y6U C 3 .   ? 1.511   -7.343  8.988   0.90 43.81  ? 1102 Y6U A C14  1 
HETATM 1531 C C13  . Y6U C 3 .   ? 2.972   -5.890  7.773   0.90 50.77  ? 1102 Y6U A C13  1 
HETATM 1532 C C15  . Y6U C 3 .   ? 1.864   -5.306  7.180   0.90 57.26  ? 1102 Y6U A C15  1 
HETATM 1533 C C16  . Y6U C 3 .   ? 0.400   -6.767  8.384   0.90 48.91  ? 1102 Y6U A C16  1 
HETATM 1534 C C17  . Y6U C 3 .   ? 3.988   -7.546  9.379   0.90 50.24  ? 1102 Y6U A C17  1 
HETATM 1535 C C20  . Y6U C 3 .   ? 6.330   -7.396  10.343  0.90 56.66  ? 1102 Y6U A C20  1 
HETATM 1536 C C21  . Y6U C 3 .   ? 6.915   -8.494  9.460   0.90 47.05  ? 1102 Y6U A C21  1 
HETATM 1537 C C22  . Y6U C 3 .   ? 8.285   -8.120  8.894   0.90 47.20  ? 1102 Y6U A C22  1 
HETATM 1538 C C29  . Y6U C 3 .   ? -0.790  -2.454  6.888   0.90 47.41  ? 1102 Y6U A C29  1 
HETATM 1539 C C30  . Y6U C 3 .   ? -1.185  -3.817  7.494   0.90 51.79  ? 1102 Y6U A C30  1 
HETATM 1540 C C31  . Y6U C 3 .   ? -0.636  -5.070  6.771   0.90 49.83  ? 1102 Y6U A C31  1 
HETATM 1541 C C32  . Y6U C 3 .   ? 0.572   -5.732  7.476   0.90 54.51  ? 1102 Y6U A C32  1 
HETATM 1542 N N1   . Y6U C 3 .   ? 2.112   -0.288  10.093  0.90 48.01  ? 1102 Y6U A N1   1 
HETATM 1543 N N11  . Y6U C 3 .   ? 1.549   0.782   12.128  0.90 50.09  ? 1102 Y6U A N11  1 
HETATM 1544 N N19  . Y6U C 3 .   ? 5.204   -6.765  9.638   0.90 55.25  ? 1102 Y6U A N19  1 
HETATM 1545 N N3   . Y6U C 3 .   ? -0.106  -0.196  10.741  0.90 53.14  ? 1102 Y6U A N3   1 
HETATM 1546 N N7   . Y6U C 3 .   ? 0.410   -1.930  7.541   0.90 48.55  ? 1102 Y6U A N7   1 
HETATM 1547 O O10  . Y6U C 3 .   ? -1.845  -1.132  9.462   0.90 55.64  ? 1102 Y6U A O10  1 
HETATM 1548 O O18  . Y6U C 3 .   ? 3.897   -8.657  9.754   0.90 51.48  ? 1102 Y6U A O18  1 
HETATM 1549 O O24  . Y6U C 3 .   ? 10.166  -9.407  8.113   0.90 67.73  ? 1102 Y6U A O24  1 
HETATM 1550 O O25  . Y6U C 3 .   ? 8.209   -10.397 8.115   0.90 50.60  ? 1102 Y6U A O25  1 
HETATM 1551 O O27  . Y6U C 3 .   ? 7.473   -5.224  10.470  0.90 50.44  ? 1102 Y6U A O27  1 
HETATM 1552 O O28  . Y6U C 3 .   ? 8.348   -6.865  11.556  0.90 52.16  ? 1102 Y6U A O28  1 
HETATM 1553 O O    . HOH D 4 .   ? 3.838   -2.716  -5.448  1.00 38.21  ? 1201 HOH A O    1 
HETATM 1554 O O    . HOH D 4 .   ? -4.434  6.150   -9.497  1.00 35.42  ? 1202 HOH A O    1 
HETATM 1555 O O    . HOH D 4 .   ? -2.709  -6.873  -13.285 1.00 26.86  ? 1203 HOH A O    1 
HETATM 1556 O O    . HOH D 4 .   ? -12.965 -23.279 -2.794  1.00 27.12  ? 1204 HOH A O    1 
HETATM 1557 O O    . HOH D 4 .   ? -10.362 -12.279 2.710   1.00 28.35  ? 1205 HOH A O    1 
HETATM 1558 O O    . HOH D 4 .   ? -18.151 14.145  -4.760  1.00 49.37  ? 1206 HOH A O    1 
HETATM 1559 O O    . HOH D 4 .   ? -14.093 -25.036 3.178   1.00 36.18  ? 1207 HOH A O    1 
HETATM 1560 O O    . HOH D 4 .   ? 1.556   -14.651 -10.677 1.00 29.78  ? 1208 HOH A O    1 
HETATM 1561 O O    . HOH D 4 .   ? -10.555 -3.844  9.565   1.00 33.43  ? 1209 HOH A O    1 
HETATM 1562 O O    . HOH D 4 .   ? 4.740   -7.258  -12.421 1.00 34.60  ? 1210 HOH A O    1 
HETATM 1563 O O    . HOH D 4 .   ? 17.013  11.744  -6.764  1.00 37.86  ? 1211 HOH A O    1 
HETATM 1564 O O    . HOH D 4 .   ? -11.511 -1.184  10.125  1.00 50.50  ? 1212 HOH A O    1 
HETATM 1565 O O    . HOH D 4 .   ? -1.065  17.060  3.052   1.00 44.05  ? 1213 HOH A O    1 
HETATM 1566 O O    . HOH D 4 .   ? -8.782  -2.401  9.004   1.00 52.16  ? 1214 HOH A O    1 
HETATM 1567 O O    . HOH D 4 .   ? -13.308 -13.617 3.608   1.00 27.65  ? 1215 HOH A O    1 
# 
loop_
_pdbx_poly_seq_scheme.asym_id 
_pdbx_poly_seq_scheme.entity_id 
_pdbx_poly_seq_scheme.seq_id 
_pdbx_poly_seq_scheme.mon_id 
_pdbx_poly_seq_scheme.ndb_seq_num 
_pdbx_poly_seq_scheme.pdb_seq_num 
_pdbx_poly_seq_scheme.auth_seq_num 
_pdbx_poly_seq_scheme.pdb_mon_id 
_pdbx_poly_seq_scheme.auth_mon_id 
_pdbx_poly_seq_scheme.pdb_strand_id 
_pdbx_poly_seq_scheme.pdb_ins_code 
_pdbx_poly_seq_scheme.hetero 
A 1 1   MET 1   807  ?    ?   ?   A . n 
A 1 2   ALA 2   808  808  ALA ALA A . n 
A 1 3   ARG 3   809  809  ARG ARG A . n 
A 1 4   VAL 4   810  810  VAL VAL A . n 
A 1 5   ALA 5   811  811  ALA ALA A . n 
A 1 6   VAL 6   812  812  VAL VAL A . n 
A 1 7   LEU 7   813  813  LEU LEU A . n 
A 1 8   ILE 8   814  814  ILE ILE A . n 
A 1 9   SER 9   815  815  SER SER A . n 
A 1 10  GLY 10  816  816  GLY GLY A . n 
A 1 11  THR 11  817  817  THR THR A . n 
A 1 12  GLY 12  818  818  GLY GLY A . n 
A 1 13  SER 13  819  819  SER SER A . n 
A 1 14  ASN 14  820  820  ASN ASN A . n 
A 1 15  LEU 15  821  821  LEU LEU A . n 
A 1 16  GLN 16  822  822  GLN GLN A . n 
A 1 17  ALA 17  823  823  ALA ALA A . n 
A 1 18  LEU 18  824  824  LEU LEU A . n 
A 1 19  ILE 19  825  825  ILE ILE A . n 
A 1 20  ASP 20  826  826  ASP ASP A . n 
A 1 21  SER 21  827  827  SER SER A . n 
A 1 22  THR 22  828  828  THR THR A . n 
A 1 23  ARG 23  829  829  ARG ARG A . n 
A 1 24  GLU 24  830  830  GLU GLU A . n 
A 1 25  PRO 25  831  831  PRO PRO A . n 
A 1 26  ASN 26  832  832  ASN ASN A . n 
A 1 27  SER 27  833  833  SER SER A . n 
A 1 28  SER 28  834  834  SER SER A . n 
A 1 29  ALA 29  835  835  ALA ALA A . n 
A 1 30  GLN 30  836  836  GLN GLN A . n 
A 1 31  ILE 31  837  837  ILE ILE A . n 
A 1 32  ASP 32  838  838  ASP ASP A . n 
A 1 33  ILE 33  839  839  ILE ILE A . n 
A 1 34  VAL 34  840  840  VAL VAL A . n 
A 1 35  ILE 35  841  841  ILE ILE A . n 
A 1 36  SER 36  842  842  SER SER A . n 
A 1 37  ASN 37  843  843  ASN ASN A . n 
A 1 38  LYS 38  844  844  LYS LYS A . n 
A 1 39  ALA 39  845  845  ALA ALA A . n 
A 1 40  ALA 40  846  846  ALA ALA A . n 
A 1 41  VAL 41  847  847  VAL VAL A . n 
A 1 42  ALA 42  848  848  ALA ALA A . n 
A 1 43  GLY 43  849  849  GLY GLY A . n 
A 1 44  LEU 44  850  850  LEU LEU A . n 
A 1 45  ASP 45  851  851  ASP ASP A . n 
A 1 46  LYS 46  852  852  LYS LYS A . n 
A 1 47  ALA 47  853  853  ALA ALA A . n 
A 1 48  GLU 48  854  854  GLU GLU A . n 
A 1 49  ARG 49  855  855  ARG ARG A . n 
A 1 50  ALA 50  856  856  ALA ALA A . n 
A 1 51  GLY 51  857  857  GLY GLY A . n 
A 1 52  ILE 52  858  858  ILE ILE A . n 
A 1 53  PRO 53  859  859  PRO PRO A . n 
A 1 54  THR 54  860  860  THR THR A . n 
A 1 55  ARG 55  861  861  ARG ARG A . n 
A 1 56  VAL 56  862  862  VAL VAL A . n 
A 1 57  ILE 57  863  863  ILE ILE A . n 
A 1 58  ASN 58  864  864  ASN ASN A . n 
A 1 59  HIS 59  865  865  HIS HIS A . n 
A 1 60  LYS 60  866  866  LYS LYS A . n 
A 1 61  LEU 61  867  867  LEU LEU A . n 
A 1 62  TYR 62  868  868  TYR TYR A . n 
A 1 63  LYS 63  869  869  LYS LYS A . n 
A 1 64  ASN 64  870  870  ASN ASN A . n 
A 1 65  ARG 65  871  871  ARG ARG A . n 
A 1 66  VAL 66  872  872  VAL VAL A . n 
A 1 67  GLU 67  873  873  GLU GLU A . n 
A 1 68  PHE 68  874  874  PHE PHE A . n 
A 1 69  ASP 69  875  875  ASP ASP A . n 
A 1 70  SER 70  876  876  SER SER A . n 
A 1 71  ALA 71  877  877  ALA ALA A . n 
A 1 72  ILE 72  878  878  ILE ILE A . n 
A 1 73  ASP 73  879  879  ASP ASP A . n 
A 1 74  LEU 74  880  880  LEU LEU A . n 
A 1 75  VAL 75  881  881  VAL VAL A . n 
A 1 76  LEU 76  882  882  LEU LEU A . n 
A 1 77  GLU 77  883  883  GLU GLU A . n 
A 1 78  GLU 78  884  884  GLU GLU A . n 
A 1 79  PHE 79  885  885  PHE PHE A . n 
A 1 80  SER 80  886  886  SER SER A . n 
A 1 81  ILE 81  887  887  ILE ILE A . n 
A 1 82  ASP 82  888  888  ASP ASP A . n 
A 1 83  ILE 83  889  889  ILE ILE A . n 
A 1 84  VAL 84  890  890  VAL VAL A . n 
A 1 85  CYS 85  891  891  CYS CYS A . n 
A 1 86  LEU 86  892  892  LEU LEU A . n 
A 1 87  ALA 87  893  893  ALA ALA A . n 
A 1 88  GLY 88  894  894  GLY GLY A . n 
A 1 89  PHE 89  895  895  PHE PHE A . n 
A 1 90  MET 90  896  896  MET MET A . n 
A 1 91  ARG 91  897  897  ARG ARG A . n 
A 1 92  ILE 92  898  898  ILE ILE A . n 
A 1 93  LEU 93  899  899  LEU LEU A . n 
A 1 94  SER 94  900  900  SER SER A . n 
A 1 95  GLY 95  901  901  GLY GLY A . n 
A 1 96  PRO 96  902  902  PRO PRO A . n 
A 1 97  PHE 97  903  903  PHE PHE A . n 
A 1 98  VAL 98  904  904  VAL VAL A . n 
A 1 99  GLN 99  905  905  GLN ALA A . n 
A 1 100 LYS 100 906  906  LYS LYS A . n 
A 1 101 TRP 101 907  907  TRP TRP A . n 
A 1 102 ASN 102 908  908  ASN ASN A . n 
A 1 103 GLY 103 909  909  GLY GLY A . n 
A 1 104 LYS 104 910  910  LYS LYS A . n 
A 1 105 MET 105 911  911  MET MET A . n 
A 1 106 LEU 106 912  912  LEU LEU A . n 
A 1 107 ASN 107 913  913  ASN ASN A . n 
A 1 108 ILE 108 914  914  ILE ILE A . n 
A 1 109 HIS 109 915  915  HIS HIS A . n 
A 1 110 PRO 110 916  916  PRO PRO A . n 
A 1 111 SER 111 917  917  SER SER A . n 
A 1 112 LEU 112 918  918  LEU LEU A . n 
A 1 113 LEU 113 919  919  LEU LEU A . n 
A 1 114 PRO 114 920  920  PRO PRO A . n 
A 1 115 SER 115 921  921  SER SER A . n 
A 1 116 PHE 116 922  922  PHE PHE A . n 
A 1 117 LYS 117 923  923  LYS LYS A . n 
A 1 118 GLY 118 924  924  GLY GLY A . n 
A 1 119 SER 119 925  925  SER SER A . n 
A 1 120 ASN 120 926  926  ASN ASN A . n 
A 1 121 ALA 121 927  927  ALA ALA A . n 
A 1 122 HIS 122 928  928  HIS HIS A . n 
A 1 123 GLU 123 929  929  GLU GLU A . n 
A 1 124 GLN 124 930  930  GLN GLN A . n 
A 1 125 ALA 125 931  931  ALA ALA A . n 
A 1 126 LEU 126 932  932  LEU LEU A . n 
A 1 127 GLU 127 933  933  GLU GLU A . n 
A 1 128 THR 128 934  934  THR THR A . n 
A 1 129 GLY 129 935  935  GLY GLY A . n 
A 1 130 VAL 130 936  936  VAL VAL A . n 
A 1 131 THR 131 937  937  THR THR A . n 
A 1 132 VAL 132 938  938  VAL VAL A . n 
A 1 133 THR 133 939  939  THR THR A . n 
A 1 134 GLY 134 940  940  GLY GLY A . n 
A 1 135 CYS 135 941  941  CYS CYS A . n 
A 1 136 THR 136 942  942  THR THR A . n 
A 1 137 VAL 137 943  943  VAL VAL A . n 
A 1 138 HIS 138 944  944  HIS HIS A . n 
A 1 139 PHE 139 945  945  PHE PHE A . n 
A 1 140 VAL 140 946  946  VAL VAL A . n 
A 1 141 ALA 141 947  947  ALA ALA A . n 
A 1 142 GLU 142 948  948  GLU GLU A . n 
A 1 143 ASP 143 949  949  ASP ASP A . n 
A 1 144 VAL 144 950  950  VAL VAL A . n 
A 1 145 ASP 145 951  951  ASP ASP A . n 
A 1 146 ALA 146 952  952  ALA ALA A . n 
A 1 147 GLY 147 953  953  GLY GLY A . n 
A 1 148 GLN 148 954  954  GLN GLN A . n 
A 1 149 ILE 149 955  955  ILE ILE A . n 
A 1 150 ILE 150 956  956  ILE ILE A . n 
A 1 151 LEU 151 957  957  LEU LEU A . n 
A 1 152 GLN 152 958  958  GLN GLN A . n 
A 1 153 GLU 153 959  959  GLU GLU A . n 
A 1 154 ALA 154 960  960  ALA ALA A . n 
A 1 155 VAL 155 961  961  VAL VAL A . n 
A 1 156 PRO 156 962  962  PRO PRO A . n 
A 1 157 VAL 157 963  963  VAL VAL A . n 
A 1 158 LYS 158 964  964  LYS LYS A . n 
A 1 159 ARG 159 965  965  ARG ARG A . n 
A 1 160 GLY 160 966  966  GLY GLY A . n 
A 1 161 ASP 161 967  967  ASP ASP A . n 
A 1 162 THR 162 968  968  THR THR A . n 
A 1 163 VAL 163 969  969  VAL VAL A . n 
A 1 164 ALA 164 970  970  ALA ALA A . n 
A 1 165 THR 165 971  971  THR THR A . n 
A 1 166 LEU 166 972  972  LEU LEU A . n 
A 1 167 SER 167 973  973  SER SER A . n 
A 1 168 GLU 168 974  974  GLU GLU A . n 
A 1 169 ARG 169 975  975  ARG ARG A . n 
A 1 170 VAL 170 976  976  VAL VAL A . n 
A 1 171 LYS 171 977  977  LYS LYS A . n 
A 1 172 LEU 172 978  978  LEU LEU A . n 
A 1 173 ALA 173 979  979  ALA ALA A . n 
A 1 174 GLU 174 980  980  GLU GLU A . n 
A 1 175 HIS 175 981  981  HIS HIS A . n 
A 1 176 LYS 176 982  982  LYS LYS A . n 
A 1 177 ILE 177 983  983  ILE ILE A . n 
A 1 178 PHE 178 984  984  PHE PHE A . n 
A 1 179 PRO 179 985  985  PRO PRO A . n 
A 1 180 ALA 180 986  986  ALA ALA A . n 
A 1 181 ALA 181 987  987  ALA ALA A . n 
A 1 182 LEU 182 988  988  LEU LEU A . n 
A 1 183 GLN 183 989  989  GLN GLN A . n 
A 1 184 LEU 184 990  990  LEU LEU A . n 
A 1 185 VAL 185 991  991  VAL VAL A . n 
A 1 186 ALA 186 992  992  ALA ALA A . n 
A 1 187 SER 187 993  993  SER SER A . n 
A 1 188 GLY 188 994  994  GLY GLY A . n 
A 1 189 THR 189 995  995  THR THR A . n 
A 1 190 VAL 190 996  996  VAL VAL A . n 
A 1 191 GLN 191 997  997  GLN GLN A . n 
A 1 192 LEU 192 998  998  LEU LEU A . n 
A 1 193 GLY 193 999  999  GLY GLY A . n 
A 1 194 GLU 194 1000 1000 GLU GLU A . n 
A 1 195 ASN 195 1001 1001 ASN ASN A . n 
A 1 196 GLY 196 1002 1002 GLY GLY A . n 
A 1 197 LYS 197 1003 1003 LYS LYS A . n 
A 1 198 ILE 198 1004 1004 ILE ILE A . n 
A 1 199 CYS 199 1005 1005 CYS CYS A . n 
A 1 200 TRP 200 1006 1006 TRP TRP A . n 
A 1 201 VAL 201 1007 1007 VAL VAL A . n 
A 1 202 LYS 202 1008 ?    ?   ?   A . n 
A 1 203 GLU 203 1009 ?    ?   ?   A . n 
A 1 204 GLU 204 1010 ?    ?   ?   A . n 
A 1 205 HIS 205 1011 ?    ?   ?   A . n 
A 1 206 HIS 206 1012 ?    ?   ?   A . n 
A 1 207 HIS 207 1013 ?    ?   ?   A . n 
A 1 208 HIS 208 1014 ?    ?   ?   A . n 
A 1 209 HIS 209 1015 ?    ?   ?   A . n 
A 1 210 HIS 210 1016 ?    ?   ?   A . n 
# 
_pdbx_contact_author.id                 2 
_pdbx_contact_author.email              cedann@indiana.edu 
_pdbx_contact_author.name_first         Charles 
_pdbx_contact_author.name_last          'Dann III' 
_pdbx_contact_author.name_mi            E. 
_pdbx_contact_author.role               'principal investigator/group leader' 
_pdbx_contact_author.identifier_ORCID   0000-0002-0117-9474 
# 
loop_
_pdbx_nonpoly_scheme.asym_id 
_pdbx_nonpoly_scheme.entity_id 
_pdbx_nonpoly_scheme.mon_id 
_pdbx_nonpoly_scheme.ndb_seq_num 
_pdbx_nonpoly_scheme.pdb_seq_num 
_pdbx_nonpoly_scheme.auth_seq_num 
_pdbx_nonpoly_scheme.pdb_mon_id 
_pdbx_nonpoly_scheme.auth_mon_id 
_pdbx_nonpoly_scheme.pdb_strand_id 
_pdbx_nonpoly_scheme.pdb_ins_code 
B 2 GAR 1  1101 1101 GAR GAR A . 
C 3 Y6U 1  1102 1201 Y6U G29 A . 
D 4 HOH 1  1201 15   HOH HOH A . 
D 4 HOH 2  1202 11   HOH HOH A . 
D 4 HOH 3  1203 7    HOH HOH A . 
D 4 HOH 4  1204 8    HOH HOH A . 
D 4 HOH 5  1205 6    HOH HOH A . 
D 4 HOH 6  1206 9    HOH HOH A . 
D 4 HOH 7  1207 5    HOH HOH A . 
D 4 HOH 8  1208 2    HOH HOH A . 
D 4 HOH 9  1209 1    HOH HOH A . 
D 4 HOH 10 1210 13   HOH HOH A . 
D 4 HOH 11 1211 3    HOH HOH A . 
D 4 HOH 12 1212 10   HOH HOH A . 
D 4 HOH 13 1213 4    HOH HOH A . 
D 4 HOH 14 1214 14   HOH HOH A . 
D 4 HOH 15 1215 12   HOH HOH A . 
# 
_pdbx_struct_assembly.id                   1 
_pdbx_struct_assembly.details              author_defined_assembly 
_pdbx_struct_assembly.method_details       ? 
_pdbx_struct_assembly.oligomeric_details   monomeric 
_pdbx_struct_assembly.oligomeric_count     1 
# 
_pdbx_struct_assembly_gen.assembly_id       1 
_pdbx_struct_assembly_gen.oper_expression   1 
_pdbx_struct_assembly_gen.asym_id_list      A,B,C,D 
# 
_pdbx_struct_oper_list.id                   1 
_pdbx_struct_oper_list.type                 'identity operation' 
_pdbx_struct_oper_list.name                 1_555 
_pdbx_struct_oper_list.symmetry_operation   x,y,z 
_pdbx_struct_oper_list.matrix[1][1]         1.0000000000 
_pdbx_struct_oper_list.matrix[1][2]         0.0000000000 
_pdbx_struct_oper_list.matrix[1][3]         0.0000000000 
_pdbx_struct_oper_list.vector[1]            0.0000000000 
_pdbx_struct_oper_list.matrix[2][1]         0.0000000000 
_pdbx_struct_oper_list.matrix[2][2]         1.0000000000 
_pdbx_struct_oper_list.matrix[2][3]         0.0000000000 
_pdbx_struct_oper_list.vector[2]            0.0000000000 
_pdbx_struct_oper_list.matrix[3][1]         0.0000000000 
_pdbx_struct_oper_list.matrix[3][2]         0.0000000000 
_pdbx_struct_oper_list.matrix[3][3]         1.0000000000 
_pdbx_struct_oper_list.vector[3]            0.0000000000 
# 
_pdbx_audit_revision_history.ordinal             1 
_pdbx_audit_revision_history.data_content_type   'Structure model' 
_pdbx_audit_revision_history.major_revision      1 
_pdbx_audit_revision_history.minor_revision      0 
_pdbx_audit_revision_history.revision_date       2023-09-06 
# 
_pdbx_audit_revision_details.ordinal             1 
_pdbx_audit_revision_details.revision_ordinal    1 
_pdbx_audit_revision_details.data_content_type   'Structure model' 
_pdbx_audit_revision_details.provider            repository 
_pdbx_audit_revision_details.type                'Initial release' 
_pdbx_audit_revision_details.description         ? 
_pdbx_audit_revision_details.details             ? 
# 
loop_
_software.citation_id 
_software.classification 
_software.compiler_name 
_software.compiler_version 
_software.contact_author 
_software.contact_author_email 
_software.date 
_software.description 
_software.dependencies 
_software.hardware 
_software.language 
_software.location 
_software.mods 
_software.name 
_software.os 
_software.os_version 
_software.type 
_software.version 
_software.pdbx_ordinal 
? refinement       ? ? ? ? ? ? ? ? ? ? ? PHENIX ? ? ? 1.13-2998 1 
? 'data reduction' ? ? ? ? ? ? ? ? ? ? ? XDS    ? ? ? .         2 
? 'data scaling'   ? ? ? ? ? ? ? ? ? ? ? XSCALE ? ? ? .         3 
? phasing          ? ? ? ? ? ? ? ? ? ? ? PHASER ? ? ? .         4 
# 
_pdbx_entry_details.entry_id                 8FJY 
_pdbx_entry_details.has_ligand_of_interest   Y 
_pdbx_entry_details.compound_details         ? 
_pdbx_entry_details.source_details           ? 
_pdbx_entry_details.nonpolymer_details       ? 
_pdbx_entry_details.sequence_details         ? 
# 
_pdbx_validate_close_contact.id               1 
_pdbx_validate_close_contact.PDB_model_num    1 
_pdbx_validate_close_contact.auth_atom_id_1   OG 
_pdbx_validate_close_contact.auth_asym_id_1   A 
_pdbx_validate_close_contact.auth_comp_id_1   SER 
_pdbx_validate_close_contact.auth_seq_id_1    819 
_pdbx_validate_close_contact.PDB_ins_code_1   ? 
_pdbx_validate_close_contact.label_alt_id_1   ? 
_pdbx_validate_close_contact.auth_atom_id_2   O18 
_pdbx_validate_close_contact.auth_asym_id_2   A 
_pdbx_validate_close_contact.auth_comp_id_2   GAR 
_pdbx_validate_close_contact.auth_seq_id_2    1101 
_pdbx_validate_close_contact.PDB_ins_code_2   ? 
_pdbx_validate_close_contact.label_alt_id_2   ? 
_pdbx_validate_close_contact.dist             2.12 
# 
_pdbx_validate_symm_contact.id                1 
_pdbx_validate_symm_contact.PDB_model_num     1 
_pdbx_validate_symm_contact.auth_atom_id_1    OG 
_pdbx_validate_symm_contact.auth_asym_id_1    A 
_pdbx_validate_symm_contact.auth_comp_id_1    SER 
_pdbx_validate_symm_contact.auth_seq_id_1     921 
_pdbx_validate_symm_contact.PDB_ins_code_1    ? 
_pdbx_validate_symm_contact.label_alt_id_1    ? 
_pdbx_validate_symm_contact.site_symmetry_1   1_555 
_pdbx_validate_symm_contact.auth_atom_id_2    OG 
_pdbx_validate_symm_contact.auth_asym_id_2    A 
_pdbx_validate_symm_contact.auth_comp_id_2    SER 
_pdbx_validate_symm_contact.auth_seq_id_2     921 
_pdbx_validate_symm_contact.PDB_ins_code_2    ? 
_pdbx_validate_symm_contact.label_alt_id_2    ? 
_pdbx_validate_symm_contact.site_symmetry_2   6_555 
_pdbx_validate_symm_contact.dist              2.04 
# 
loop_
_pdbx_validate_torsion.id 
_pdbx_validate_torsion.PDB_model_num 
_pdbx_validate_torsion.auth_comp_id 
_pdbx_validate_torsion.auth_asym_id 
_pdbx_validate_torsion.auth_seq_id 
_pdbx_validate_torsion.PDB_ins_code 
_pdbx_validate_torsion.label_alt_id 
_pdbx_validate_torsion.phi 
_pdbx_validate_torsion.psi 
1 1 SER A 815 ? ? -152.27 -14.62  
2 1 LYS A 923 ? ? -65.56  -179.49 
3 1 THR A 939 ? ? -121.05 -166.59 
# 
loop_
_pdbx_unobs_or_zero_occ_atoms.id 
_pdbx_unobs_or_zero_occ_atoms.PDB_model_num 
_pdbx_unobs_or_zero_occ_atoms.polymer_flag 
_pdbx_unobs_or_zero_occ_atoms.occupancy_flag 
_pdbx_unobs_or_zero_occ_atoms.auth_asym_id 
_pdbx_unobs_or_zero_occ_atoms.auth_comp_id 
_pdbx_unobs_or_zero_occ_atoms.auth_seq_id 
_pdbx_unobs_or_zero_occ_atoms.PDB_ins_code 
_pdbx_unobs_or_zero_occ_atoms.auth_atom_id 
_pdbx_unobs_or_zero_occ_atoms.label_alt_id 
_pdbx_unobs_or_zero_occ_atoms.label_asym_id 
_pdbx_unobs_or_zero_occ_atoms.label_comp_id 
_pdbx_unobs_or_zero_occ_atoms.label_seq_id 
_pdbx_unobs_or_zero_occ_atoms.label_atom_id 
1  1 Y 1 A LYS 844  ? CG  ? A LYS 38  CG  
2  1 Y 1 A LYS 844  ? CD  ? A LYS 38  CD  
3  1 Y 1 A LYS 844  ? CE  ? A LYS 38  CE  
4  1 Y 1 A LYS 844  ? NZ  ? A LYS 38  NZ  
5  1 Y 1 A GLN 905  ? CG  ? A GLN 99  CG  
6  1 Y 1 A GLN 905  ? CD  ? A GLN 99  CD  
7  1 Y 1 A GLN 905  ? OE1 ? A GLN 99  OE1 
8  1 Y 1 A GLN 905  ? NE2 ? A GLN 99  NE2 
9  1 Y 1 A ARG 965  ? CG  ? A ARG 159 CG  
10 1 Y 1 A ARG 965  ? CD  ? A ARG 159 CD  
11 1 Y 1 A ARG 965  ? NE  ? A ARG 159 NE  
12 1 Y 1 A ARG 965  ? CZ  ? A ARG 159 CZ  
13 1 Y 1 A ARG 965  ? NH1 ? A ARG 159 NH1 
14 1 Y 1 A ARG 965  ? NH2 ? A ARG 159 NH2 
15 1 Y 1 A LYS 1003 ? CG  ? A LYS 197 CG  
16 1 Y 1 A LYS 1003 ? CD  ? A LYS 197 CD  
17 1 Y 1 A LYS 1003 ? CE  ? A LYS 197 CE  
18 1 Y 1 A LYS 1003 ? NZ  ? A LYS 197 NZ  
# 
loop_
_pdbx_unobs_or_zero_occ_residues.id 
_pdbx_unobs_or_zero_occ_residues.PDB_model_num 
_pdbx_unobs_or_zero_occ_residues.polymer_flag 
_pdbx_unobs_or_zero_occ_residues.occupancy_flag 
_pdbx_unobs_or_zero_occ_residues.auth_asym_id 
_pdbx_unobs_or_zero_occ_residues.auth_comp_id 
_pdbx_unobs_or_zero_occ_residues.auth_seq_id 
_pdbx_unobs_or_zero_occ_residues.PDB_ins_code 
_pdbx_unobs_or_zero_occ_residues.label_asym_id 
_pdbx_unobs_or_zero_occ_residues.label_comp_id 
_pdbx_unobs_or_zero_occ_residues.label_seq_id 
1  1 Y 1 A MET 807  ? A MET 1   
2  1 Y 1 A LYS 1008 ? A LYS 202 
3  1 Y 1 A GLU 1009 ? A GLU 203 
4  1 Y 1 A GLU 1010 ? A GLU 204 
5  1 Y 1 A HIS 1011 ? A HIS 205 
6  1 Y 1 A HIS 1012 ? A HIS 206 
7  1 Y 1 A HIS 1013 ? A HIS 207 
8  1 Y 1 A HIS 1014 ? A HIS 208 
9  1 Y 1 A HIS 1015 ? A HIS 209 
10 1 Y 1 A HIS 1016 ? A HIS 210 
# 
loop_
_chem_comp_atom.comp_id 
_chem_comp_atom.atom_id 
_chem_comp_atom.type_symbol 
_chem_comp_atom.pdbx_aromatic_flag 
_chem_comp_atom.pdbx_stereo_config 
_chem_comp_atom.pdbx_ordinal 
ALA N    N N N 1   
ALA CA   C N S 2   
ALA C    C N N 3   
ALA O    O N N 4   
ALA CB   C N N 5   
ALA OXT  O N N 6   
ALA H    H N N 7   
ALA H2   H N N 8   
ALA HA   H N N 9   
ALA HB1  H N N 10  
ALA HB2  H N N 11  
ALA HB3  H N N 12  
ALA HXT  H N N 13  
ARG N    N N N 14  
ARG CA   C N S 15  
ARG C    C N N 16  
ARG O    O N N 17  
ARG CB   C N N 18  
ARG CG   C N N 19  
ARG CD   C N N 20  
ARG NE   N N N 21  
ARG CZ   C N N 22  
ARG NH1  N N N 23  
ARG NH2  N N N 24  
ARG OXT  O N N 25  
ARG H    H N N 26  
ARG H2   H N N 27  
ARG HA   H N N 28  
ARG HB2  H N N 29  
ARG HB3  H N N 30  
ARG HG2  H N N 31  
ARG HG3  H N N 32  
ARG HD2  H N N 33  
ARG HD3  H N N 34  
ARG HE   H N N 35  
ARG HH11 H N N 36  
ARG HH12 H N N 37  
ARG HH21 H N N 38  
ARG HH22 H N N 39  
ARG HXT  H N N 40  
ASN N    N N N 41  
ASN CA   C N S 42  
ASN C    C N N 43  
ASN O    O N N 44  
ASN CB   C N N 45  
ASN CG   C N N 46  
ASN OD1  O N N 47  
ASN ND2  N N N 48  
ASN OXT  O N N 49  
ASN H    H N N 50  
ASN H2   H N N 51  
ASN HA   H N N 52  
ASN HB2  H N N 53  
ASN HB3  H N N 54  
ASN HD21 H N N 55  
ASN HD22 H N N 56  
ASN HXT  H N N 57  
ASP N    N N N 58  
ASP CA   C N S 59  
ASP C    C N N 60  
ASP O    O N N 61  
ASP CB   C N N 62  
ASP CG   C N N 63  
ASP OD1  O N N 64  
ASP OD2  O N N 65  
ASP OXT  O N N 66  
ASP H    H N N 67  
ASP H2   H N N 68  
ASP HA   H N N 69  
ASP HB2  H N N 70  
ASP HB3  H N N 71  
ASP HD2  H N N 72  
ASP HXT  H N N 73  
CYS N    N N N 74  
CYS CA   C N R 75  
CYS C    C N N 76  
CYS O    O N N 77  
CYS CB   C N N 78  
CYS SG   S N N 79  
CYS OXT  O N N 80  
CYS H    H N N 81  
CYS H2   H N N 82  
CYS HA   H N N 83  
CYS HB2  H N N 84  
CYS HB3  H N N 85  
CYS HG   H N N 86  
CYS HXT  H N N 87  
GAR C1   C N S 88  
GAR O6   O N N 89  
GAR C2   C N R 90  
GAR O8   O N N 91  
GAR C3   C N R 92  
GAR O4   O N N 93  
GAR C5   C N R 94  
GAR C10  C N N 95  
GAR O12  O N N 96  
GAR N19  N N N 97  
GAR C21  C N N 98  
GAR O22  O N N 99  
GAR C23  C N N 100 
GAR N24  N N N 101 
GAR P15  P N N 102 
GAR O16  O N N 103 
GAR O17  O N N 104 
GAR O18  O N N 105 
GAR H1   H N N 106 
GAR HO6  H N N 107 
GAR H2   H N N 108 
GAR HO8  H N N 109 
GAR H3   H N N 110 
GAR H5   H N N 111 
GAR H101 H N N 112 
GAR H102 H N N 113 
GAR H19  H N N 114 
GAR H231 H N N 115 
GAR H232 H N N 116 
GAR H241 H N N 117 
GAR H242 H N N 118 
GLN N    N N N 119 
GLN CA   C N S 120 
GLN C    C N N 121 
GLN O    O N N 122 
GLN CB   C N N 123 
GLN CG   C N N 124 
GLN CD   C N N 125 
GLN OE1  O N N 126 
GLN NE2  N N N 127 
GLN OXT  O N N 128 
GLN H    H N N 129 
GLN H2   H N N 130 
GLN HA   H N N 131 
GLN HB2  H N N 132 
GLN HB3  H N N 133 
GLN HG2  H N N 134 
GLN HG3  H N N 135 
GLN HE21 H N N 136 
GLN HE22 H N N 137 
GLN HXT  H N N 138 
GLU N    N N N 139 
GLU CA   C N S 140 
GLU C    C N N 141 
GLU O    O N N 142 
GLU CB   C N N 143 
GLU CG   C N N 144 
GLU CD   C N N 145 
GLU OE1  O N N 146 
GLU OE2  O N N 147 
GLU OXT  O N N 148 
GLU H    H N N 149 
GLU H2   H N N 150 
GLU HA   H N N 151 
GLU HB2  H N N 152 
GLU HB3  H N N 153 
GLU HG2  H N N 154 
GLU HG3  H N N 155 
GLU HE2  H N N 156 
GLU HXT  H N N 157 
GLY N    N N N 158 
GLY CA   C N N 159 
GLY C    C N N 160 
GLY O    O N N 161 
GLY OXT  O N N 162 
GLY H    H N N 163 
GLY H2   H N N 164 
GLY HA2  H N N 165 
GLY HA3  H N N 166 
GLY HXT  H N N 167 
HIS N    N N N 168 
HIS CA   C N S 169 
HIS C    C N N 170 
HIS O    O N N 171 
HIS CB   C N N 172 
HIS CG   C Y N 173 
HIS ND1  N Y N 174 
HIS CD2  C Y N 175 
HIS CE1  C Y N 176 
HIS NE2  N Y N 177 
HIS OXT  O N N 178 
HIS H    H N N 179 
HIS H2   H N N 180 
HIS HA   H N N 181 
HIS HB2  H N N 182 
HIS HB3  H N N 183 
HIS HD1  H N N 184 
HIS HD2  H N N 185 
HIS HE1  H N N 186 
HIS HE2  H N N 187 
HIS HXT  H N N 188 
HOH O    O N N 189 
HOH H1   H N N 190 
HOH H2   H N N 191 
ILE N    N N N 192 
ILE CA   C N S 193 
ILE C    C N N 194 
ILE O    O N N 195 
ILE CB   C N S 196 
ILE CG1  C N N 197 
ILE CG2  C N N 198 
ILE CD1  C N N 199 
ILE OXT  O N N 200 
ILE H    H N N 201 
ILE H2   H N N 202 
ILE HA   H N N 203 
ILE HB   H N N 204 
ILE HG12 H N N 205 
ILE HG13 H N N 206 
ILE HG21 H N N 207 
ILE HG22 H N N 208 
ILE HG23 H N N 209 
ILE HD11 H N N 210 
ILE HD12 H N N 211 
ILE HD13 H N N 212 
ILE HXT  H N N 213 
LEU N    N N N 214 
LEU CA   C N S 215 
LEU C    C N N 216 
LEU O    O N N 217 
LEU CB   C N N 218 
LEU CG   C N N 219 
LEU CD1  C N N 220 
LEU CD2  C N N 221 
LEU OXT  O N N 222 
LEU H    H N N 223 
LEU H2   H N N 224 
LEU HA   H N N 225 
LEU HB2  H N N 226 
LEU HB3  H N N 227 
LEU HG   H N N 228 
LEU HD11 H N N 229 
LEU HD12 H N N 230 
LEU HD13 H N N 231 
LEU HD21 H N N 232 
LEU HD22 H N N 233 
LEU HD23 H N N 234 
LEU HXT  H N N 235 
LYS N    N N N 236 
LYS CA   C N S 237 
LYS C    C N N 238 
LYS O    O N N 239 
LYS CB   C N N 240 
LYS CG   C N N 241 
LYS CD   C N N 242 
LYS CE   C N N 243 
LYS NZ   N N N 244 
LYS OXT  O N N 245 
LYS H    H N N 246 
LYS H2   H N N 247 
LYS HA   H N N 248 
LYS HB2  H N N 249 
LYS HB3  H N N 250 
LYS HG2  H N N 251 
LYS HG3  H N N 252 
LYS HD2  H N N 253 
LYS HD3  H N N 254 
LYS HE2  H N N 255 
LYS HE3  H N N 256 
LYS HZ1  H N N 257 
LYS HZ2  H N N 258 
LYS HZ3  H N N 259 
LYS HXT  H N N 260 
MET N    N N N 261 
MET CA   C N S 262 
MET C    C N N 263 
MET O    O N N 264 
MET CB   C N N 265 
MET CG   C N N 266 
MET SD   S N N 267 
MET CE   C N N 268 
MET OXT  O N N 269 
MET H    H N N 270 
MET H2   H N N 271 
MET HA   H N N 272 
MET HB2  H N N 273 
MET HB3  H N N 274 
MET HG2  H N N 275 
MET HG3  H N N 276 
MET HE1  H N N 277 
MET HE2  H N N 278 
MET HE3  H N N 279 
MET HXT  H N N 280 
PHE N    N N N 281 
PHE CA   C N S 282 
PHE C    C N N 283 
PHE O    O N N 284 
PHE CB   C N N 285 
PHE CG   C Y N 286 
PHE CD1  C Y N 287 
PHE CD2  C Y N 288 
PHE CE1  C Y N 289 
PHE CE2  C Y N 290 
PHE CZ   C Y N 291 
PHE OXT  O N N 292 
PHE H    H N N 293 
PHE H2   H N N 294 
PHE HA   H N N 295 
PHE HB2  H N N 296 
PHE HB3  H N N 297 
PHE HD1  H N N 298 
PHE HD2  H N N 299 
PHE HE1  H N N 300 
PHE HE2  H N N 301 
PHE HZ   H N N 302 
PHE HXT  H N N 303 
PRO N    N N N 304 
PRO CA   C N S 305 
PRO C    C N N 306 
PRO O    O N N 307 
PRO CB   C N N 308 
PRO CG   C N N 309 
PRO CD   C N N 310 
PRO OXT  O N N 311 
PRO H    H N N 312 
PRO HA   H N N 313 
PRO HB2  H N N 314 
PRO HB3  H N N 315 
PRO HG2  H N N 316 
PRO HG3  H N N 317 
PRO HD2  H N N 318 
PRO HD3  H N N 319 
PRO HXT  H N N 320 
SER N    N N N 321 
SER CA   C N S 322 
SER C    C N N 323 
SER O    O N N 324 
SER CB   C N N 325 
SER OG   O N N 326 
SER OXT  O N N 327 
SER H    H N N 328 
SER H2   H N N 329 
SER HA   H N N 330 
SER HB2  H N N 331 
SER HB3  H N N 332 
SER HG   H N N 333 
SER HXT  H N N 334 
THR N    N N N 335 
THR CA   C N S 336 
THR C    C N N 337 
THR O    O N N 338 
THR CB   C N R 339 
THR OG1  O N N 340 
THR CG2  C N N 341 
THR OXT  O N N 342 
THR H    H N N 343 
THR H2   H N N 344 
THR HA   H N N 345 
THR HB   H N N 346 
THR HG1  H N N 347 
THR HG21 H N N 348 
THR HG22 H N N 349 
THR HG23 H N N 350 
THR HXT  H N N 351 
TRP N    N N N 352 
TRP CA   C N S 353 
TRP C    C N N 354 
TRP O    O N N 355 
TRP CB   C N N 356 
TRP CG   C Y N 357 
TRP CD1  C Y N 358 
TRP CD2  C Y N 359 
TRP NE1  N Y N 360 
TRP CE2  C Y N 361 
TRP CE3  C Y N 362 
TRP CZ2  C Y N 363 
TRP CZ3  C Y N 364 
TRP CH2  C Y N 365 
TRP OXT  O N N 366 
TRP H    H N N 367 
TRP H2   H N N 368 
TRP HA   H N N 369 
TRP HB2  H N N 370 
TRP HB3  H N N 371 
TRP HD1  H N N 372 
TRP HE1  H N N 373 
TRP HE3  H N N 374 
TRP HZ2  H N N 375 
TRP HZ3  H N N 376 
TRP HH2  H N N 377 
TRP HXT  H N N 378 
TYR N    N N N 379 
TYR CA   C N S 380 
TYR C    C N N 381 
TYR O    O N N 382 
TYR CB   C N N 383 
TYR CG   C Y N 384 
TYR CD1  C Y N 385 
TYR CD2  C Y N 386 
TYR CE1  C Y N 387 
TYR CE2  C Y N 388 
TYR CZ   C Y N 389 
TYR OH   O N N 390 
TYR OXT  O N N 391 
TYR H    H N N 392 
TYR H2   H N N 393 
TYR HA   H N N 394 
TYR HB2  H N N 395 
TYR HB3  H N N 396 
TYR HD1  H N N 397 
TYR HD2  H N N 398 
TYR HE1  H N N 399 
TYR HE2  H N N 400 
TYR HH   H N N 401 
TYR HXT  H N N 402 
VAL N    N N N 403 
VAL CA   C N S 404 
VAL C    C N N 405 
VAL O    O N N 406 
VAL CB   C N N 407 
VAL CG1  C N N 408 
VAL CG2  C N N 409 
VAL OXT  O N N 410 
VAL H    H N N 411 
VAL H2   H N N 412 
VAL HA   H N N 413 
VAL HB   H N N 414 
VAL HG11 H N N 415 
VAL HG12 H N N 416 
VAL HG13 H N N 417 
VAL HG21 H N N 418 
VAL HG22 H N N 419 
VAL HG23 H N N 420 
VAL HXT  H N N 421 
Y6U C2   C N N 422 
Y6U C9   C Y N 423 
Y6U C12  C Y N 424 
Y6U C4   C N N 425 
Y6U C5   C Y N 426 
Y6U C6   C Y N 427 
Y6U C23  C N N 428 
Y6U C26  C N N 429 
Y6U C8   C Y N 430 
Y6U C14  C Y N 431 
Y6U C13  C Y N 432 
Y6U C15  C Y N 433 
Y6U C16  C Y N 434 
Y6U C17  C N N 435 
Y6U C20  C N S 436 
Y6U C21  C N N 437 
Y6U C22  C N N 438 
Y6U C29  C N N 439 
Y6U C30  C N N 440 
Y6U C31  C N N 441 
Y6U C32  C Y N 442 
Y6U N1   N N N 443 
Y6U N11  N N N 444 
Y6U N19  N N N 445 
Y6U N3   N N N 446 
Y6U N7   N Y N 447 
Y6U O10  O N N 448 
Y6U O18  O N N 449 
Y6U O24  O N N 450 
Y6U O25  O N N 451 
Y6U O27  O N N 452 
Y6U O28  O N N 453 
Y6U H1   H N N 454 
Y6U H2   H N N 455 
Y6U H3   H N N 456 
Y6U H4   H N N 457 
Y6U H5   H N N 458 
Y6U H6   H N N 459 
Y6U H7   H N N 460 
Y6U H8   H N N 461 
Y6U H9   H N N 462 
Y6U H10  H N N 463 
Y6U H11  H N N 464 
Y6U H12  H N N 465 
Y6U H13  H N N 466 
Y6U H14  H N N 467 
Y6U H15  H N N 468 
Y6U H16  H N N 469 
Y6U H17  H N N 470 
Y6U H18  H N N 471 
Y6U H19  H N N 472 
Y6U H20  H N N 473 
Y6U H21  H N N 474 
Y6U H22  H N N 475 
Y6U H23  H N N 476 
# 
loop_
_chem_comp_bond.comp_id 
_chem_comp_bond.atom_id_1 
_chem_comp_bond.atom_id_2 
_chem_comp_bond.value_order 
_chem_comp_bond.pdbx_aromatic_flag 
_chem_comp_bond.pdbx_stereo_config 
_chem_comp_bond.pdbx_ordinal 
ALA N   CA   sing N N 1   
ALA N   H    sing N N 2   
ALA N   H2   sing N N 3   
ALA CA  C    sing N N 4   
ALA CA  CB   sing N N 5   
ALA CA  HA   sing N N 6   
ALA C   O    doub N N 7   
ALA C   OXT  sing N N 8   
ALA CB  HB1  sing N N 9   
ALA CB  HB2  sing N N 10  
ALA CB  HB3  sing N N 11  
ALA OXT HXT  sing N N 12  
ARG N   CA   sing N N 13  
ARG N   H    sing N N 14  
ARG N   H2   sing N N 15  
ARG CA  C    sing N N 16  
ARG CA  CB   sing N N 17  
ARG CA  HA   sing N N 18  
ARG C   O    doub N N 19  
ARG C   OXT  sing N N 20  
ARG CB  CG   sing N N 21  
ARG CB  HB2  sing N N 22  
ARG CB  HB3  sing N N 23  
ARG CG  CD   sing N N 24  
ARG CG  HG2  sing N N 25  
ARG CG  HG3  sing N N 26  
ARG CD  NE   sing N N 27  
ARG CD  HD2  sing N N 28  
ARG CD  HD3  sing N N 29  
ARG NE  CZ   sing N N 30  
ARG NE  HE   sing N N 31  
ARG CZ  NH1  sing N N 32  
ARG CZ  NH2  doub N N 33  
ARG NH1 HH11 sing N N 34  
ARG NH1 HH12 sing N N 35  
ARG NH2 HH21 sing N N 36  
ARG NH2 HH22 sing N N 37  
ARG OXT HXT  sing N N 38  
ASN N   CA   sing N N 39  
ASN N   H    sing N N 40  
ASN N   H2   sing N N 41  
ASN CA  C    sing N N 42  
ASN CA  CB   sing N N 43  
ASN CA  HA   sing N N 44  
ASN C   O    doub N N 45  
ASN C   OXT  sing N N 46  
ASN CB  CG   sing N N 47  
ASN CB  HB2  sing N N 48  
ASN CB  HB3  sing N N 49  
ASN CG  OD1  doub N N 50  
ASN CG  ND2  sing N N 51  
ASN ND2 HD21 sing N N 52  
ASN ND2 HD22 sing N N 53  
ASN OXT HXT  sing N N 54  
ASP N   CA   sing N N 55  
ASP N   H    sing N N 56  
ASP N   H2   sing N N 57  
ASP CA  C    sing N N 58  
ASP CA  CB   sing N N 59  
ASP CA  HA   sing N N 60  
ASP C   O    doub N N 61  
ASP C   OXT  sing N N 62  
ASP CB  CG   sing N N 63  
ASP CB  HB2  sing N N 64  
ASP CB  HB3  sing N N 65  
ASP CG  OD1  doub N N 66  
ASP CG  OD2  sing N N 67  
ASP OD2 HD2  sing N N 68  
ASP OXT HXT  sing N N 69  
CYS N   CA   sing N N 70  
CYS N   H    sing N N 71  
CYS N   H2   sing N N 72  
CYS CA  C    sing N N 73  
CYS CA  CB   sing N N 74  
CYS CA  HA   sing N N 75  
CYS C   O    doub N N 76  
CYS C   OXT  sing N N 77  
CYS CB  SG   sing N N 78  
CYS CB  HB2  sing N N 79  
CYS CB  HB3  sing N N 80  
CYS SG  HG   sing N N 81  
CYS OXT HXT  sing N N 82  
GAR C1  O6   sing N N 83  
GAR C1  C2   sing N N 84  
GAR C1  C5   sing N N 85  
GAR C1  H1   sing N N 86  
GAR O6  HO6  sing N N 87  
GAR C2  O8   sing N N 88  
GAR C2  C3   sing N N 89  
GAR C2  H2   sing N N 90  
GAR O8  HO8  sing N N 91  
GAR C3  O4   sing N N 92  
GAR C3  N19  sing N N 93  
GAR C3  H3   sing N N 94  
GAR O4  C5   sing N N 95  
GAR C5  C10  sing N N 96  
GAR C5  H5   sing N N 97  
GAR C10 O12  sing N N 98  
GAR C10 H101 sing N N 99  
GAR C10 H102 sing N N 100 
GAR O12 P15  sing N N 101 
GAR N19 C21  sing N N 102 
GAR N19 H19  sing N N 103 
GAR C21 O22  doub N N 104 
GAR C21 C23  sing N N 105 
GAR C23 N24  sing N N 106 
GAR C23 H231 sing N N 107 
GAR C23 H232 sing N N 108 
GAR N24 H241 sing N N 109 
GAR N24 H242 sing N N 110 
GAR P15 O16  doub N N 111 
GAR P15 O17  sing N N 112 
GAR P15 O18  sing N N 113 
GLN N   CA   sing N N 114 
GLN N   H    sing N N 115 
GLN N   H2   sing N N 116 
GLN CA  C    sing N N 117 
GLN CA  CB   sing N N 118 
GLN CA  HA   sing N N 119 
GLN C   O    doub N N 120 
GLN C   OXT  sing N N 121 
GLN CB  CG   sing N N 122 
GLN CB  HB2  sing N N 123 
GLN CB  HB3  sing N N 124 
GLN CG  CD   sing N N 125 
GLN CG  HG2  sing N N 126 
GLN CG  HG3  sing N N 127 
GLN CD  OE1  doub N N 128 
GLN CD  NE2  sing N N 129 
GLN NE2 HE21 sing N N 130 
GLN NE2 HE22 sing N N 131 
GLN OXT HXT  sing N N 132 
GLU N   CA   sing N N 133 
GLU N   H    sing N N 134 
GLU N   H2   sing N N 135 
GLU CA  C    sing N N 136 
GLU CA  CB   sing N N 137 
GLU CA  HA   sing N N 138 
GLU C   O    doub N N 139 
GLU C   OXT  sing N N 140 
GLU CB  CG   sing N N 141 
GLU CB  HB2  sing N N 142 
GLU CB  HB3  sing N N 143 
GLU CG  CD   sing N N 144 
GLU CG  HG2  sing N N 145 
GLU CG  HG3  sing N N 146 
GLU CD  OE1  doub N N 147 
GLU CD  OE2  sing N N 148 
GLU OE2 HE2  sing N N 149 
GLU OXT HXT  sing N N 150 
GLY N   CA   sing N N 151 
GLY N   H    sing N N 152 
GLY N   H2   sing N N 153 
GLY CA  C    sing N N 154 
GLY CA  HA2  sing N N 155 
GLY CA  HA3  sing N N 156 
GLY C   O    doub N N 157 
GLY C   OXT  sing N N 158 
GLY OXT HXT  sing N N 159 
HIS N   CA   sing N N 160 
HIS N   H    sing N N 161 
HIS N   H2   sing N N 162 
HIS CA  C    sing N N 163 
HIS CA  CB   sing N N 164 
HIS CA  HA   sing N N 165 
HIS C   O    doub N N 166 
HIS C   OXT  sing N N 167 
HIS CB  CG   sing N N 168 
HIS CB  HB2  sing N N 169 
HIS CB  HB3  sing N N 170 
HIS CG  ND1  sing Y N 171 
HIS CG  CD2  doub Y N 172 
HIS ND1 CE1  doub Y N 173 
HIS ND1 HD1  sing N N 174 
HIS CD2 NE2  sing Y N 175 
HIS CD2 HD2  sing N N 176 
HIS CE1 NE2  sing Y N 177 
HIS CE1 HE1  sing N N 178 
HIS NE2 HE2  sing N N 179 
HIS OXT HXT  sing N N 180 
HOH O   H1   sing N N 181 
HOH O   H2   sing N N 182 
ILE N   CA   sing N N 183 
ILE N   H    sing N N 184 
ILE N   H2   sing N N 185 
ILE CA  C    sing N N 186 
ILE CA  CB   sing N N 187 
ILE CA  HA   sing N N 188 
ILE C   O    doub N N 189 
ILE C   OXT  sing N N 190 
ILE CB  CG1  sing N N 191 
ILE CB  CG2  sing N N 192 
ILE CB  HB   sing N N 193 
ILE CG1 CD1  sing N N 194 
ILE CG1 HG12 sing N N 195 
ILE CG1 HG13 sing N N 196 
ILE CG2 HG21 sing N N 197 
ILE CG2 HG22 sing N N 198 
ILE CG2 HG23 sing N N 199 
ILE CD1 HD11 sing N N 200 
ILE CD1 HD12 sing N N 201 
ILE CD1 HD13 sing N N 202 
ILE OXT HXT  sing N N 203 
LEU N   CA   sing N N 204 
LEU N   H    sing N N 205 
LEU N   H2   sing N N 206 
LEU CA  C    sing N N 207 
LEU CA  CB   sing N N 208 
LEU CA  HA   sing N N 209 
LEU C   O    doub N N 210 
LEU C   OXT  sing N N 211 
LEU CB  CG   sing N N 212 
LEU CB  HB2  sing N N 213 
LEU CB  HB3  sing N N 214 
LEU CG  CD1  sing N N 215 
LEU CG  CD2  sing N N 216 
LEU CG  HG   sing N N 217 
LEU CD1 HD11 sing N N 218 
LEU CD1 HD12 sing N N 219 
LEU CD1 HD13 sing N N 220 
LEU CD2 HD21 sing N N 221 
LEU CD2 HD22 sing N N 222 
LEU CD2 HD23 sing N N 223 
LEU OXT HXT  sing N N 224 
LYS N   CA   sing N N 225 
LYS N   H    sing N N 226 
LYS N   H2   sing N N 227 
LYS CA  C    sing N N 228 
LYS CA  CB   sing N N 229 
LYS CA  HA   sing N N 230 
LYS C   O    doub N N 231 
LYS C   OXT  sing N N 232 
LYS CB  CG   sing N N 233 
LYS CB  HB2  sing N N 234 
LYS CB  HB3  sing N N 235 
LYS CG  CD   sing N N 236 
LYS CG  HG2  sing N N 237 
LYS CG  HG3  sing N N 238 
LYS CD  CE   sing N N 239 
LYS CD  HD2  sing N N 240 
LYS CD  HD3  sing N N 241 
LYS CE  NZ   sing N N 242 
LYS CE  HE2  sing N N 243 
LYS CE  HE3  sing N N 244 
LYS NZ  HZ1  sing N N 245 
LYS NZ  HZ2  sing N N 246 
LYS NZ  HZ3  sing N N 247 
LYS OXT HXT  sing N N 248 
MET N   CA   sing N N 249 
MET N   H    sing N N 250 
MET N   H2   sing N N 251 
MET CA  C    sing N N 252 
MET CA  CB   sing N N 253 
MET CA  HA   sing N N 254 
MET C   O    doub N N 255 
MET C   OXT  sing N N 256 
MET CB  CG   sing N N 257 
MET CB  HB2  sing N N 258 
MET CB  HB3  sing N N 259 
MET CG  SD   sing N N 260 
MET CG  HG2  sing N N 261 
MET CG  HG3  sing N N 262 
MET SD  CE   sing N N 263 
MET CE  HE1  sing N N 264 
MET CE  HE2  sing N N 265 
MET CE  HE3  sing N N 266 
MET OXT HXT  sing N N 267 
PHE N   CA   sing N N 268 
PHE N   H    sing N N 269 
PHE N   H2   sing N N 270 
PHE CA  C    sing N N 271 
PHE CA  CB   sing N N 272 
PHE CA  HA   sing N N 273 
PHE C   O    doub N N 274 
PHE C   OXT  sing N N 275 
PHE CB  CG   sing N N 276 
PHE CB  HB2  sing N N 277 
PHE CB  HB3  sing N N 278 
PHE CG  CD1  doub Y N 279 
PHE CG  CD2  sing Y N 280 
PHE CD1 CE1  sing Y N 281 
PHE CD1 HD1  sing N N 282 
PHE CD2 CE2  doub Y N 283 
PHE CD2 HD2  sing N N 284 
PHE CE1 CZ   doub Y N 285 
PHE CE1 HE1  sing N N 286 
PHE CE2 CZ   sing Y N 287 
PHE CE2 HE2  sing N N 288 
PHE CZ  HZ   sing N N 289 
PHE OXT HXT  sing N N 290 
PRO N   CA   sing N N 291 
PRO N   CD   sing N N 292 
PRO N   H    sing N N 293 
PRO CA  C    sing N N 294 
PRO CA  CB   sing N N 295 
PRO CA  HA   sing N N 296 
PRO C   O    doub N N 297 
PRO C   OXT  sing N N 298 
PRO CB  CG   sing N N 299 
PRO CB  HB2  sing N N 300 
PRO CB  HB3  sing N N 301 
PRO CG  CD   sing N N 302 
PRO CG  HG2  sing N N 303 
PRO CG  HG3  sing N N 304 
PRO CD  HD2  sing N N 305 
PRO CD  HD3  sing N N 306 
PRO OXT HXT  sing N N 307 
SER N   CA   sing N N 308 
SER N   H    sing N N 309 
SER N   H2   sing N N 310 
SER CA  C    sing N N 311 
SER CA  CB   sing N N 312 
SER CA  HA   sing N N 313 
SER C   O    doub N N 314 
SER C   OXT  sing N N 315 
SER CB  OG   sing N N 316 
SER CB  HB2  sing N N 317 
SER CB  HB3  sing N N 318 
SER OG  HG   sing N N 319 
SER OXT HXT  sing N N 320 
THR N   CA   sing N N 321 
THR N   H    sing N N 322 
THR N   H2   sing N N 323 
THR CA  C    sing N N 324 
THR CA  CB   sing N N 325 
THR CA  HA   sing N N 326 
THR C   O    doub N N 327 
THR C   OXT  sing N N 328 
THR CB  OG1  sing N N 329 
THR CB  CG2  sing N N 330 
THR CB  HB   sing N N 331 
THR OG1 HG1  sing N N 332 
THR CG2 HG21 sing N N 333 
THR CG2 HG22 sing N N 334 
THR CG2 HG23 sing N N 335 
THR OXT HXT  sing N N 336 
TRP N   CA   sing N N 337 
TRP N   H    sing N N 338 
TRP N   H2   sing N N 339 
TRP CA  C    sing N N 340 
TRP CA  CB   sing N N 341 
TRP CA  HA   sing N N 342 
TRP C   O    doub N N 343 
TRP C   OXT  sing N N 344 
TRP CB  CG   sing N N 345 
TRP CB  HB2  sing N N 346 
TRP CB  HB3  sing N N 347 
TRP CG  CD1  doub Y N 348 
TRP CG  CD2  sing Y N 349 
TRP CD1 NE1  sing Y N 350 
TRP CD1 HD1  sing N N 351 
TRP CD2 CE2  doub Y N 352 
TRP CD2 CE3  sing Y N 353 
TRP NE1 CE2  sing Y N 354 
TRP NE1 HE1  sing N N 355 
TRP CE2 CZ2  sing Y N 356 
TRP CE3 CZ3  doub Y N 357 
TRP CE3 HE3  sing N N 358 
TRP CZ2 CH2  doub Y N 359 
TRP CZ2 HZ2  sing N N 360 
TRP CZ3 CH2  sing Y N 361 
TRP CZ3 HZ3  sing N N 362 
TRP CH2 HH2  sing N N 363 
TRP OXT HXT  sing N N 364 
TYR N   CA   sing N N 365 
TYR N   H    sing N N 366 
TYR N   H2   sing N N 367 
TYR CA  C    sing N N 368 
TYR CA  CB   sing N N 369 
TYR CA  HA   sing N N 370 
TYR C   O    doub N N 371 
TYR C   OXT  sing N N 372 
TYR CB  CG   sing N N 373 
TYR CB  HB2  sing N N 374 
TYR CB  HB3  sing N N 375 
TYR CG  CD1  doub Y N 376 
TYR CG  CD2  sing Y N 377 
TYR CD1 CE1  sing Y N 378 
TYR CD1 HD1  sing N N 379 
TYR CD2 CE2  doub Y N 380 
TYR CD2 HD2  sing N N 381 
TYR CE1 CZ   doub Y N 382 
TYR CE1 HE1  sing N N 383 
TYR CE2 CZ   sing Y N 384 
TYR CE2 HE2  sing N N 385 
TYR CZ  OH   sing N N 386 
TYR OH  HH   sing N N 387 
TYR OXT HXT  sing N N 388 
VAL N   CA   sing N N 389 
VAL N   H    sing N N 390 
VAL N   H2   sing N N 391 
VAL CA  C    sing N N 392 
VAL CA  CB   sing N N 393 
VAL CA  HA   sing N N 394 
VAL C   O    doub N N 395 
VAL C   OXT  sing N N 396 
VAL CB  CG1  sing N N 397 
VAL CB  CG2  sing N N 398 
VAL CB  HB   sing N N 399 
VAL CG1 HG11 sing N N 400 
VAL CG1 HG12 sing N N 401 
VAL CG1 HG13 sing N N 402 
VAL CG2 HG21 sing N N 403 
VAL CG2 HG22 sing N N 404 
VAL CG2 HG23 sing N N 405 
VAL OXT HXT  sing N N 406 
Y6U N11 C2   sing N N 407 
Y6U N3  C2   sing N N 408 
Y6U N3  C4   sing N N 409 
Y6U C2  N1   doub N N 410 
Y6U O10 C4   doub N N 411 
Y6U C4  C8   sing N N 412 
Y6U N1  C9   sing N N 413 
Y6U C8  C9   doub Y N 414 
Y6U C8  N7   sing Y N 415 
Y6U C9  C5   sing Y N 416 
Y6U N7  C29  sing N N 417 
Y6U N7  C6   sing Y N 418 
Y6U C5  C6   doub Y N 419 
Y6U C29 C30  sing N N 420 
Y6U C30 C31  sing N N 421 
Y6U C31 C32  sing N N 422 
Y6U C15 C32  doub Y N 423 
Y6U C15 C13  sing Y N 424 
Y6U C32 C16  sing Y N 425 
Y6U C13 C12  doub Y N 426 
Y6U C16 C14  doub Y N 427 
Y6U O27 C26  doub N N 428 
Y6U C12 C14  sing Y N 429 
Y6U C12 C17  sing N N 430 
Y6U N19 C17  sing N N 431 
Y6U N19 C20  sing N N 432 
Y6U C26 O28  sing N N 433 
Y6U C26 C20  sing N N 434 
Y6U C17 O18  doub N N 435 
Y6U C20 C21  sing N N 436 
Y6U C21 C22  sing N N 437 
Y6U C22 C23  sing N N 438 
Y6U C23 O24  doub N N 439 
Y6U C23 O25  sing N N 440 
Y6U C5  H1   sing N N 441 
Y6U C6  H2   sing N N 442 
Y6U C14 H3   sing N N 443 
Y6U C13 H4   sing N N 444 
Y6U C15 H5   sing N N 445 
Y6U C16 H6   sing N N 446 
Y6U C20 H7   sing N N 447 
Y6U C21 H8   sing N N 448 
Y6U C21 H9   sing N N 449 
Y6U C22 H10  sing N N 450 
Y6U C22 H11  sing N N 451 
Y6U C29 H12  sing N N 452 
Y6U C29 H13  sing N N 453 
Y6U C30 H14  sing N N 454 
Y6U C30 H15  sing N N 455 
Y6U C31 H16  sing N N 456 
Y6U C31 H17  sing N N 457 
Y6U N11 H18  sing N N 458 
Y6U N11 H19  sing N N 459 
Y6U N19 H20  sing N N 460 
Y6U N3  H21  sing N N 461 
Y6U O25 H22  sing N N 462 
Y6U O28 H23  sing N N 463 
# 
_pdbx_audit_support.funding_organization   'National Institutes of Health/National Cancer Institute (NIH/NCI)' 
_pdbx_audit_support.country                'United States' 
_pdbx_audit_support.grant_number           'R01 CA250469' 
_pdbx_audit_support.ordinal                1 
# 
_pdbx_entity_instance_feature.ordinal        1 
_pdbx_entity_instance_feature.comp_id        Y6U 
_pdbx_entity_instance_feature.asym_id        ? 
_pdbx_entity_instance_feature.seq_num        ? 
_pdbx_entity_instance_feature.auth_comp_id   Y6U 
_pdbx_entity_instance_feature.auth_asym_id   ? 
_pdbx_entity_instance_feature.auth_seq_num   ? 
_pdbx_entity_instance_feature.feature_type   'SUBJECT OF INVESTIGATION' 
_pdbx_entity_instance_feature.details        ? 
# 
loop_
_pdbx_entity_nonpoly.entity_id 
_pdbx_entity_nonpoly.name 
_pdbx_entity_nonpoly.comp_id 
2 'GLYCINAMIDE RIBONUCLEOTIDE'                                                                         GAR 
3 'N-{4-[3-(2-amino-4-oxo-3,4-dihydro-5H-pyrrolo[3,2-d]pyrimidin-5-yl)propyl]benzoyl}-L-glutamic acid' Y6U 
4 water                                                                                                HOH 
# 
_pdbx_initial_refinement_model.id               1 
_pdbx_initial_refinement_model.entity_id_list   ? 
_pdbx_initial_refinement_model.type             'experimental model' 
_pdbx_initial_refinement_model.source_name      PDB 
_pdbx_initial_refinement_model.accession_code   5j9F 
_pdbx_initial_refinement_model.details          ? 
# 
_pdbx_struct_assembly_auth_evidence.id                     1 
_pdbx_struct_assembly_auth_evidence.assembly_id            1 
_pdbx_struct_assembly_auth_evidence.experimental_support   'gel filtration' 
_pdbx_struct_assembly_auth_evidence.details                ? 
# 
